data_6K2U
# 
_entry.id   6K2U 
# 
_audit_conform.dict_name       mmcif_pdbx.dic 
_audit_conform.dict_version    5.397 
_audit_conform.dict_location   http://mmcif.pdb.org/dictionaries/ascii/mmcif_pdbx.dic 
# 
loop_
_database_2.database_id 
_database_2.database_code 
_database_2.pdbx_database_accession 
_database_2.pdbx_DOI 
PDB   6K2U         pdb_00006k2u 10.2210/pdb6k2u/pdb 
WWPDB D_1300012193 ?            ?                   
# 
loop_
_pdbx_audit_revision_history.ordinal 
_pdbx_audit_revision_history.data_content_type 
_pdbx_audit_revision_history.major_revision 
_pdbx_audit_revision_history.minor_revision 
_pdbx_audit_revision_history.revision_date 
1 'Structure model' 1 0 2020-03-18 
2 'Structure model' 1 1 2020-06-10 
3 'Structure model' 2 0 2023-04-05 
4 'Structure model' 2 1 2023-11-29 
5 'Structure model' 2 2 2024-10-23 
# 
_pdbx_audit_revision_details.ordinal             1 
_pdbx_audit_revision_details.revision_ordinal    1 
_pdbx_audit_revision_details.data_content_type   'Structure model' 
_pdbx_audit_revision_details.provider            repository 
_pdbx_audit_revision_details.type                'Initial release' 
_pdbx_audit_revision_details.description         ? 
_pdbx_audit_revision_details.details             ? 
# 
loop_
_pdbx_audit_revision_group.ordinal 
_pdbx_audit_revision_group.revision_ordinal 
_pdbx_audit_revision_group.data_content_type 
_pdbx_audit_revision_group.group 
1  2 'Structure model' 'Database references'        
2  3 'Structure model' Advisory                     
3  3 'Structure model' 'Atomic model'               
4  3 'Structure model' 'Author supporting evidence' 
5  3 'Structure model' 'Data collection'            
6  3 'Structure model' 'Database references'        
7  3 'Structure model' 'Derived calculations'       
8  3 'Structure model' 'Non-polymer description'    
9  3 'Structure model' 'Structure summary'          
10 4 'Structure model' 'Data collection'            
11 4 'Structure model' 'Refinement description'     
12 5 'Structure model' 'Structure summary'          
# 
loop_
_pdbx_audit_revision_category.ordinal 
_pdbx_audit_revision_category.revision_ordinal 
_pdbx_audit_revision_category.data_content_type 
_pdbx_audit_revision_category.category 
1  2 'Structure model' citation                      
2  2 'Structure model' citation_author               
3  3 'Structure model' atom_site                     
4  3 'Structure model' chem_comp                     
5  3 'Structure model' database_2                    
6  3 'Structure model' database_PDB_caveat           
7  3 'Structure model' entity                        
8  3 'Structure model' pdbx_entity_instance_feature  
9  3 'Structure model' pdbx_entity_nonpoly           
10 3 'Structure model' pdbx_nonpoly_scheme           
11 3 'Structure model' pdbx_struct_conn_angle        
12 3 'Structure model' pdbx_validate_chiral          
13 3 'Structure model' struct_conn                   
14 3 'Structure model' struct_conn_type              
15 3 'Structure model' struct_site                   
16 3 'Structure model' struct_site_gen               
17 4 'Structure model' chem_comp_atom                
18 4 'Structure model' chem_comp_bond                
19 4 'Structure model' pdbx_initial_refinement_model 
20 5 'Structure model' pdbx_entry_details            
21 5 'Structure model' pdbx_modification_feature     
# 
loop_
_pdbx_audit_revision_item.ordinal 
_pdbx_audit_revision_item.revision_ordinal 
_pdbx_audit_revision_item.data_content_type 
_pdbx_audit_revision_item.item 
1  2 'Structure model' '_citation.country'                           
2  2 'Structure model' '_citation.journal_abbrev'                    
3  2 'Structure model' '_citation.journal_id_ASTM'                   
4  2 'Structure model' '_citation.journal_id_CSD'                    
5  2 'Structure model' '_citation.journal_id_ISSN'                   
6  2 'Structure model' '_citation.journal_volume'                    
7  2 'Structure model' '_citation.page_first'                        
8  2 'Structure model' '_citation.page_last'                         
9  2 'Structure model' '_citation.pdbx_database_id_DOI'              
10 2 'Structure model' '_citation.pdbx_database_id_PubMed'           
11 2 'Structure model' '_citation.title'                             
12 2 'Structure model' '_citation.year'                              
13 3 'Structure model' '_atom_site.B_iso_or_equiv'                   
14 3 'Structure model' '_atom_site.Cartn_x'                          
15 3 'Structure model' '_atom_site.Cartn_y'                          
16 3 'Structure model' '_atom_site.Cartn_z'                          
17 3 'Structure model' '_atom_site.auth_atom_id'                     
18 3 'Structure model' '_atom_site.auth_comp_id'                     
19 3 'Structure model' '_atom_site.label_atom_id'                    
20 3 'Structure model' '_atom_site.label_comp_id'                    
21 3 'Structure model' '_atom_site.type_symbol'                      
22 3 'Structure model' '_chem_comp.id'                               
23 3 'Structure model' '_chem_comp.name'                             
24 3 'Structure model' '_chem_comp.pdbx_synonyms'                    
25 3 'Structure model' '_database_2.pdbx_DOI'                        
26 3 'Structure model' '_database_2.pdbx_database_accession'         
27 3 'Structure model' '_entity.pdbx_description'                    
28 3 'Structure model' '_pdbx_entity_instance_feature.auth_comp_id'  
29 3 'Structure model' '_pdbx_entity_instance_feature.comp_id'       
30 3 'Structure model' '_pdbx_entity_nonpoly.comp_id'                
31 3 'Structure model' '_pdbx_entity_nonpoly.name'                   
32 3 'Structure model' '_pdbx_nonpoly_scheme.mon_id'                 
33 3 'Structure model' '_pdbx_nonpoly_scheme.pdb_mon_id'             
34 3 'Structure model' '_pdbx_struct_conn_angle.ptnr1_auth_seq_id'   
35 3 'Structure model' '_pdbx_struct_conn_angle.ptnr1_label_atom_id' 
36 3 'Structure model' '_pdbx_struct_conn_angle.ptnr1_label_seq_id'  
37 3 'Structure model' '_pdbx_struct_conn_angle.ptnr3_auth_seq_id'   
38 3 'Structure model' '_pdbx_struct_conn_angle.ptnr3_label_atom_id' 
39 3 'Structure model' '_pdbx_struct_conn_angle.ptnr3_label_seq_id'  
40 3 'Structure model' '_pdbx_struct_conn_angle.value'               
41 3 'Structure model' '_struct_conn.conn_type_id'                   
42 3 'Structure model' '_struct_conn.id'                             
43 3 'Structure model' '_struct_conn.pdbx_dist_value'                
44 3 'Structure model' '_struct_conn.pdbx_leaving_atom_flag'         
45 3 'Structure model' '_struct_conn.ptnr1_auth_comp_id'             
46 3 'Structure model' '_struct_conn.ptnr1_auth_seq_id'              
47 3 'Structure model' '_struct_conn.ptnr1_label_atom_id'            
48 3 'Structure model' '_struct_conn.ptnr1_label_comp_id'            
49 3 'Structure model' '_struct_conn.ptnr1_label_seq_id'             
50 3 'Structure model' '_struct_conn.ptnr2_auth_comp_id'             
51 3 'Structure model' '_struct_conn.ptnr2_auth_seq_id'              
52 3 'Structure model' '_struct_conn.ptnr2_label_asym_id'            
53 3 'Structure model' '_struct_conn.ptnr2_label_atom_id'            
54 3 'Structure model' '_struct_conn.ptnr2_label_comp_id'            
55 3 'Structure model' '_struct_conn.ptnr2_symmetry'                 
56 3 'Structure model' '_struct_conn_type.id'                        
57 3 'Structure model' '_struct_site.details'                        
58 3 'Structure model' '_struct_site.pdbx_auth_comp_id'              
59 3 'Structure model' '_struct_site_gen.auth_comp_id'               
60 3 'Structure model' '_struct_site_gen.label_comp_id'              
# 
_database_PDB_caveat.id     1 
_database_PDB_caveat.text   'APR B 101 HAS WRONG CHIRALITY AT ATOM C1D' 
# 
_pdbx_database_status.status_code                     REL 
_pdbx_database_status.status_code_sf                  REL 
_pdbx_database_status.status_code_mr                  ? 
_pdbx_database_status.entry_id                        6K2U 
_pdbx_database_status.recvd_initial_deposition_date   2019-05-15 
_pdbx_database_status.SG_entry                        N 
_pdbx_database_status.deposit_site                    PDBJ 
_pdbx_database_status.process_site                    PDBJ 
_pdbx_database_status.status_code_cs                  ? 
_pdbx_database_status.methods_development_category    ? 
_pdbx_database_status.pdb_format_compatible           Y 
_pdbx_database_status.status_code_nmr_data            ? 
# 
loop_
_audit_author.name 
_audit_author.pdbx_ordinal 
_audit_author.identifier_ORCID 
'Wang, X.' 1 0000-0002-4654-1983 
'Zhou, Y.' 2 ?                   
'Zhu, Y.'  3 0000-0002-4158-5223 
# 
_citation.abstract                  ? 
_citation.abstract_id_CAS           ? 
_citation.book_id_ISBN              ? 
_citation.book_publisher            ? 
_citation.book_publisher_city       ? 
_citation.book_title                ? 
_citation.coordinate_linkage        ? 
_citation.country                   US 
_citation.database_id_Medline       ? 
_citation.details                   ? 
_citation.id                        primary 
_citation.journal_abbrev            Mol.Cell 
_citation.journal_id_ASTM           MOCEFL 
_citation.journal_id_CSD            2168 
_citation.journal_id_ISSN           1097-2765 
_citation.journal_full              ? 
_citation.journal_issue             ? 
_citation.journal_volume            78 
_citation.language                  ? 
_citation.page_first                641 
_citation.page_last                 652.e9 
_citation.title                     
'Threonine ADP-Ribosylation of Ubiquitin by a Bacterial Effector Family Blocks Host Ubiquitination.' 
_citation.year                      2020 
_citation.database_id_CSD           ? 
_citation.pdbx_database_id_DOI      10.1016/j.molcel.2020.03.016 
_citation.pdbx_database_id_PubMed   32330457 
_citation.unpublished_flag          ? 
# 
loop_
_citation_author.citation_id 
_citation_author.name 
_citation_author.ordinal 
_citation_author.identifier_ORCID 
primary 'Yan, F.'   1  ? 
primary 'Huang, C.' 2  ? 
primary 'Wang, X.'  3  ? 
primary 'Tan, J.'   4  ? 
primary 'Cheng, S.' 5  ? 
primary 'Wan, M.'   6  ? 
primary 'Wang, Z.'  7  ? 
primary 'Wang, S.'  8  ? 
primary 'Luo, S.'   9  ? 
primary 'Li, A.'    10 ? 
primary 'Guo, X.'   11 ? 
primary 'Feng, M.'  12 ? 
primary 'Liu, X.'   13 ? 
primary 'Zhu, Y.'   14 ? 
primary 'Zhou, Y.'  15 ? 
# 
loop_
_entity.id 
_entity.type 
_entity.src_method 
_entity.pdbx_description 
_entity.formula_weight 
_entity.pdbx_number_of_molecules 
_entity.pdbx_ec 
_entity.pdbx_mutation 
_entity.pdbx_fragment 
_entity.details 
1 polymer     man Polyubiquitin-C             8663.908 1  ? ? ? ? 
2 non-polymer syn ADENOSINE-5-DIPHOSPHORIBOSE 559.316  1  ? ? ? ? 
3 non-polymer syn 'ZINC ION'                  65.409   1  ? ? ? ? 
4 non-polymer syn 'MAGNESIUM ION'             24.305   2  ? ? ? ? 
5 water       nat water                       18.015   20 ? ? ? ? 
# 
_entity_poly.entity_id                      1 
_entity_poly.type                           'polypeptide(L)' 
_entity_poly.nstd_linkage                   no 
_entity_poly.nstd_monomer                   no 
_entity_poly.pdbx_seq_one_letter_code       SMQIFVKTLTGKTITLEVEPSDTIENVKAKIQDKEGIPPDQQRLIFAGKQLEDGRTLSDYNIQKESTLHLVLRLRGG 
_entity_poly.pdbx_seq_one_letter_code_can   SMQIFVKTLTGKTITLEVEPSDTIENVKAKIQDKEGIPPDQQRLIFAGKQLEDGRTLSDYNIQKESTLHLVLRLRGG 
_entity_poly.pdbx_strand_id                 B 
_entity_poly.pdbx_target_identifier         ? 
# 
loop_
_pdbx_entity_nonpoly.entity_id 
_pdbx_entity_nonpoly.name 
_pdbx_entity_nonpoly.comp_id 
2 ADENOSINE-5-DIPHOSPHORIBOSE APR 
3 'ZINC ION'                  ZN  
4 'MAGNESIUM ION'             MG  
5 water                       HOH 
# 
loop_
_entity_poly_seq.entity_id 
_entity_poly_seq.num 
_entity_poly_seq.mon_id 
_entity_poly_seq.hetero 
1 1  SER n 
1 2  MET n 
1 3  GLN n 
1 4  ILE n 
1 5  PHE n 
1 6  VAL n 
1 7  LYS n 
1 8  THR n 
1 9  LEU n 
1 10 THR n 
1 11 GLY n 
1 12 LYS n 
1 13 THR n 
1 14 ILE n 
1 15 THR n 
1 16 LEU n 
1 17 GLU n 
1 18 VAL n 
1 19 GLU n 
1 20 PRO n 
1 21 SER n 
1 22 ASP n 
1 23 THR n 
1 24 ILE n 
1 25 GLU n 
1 26 ASN n 
1 27 VAL n 
1 28 LYS n 
1 29 ALA n 
1 30 LYS n 
1 31 ILE n 
1 32 GLN n 
1 33 ASP n 
1 34 LYS n 
1 35 GLU n 
1 36 GLY n 
1 37 ILE n 
1 38 PRO n 
1 39 PRO n 
1 40 ASP n 
1 41 GLN n 
1 42 GLN n 
1 43 ARG n 
1 44 LEU n 
1 45 ILE n 
1 46 PHE n 
1 47 ALA n 
1 48 GLY n 
1 49 LYS n 
1 50 GLN n 
1 51 LEU n 
1 52 GLU n 
1 53 ASP n 
1 54 GLY n 
1 55 ARG n 
1 56 THR n 
1 57 LEU n 
1 58 SER n 
1 59 ASP n 
1 60 TYR n 
1 61 ASN n 
1 62 ILE n 
1 63 GLN n 
1 64 LYS n 
1 65 GLU n 
1 66 SER n 
1 67 THR n 
1 68 LEU n 
1 69 HIS n 
1 70 LEU n 
1 71 VAL n 
1 72 LEU n 
1 73 ARG n 
1 74 LEU n 
1 75 ARG n 
1 76 GLY n 
1 77 GLY n 
# 
_entity_src_gen.entity_id                          1 
_entity_src_gen.pdbx_src_id                        1 
_entity_src_gen.pdbx_alt_source_flag               sample 
_entity_src_gen.pdbx_seq_type                      'Biological sequence' 
_entity_src_gen.pdbx_beg_seq_num                   1 
_entity_src_gen.pdbx_end_seq_num                   77 
_entity_src_gen.gene_src_common_name               Human 
_entity_src_gen.gene_src_genus                     ? 
_entity_src_gen.pdbx_gene_src_gene                 UBC 
_entity_src_gen.gene_src_species                   ? 
_entity_src_gen.gene_src_strain                    ? 
_entity_src_gen.gene_src_tissue                    ? 
_entity_src_gen.gene_src_tissue_fraction           ? 
_entity_src_gen.gene_src_details                   ? 
_entity_src_gen.pdbx_gene_src_fragment             ? 
_entity_src_gen.pdbx_gene_src_scientific_name      'Homo sapiens' 
_entity_src_gen.pdbx_gene_src_ncbi_taxonomy_id     9606 
_entity_src_gen.pdbx_gene_src_variant              ? 
_entity_src_gen.pdbx_gene_src_cell_line            ? 
_entity_src_gen.pdbx_gene_src_atcc                 ? 
_entity_src_gen.pdbx_gene_src_organ                ? 
_entity_src_gen.pdbx_gene_src_organelle            ? 
_entity_src_gen.pdbx_gene_src_cell                 ? 
_entity_src_gen.pdbx_gene_src_cellular_location    ? 
_entity_src_gen.host_org_common_name               ? 
_entity_src_gen.pdbx_host_org_scientific_name      'Escherichia coli BL21(DE3)' 
_entity_src_gen.pdbx_host_org_ncbi_taxonomy_id     469008 
_entity_src_gen.host_org_genus                     ? 
_entity_src_gen.pdbx_host_org_gene                 ? 
_entity_src_gen.pdbx_host_org_organ                ? 
_entity_src_gen.host_org_species                   ? 
_entity_src_gen.pdbx_host_org_tissue               ? 
_entity_src_gen.pdbx_host_org_tissue_fraction      ? 
_entity_src_gen.pdbx_host_org_strain               'BL21(DE3)' 
_entity_src_gen.pdbx_host_org_variant              ? 
_entity_src_gen.pdbx_host_org_cell_line            ? 
_entity_src_gen.pdbx_host_org_atcc                 ? 
_entity_src_gen.pdbx_host_org_culture_collection   ? 
_entity_src_gen.pdbx_host_org_cell                 ? 
_entity_src_gen.pdbx_host_org_organelle            ? 
_entity_src_gen.pdbx_host_org_cellular_location    ? 
_entity_src_gen.pdbx_host_org_vector_type          ? 
_entity_src_gen.pdbx_host_org_vector               ? 
_entity_src_gen.host_org_details                   ? 
_entity_src_gen.expression_system_id               ? 
_entity_src_gen.plasmid_name                       ? 
_entity_src_gen.plasmid_details                    ? 
_entity_src_gen.pdbx_description                   ? 
# 
loop_
_chem_comp.id 
_chem_comp.type 
_chem_comp.mon_nstd_flag 
_chem_comp.name 
_chem_comp.pdbx_synonyms 
_chem_comp.formula 
_chem_comp.formula_weight 
ALA 'L-peptide linking' y ALANINE                     ? 'C3 H7 N O2'        89.093  
APR non-polymer         . ADENOSINE-5-DIPHOSPHORIBOSE ? 'C15 H23 N5 O14 P2' 559.316 
ARG 'L-peptide linking' y ARGININE                    ? 'C6 H15 N4 O2 1'    175.209 
ASN 'L-peptide linking' y ASPARAGINE                  ? 'C4 H8 N2 O3'       132.118 
ASP 'L-peptide linking' y 'ASPARTIC ACID'             ? 'C4 H7 N O4'        133.103 
GLN 'L-peptide linking' y GLUTAMINE                   ? 'C5 H10 N2 O3'      146.144 
GLU 'L-peptide linking' y 'GLUTAMIC ACID'             ? 'C5 H9 N O4'        147.129 
GLY 'peptide linking'   y GLYCINE                     ? 'C2 H5 N O2'        75.067  
HIS 'L-peptide linking' y HISTIDINE                   ? 'C6 H10 N3 O2 1'    156.162 
HOH non-polymer         . WATER                       ? 'H2 O'              18.015  
ILE 'L-peptide linking' y ISOLEUCINE                  ? 'C6 H13 N O2'       131.173 
LEU 'L-peptide linking' y LEUCINE                     ? 'C6 H13 N O2'       131.173 
LYS 'L-peptide linking' y LYSINE                      ? 'C6 H15 N2 O2 1'    147.195 
MET 'L-peptide linking' y METHIONINE                  ? 'C5 H11 N O2 S'     149.211 
MG  non-polymer         . 'MAGNESIUM ION'             ? 'Mg 2'              24.305  
PHE 'L-peptide linking' y PHENYLALANINE               ? 'C9 H11 N O2'       165.189 
PRO 'L-peptide linking' y PROLINE                     ? 'C5 H9 N O2'        115.130 
SER 'L-peptide linking' y SERINE                      ? 'C3 H7 N O3'        105.093 
THR 'L-peptide linking' y THREONINE                   ? 'C4 H9 N O3'        119.119 
TYR 'L-peptide linking' y TYROSINE                    ? 'C9 H11 N O3'       181.189 
VAL 'L-peptide linking' y VALINE                      ? 'C5 H11 N O2'       117.146 
ZN  non-polymer         . 'ZINC ION'                  ? 'Zn 2'              65.409  
# 
loop_
_pdbx_poly_seq_scheme.asym_id 
_pdbx_poly_seq_scheme.entity_id 
_pdbx_poly_seq_scheme.seq_id 
_pdbx_poly_seq_scheme.mon_id 
_pdbx_poly_seq_scheme.ndb_seq_num 
_pdbx_poly_seq_scheme.pdb_seq_num 
_pdbx_poly_seq_scheme.auth_seq_num 
_pdbx_poly_seq_scheme.pdb_mon_id 
_pdbx_poly_seq_scheme.auth_mon_id 
_pdbx_poly_seq_scheme.pdb_strand_id 
_pdbx_poly_seq_scheme.pdb_ins_code 
_pdbx_poly_seq_scheme.hetero 
A 1 1  SER 1  0  0  SER SER B . n 
A 1 2  MET 2  1  1  MET MET B . n 
A 1 3  GLN 3  2  2  GLN GLN B . n 
A 1 4  ILE 4  3  3  ILE ILE B . n 
A 1 5  PHE 5  4  4  PHE PHE B . n 
A 1 6  VAL 6  5  5  VAL VAL B . n 
A 1 7  LYS 7  6  6  LYS LYS B . n 
A 1 8  THR 8  7  7  THR THR B . n 
A 1 9  LEU 9  8  8  LEU LEU B . n 
A 1 10 THR 10 9  9  THR THR B . n 
A 1 11 GLY 11 10 10 GLY GLY B . n 
A 1 12 LYS 12 11 11 LYS LYS B . n 
A 1 13 THR 13 12 12 THR THR B . n 
A 1 14 ILE 14 13 13 ILE ILE B . n 
A 1 15 THR 15 14 14 THR THR B . n 
A 1 16 LEU 16 15 15 LEU LEU B . n 
A 1 17 GLU 17 16 16 GLU GLU B . n 
A 1 18 VAL 18 17 17 VAL VAL B . n 
A 1 19 GLU 19 18 18 GLU GLU B . n 
A 1 20 PRO 20 19 19 PRO PRO B . n 
A 1 21 SER 21 20 20 SER SER B . n 
A 1 22 ASP 22 21 21 ASP ASP B . n 
A 1 23 THR 23 22 22 THR THR B . n 
A 1 24 ILE 24 23 23 ILE ILE B . n 
A 1 25 GLU 25 24 24 GLU GLU B . n 
A 1 26 ASN 26 25 25 ASN ASN B . n 
A 1 27 VAL 27 26 26 VAL VAL B . n 
A 1 28 LYS 28 27 27 LYS LYS B . n 
A 1 29 ALA 29 28 28 ALA ALA B . n 
A 1 30 LYS 30 29 29 LYS LYS B . n 
A 1 31 ILE 31 30 30 ILE ILE B . n 
A 1 32 GLN 32 31 31 GLN GLN B . n 
A 1 33 ASP 33 32 32 ASP ASP B . n 
A 1 34 LYS 34 33 33 LYS LYS B . n 
A 1 35 GLU 35 34 34 GLU GLU B . n 
A 1 36 GLY 36 35 35 GLY GLY B . n 
A 1 37 ILE 37 36 36 ILE ILE B . n 
A 1 38 PRO 38 37 37 PRO PRO B . n 
A 1 39 PRO 39 38 38 PRO PRO B . n 
A 1 40 ASP 40 39 39 ASP ASP B . n 
A 1 41 GLN 41 40 40 GLN GLN B . n 
A 1 42 GLN 42 41 41 GLN GLN B . n 
A 1 43 ARG 43 42 42 ARG ARG B . n 
A 1 44 LEU 44 43 43 LEU LEU B . n 
A 1 45 ILE 45 44 44 ILE ILE B . n 
A 1 46 PHE 46 45 45 PHE PHE B . n 
A 1 47 ALA 47 46 46 ALA ALA B . n 
A 1 48 GLY 48 47 47 GLY GLY B . n 
A 1 49 LYS 49 48 48 LYS LYS B . n 
A 1 50 GLN 50 49 49 GLN GLN B . n 
A 1 51 LEU 51 50 50 LEU LEU B . n 
A 1 52 GLU 52 51 51 GLU GLU B . n 
A 1 53 ASP 53 52 52 ASP ASP B . n 
A 1 54 GLY 54 53 53 GLY GLY B . n 
A 1 55 ARG 55 54 54 ARG ARG B . n 
A 1 56 THR 56 55 55 THR THR B . n 
A 1 57 LEU 57 56 56 LEU LEU B . n 
A 1 58 SER 58 57 57 SER SER B . n 
A 1 59 ASP 59 58 58 ASP ASP B . n 
A 1 60 TYR 60 59 59 TYR TYR B . n 
A 1 61 ASN 61 60 60 ASN ASN B . n 
A 1 62 ILE 62 61 61 ILE ILE B . n 
A 1 63 GLN 63 62 62 GLN GLN B . n 
A 1 64 LYS 64 63 63 LYS LYS B . n 
A 1 65 GLU 65 64 64 GLU GLU B . n 
A 1 66 SER 66 65 65 SER SER B . n 
A 1 67 THR 67 66 66 THR THR B . n 
A 1 68 LEU 68 67 67 LEU LEU B . n 
A 1 69 HIS 69 68 68 HIS HIS B . n 
A 1 70 LEU 70 69 69 LEU LEU B . n 
A 1 71 VAL 71 70 70 VAL VAL B . n 
A 1 72 LEU 72 71 71 LEU LEU B . n 
A 1 73 ARG 73 72 72 ARG ARG B . n 
A 1 74 LEU 74 73 ?  ?   ?   B . n 
A 1 75 ARG 75 74 ?  ?   ?   B . n 
A 1 76 GLY 76 75 ?  ?   ?   B . n 
A 1 77 GLY 77 76 ?  ?   ?   B . n 
# 
_pdbx_entity_instance_feature.ordinal        1 
_pdbx_entity_instance_feature.comp_id        APR 
_pdbx_entity_instance_feature.asym_id        ? 
_pdbx_entity_instance_feature.seq_num        ? 
_pdbx_entity_instance_feature.auth_comp_id   APR 
_pdbx_entity_instance_feature.auth_asym_id   ? 
_pdbx_entity_instance_feature.auth_seq_num   ? 
_pdbx_entity_instance_feature.feature_type   'SUBJECT OF INVESTIGATION' 
_pdbx_entity_instance_feature.details        ? 
# 
loop_
_pdbx_nonpoly_scheme.asym_id 
_pdbx_nonpoly_scheme.entity_id 
_pdbx_nonpoly_scheme.mon_id 
_pdbx_nonpoly_scheme.ndb_seq_num 
_pdbx_nonpoly_scheme.pdb_seq_num 
_pdbx_nonpoly_scheme.auth_seq_num 
_pdbx_nonpoly_scheme.pdb_mon_id 
_pdbx_nonpoly_scheme.auth_mon_id 
_pdbx_nonpoly_scheme.pdb_strand_id 
_pdbx_nonpoly_scheme.pdb_ins_code 
B 2 APR 1  101 81 APR AR6 B . 
C 3 ZN  1  102 1  ZN  ZN  B . 
D 4 MG  1  103 2  MG  MG  B . 
E 4 MG  1  104 3  MG  MG  B . 
F 5 HOH 1  201 1  HOH HOH B . 
F 5 HOH 2  202 14 HOH HOH B . 
F 5 HOH 3  203 7  HOH HOH B . 
F 5 HOH 4  204 3  HOH HOH B . 
F 5 HOH 5  205 4  HOH HOH B . 
F 5 HOH 6  206 12 HOH HOH B . 
F 5 HOH 7  207 13 HOH HOH B . 
F 5 HOH 8  208 2  HOH HOH B . 
F 5 HOH 9  209 20 HOH HOH B . 
F 5 HOH 10 210 9  HOH HOH B . 
F 5 HOH 11 211 11 HOH HOH B . 
F 5 HOH 12 212 17 HOH HOH B . 
F 5 HOH 13 213 19 HOH HOH B . 
F 5 HOH 14 214 10 HOH HOH B . 
F 5 HOH 15 215 5  HOH HOH B . 
F 5 HOH 16 216 16 HOH HOH B . 
F 5 HOH 17 217 15 HOH HOH B . 
F 5 HOH 18 218 8  HOH HOH B . 
F 5 HOH 19 219 18 HOH HOH B . 
F 5 HOH 20 220 6  HOH HOH B . 
# 
loop_
_pdbx_unobs_or_zero_occ_atoms.id 
_pdbx_unobs_or_zero_occ_atoms.PDB_model_num 
_pdbx_unobs_or_zero_occ_atoms.polymer_flag 
_pdbx_unobs_or_zero_occ_atoms.occupancy_flag 
_pdbx_unobs_or_zero_occ_atoms.auth_asym_id 
_pdbx_unobs_or_zero_occ_atoms.auth_comp_id 
_pdbx_unobs_or_zero_occ_atoms.auth_seq_id 
_pdbx_unobs_or_zero_occ_atoms.PDB_ins_code 
_pdbx_unobs_or_zero_occ_atoms.auth_atom_id 
_pdbx_unobs_or_zero_occ_atoms.label_alt_id 
_pdbx_unobs_or_zero_occ_atoms.label_asym_id 
_pdbx_unobs_or_zero_occ_atoms.label_comp_id 
_pdbx_unobs_or_zero_occ_atoms.label_seq_id 
_pdbx_unobs_or_zero_occ_atoms.label_atom_id 
1  1 Y 1 B LYS 48 ? CG  ? A LYS 49 CG  
2  1 Y 1 B LYS 48 ? CD  ? A LYS 49 CD  
3  1 Y 1 B LYS 48 ? CE  ? A LYS 49 CE  
4  1 Y 1 B LYS 48 ? NZ  ? A LYS 49 NZ  
5  1 Y 1 B ARG 54 ? NE  ? A ARG 55 NE  
6  1 Y 1 B ARG 54 ? CZ  ? A ARG 55 CZ  
7  1 Y 1 B ARG 54 ? NH1 ? A ARG 55 NH1 
8  1 Y 1 B ARG 54 ? NH2 ? A ARG 55 NH2 
9  1 Y 1 B LYS 63 ? CG  ? A LYS 64 CG  
10 1 Y 1 B LYS 63 ? CD  ? A LYS 64 CD  
11 1 Y 1 B LYS 63 ? CE  ? A LYS 64 CE  
12 1 Y 1 B LYS 63 ? NZ  ? A LYS 64 NZ  
# 
loop_
_software.citation_id 
_software.classification 
_software.compiler_name 
_software.compiler_version 
_software.contact_author 
_software.contact_author_email 
_software.date 
_software.description 
_software.dependencies 
_software.hardware 
_software.language 
_software.location 
_software.mods 
_software.name 
_software.os 
_software.os_version 
_software.type 
_software.version 
_software.pdbx_ordinal 
? 'data scaling'    ? ? ? ? ? ? ? ? ? ? ? SCALEPACK   ? ? ? 715.5     1 
? refinement        ? ? ? ? ? ? ? ? ? ? ? PHENIX      ? ? ? 1.14_3228 2 
? 'data extraction' ? ? ? ? ? ? ? ? ? ? ? PDB_EXTRACT ? ? ? 3.24      3 
? 'data reduction'  ? ? ? ? ? ? ? ? ? ? ? HKL-2000    ? ? ? 715.5     4 
? phasing           ? ? ? ? ? ? ? ? ? ? ? PHENIX      ? ? ? 1.14_3228 5 
# 
_cell.angle_alpha                  90.000 
_cell.angle_alpha_esd              ? 
_cell.angle_beta                   90.000 
_cell.angle_beta_esd               ? 
_cell.angle_gamma                  90.000 
_cell.angle_gamma_esd              ? 
_cell.entry_id                     6K2U 
_cell.details                      ? 
_cell.formula_units_Z              ? 
_cell.length_a                     101.525 
_cell.length_a_esd                 ? 
_cell.length_b                     101.525 
_cell.length_b_esd                 ? 
_cell.length_c                     101.525 
_cell.length_c_esd                 ? 
_cell.volume                       ? 
_cell.volume_esd                   ? 
_cell.Z_PDB                        24 
_cell.reciprocal_angle_alpha       ? 
_cell.reciprocal_angle_beta        ? 
_cell.reciprocal_angle_gamma       ? 
_cell.reciprocal_angle_alpha_esd   ? 
_cell.reciprocal_angle_beta_esd    ? 
_cell.reciprocal_angle_gamma_esd   ? 
_cell.reciprocal_length_a          ? 
_cell.reciprocal_length_b          ? 
_cell.reciprocal_length_c          ? 
_cell.reciprocal_length_a_esd      ? 
_cell.reciprocal_length_b_esd      ? 
_cell.reciprocal_length_c_esd      ? 
_cell.pdbx_unique_axis             ? 
# 
_symmetry.entry_id                         6K2U 
_symmetry.cell_setting                     ? 
_symmetry.Int_Tables_number                213 
_symmetry.space_group_name_Hall            ? 
_symmetry.space_group_name_H-M             'P 41 3 2' 
_symmetry.pdbx_full_space_group_name_H-M   ? 
# 
_exptl.absorpt_coefficient_mu     ? 
_exptl.absorpt_correction_T_max   ? 
_exptl.absorpt_correction_T_min   ? 
_exptl.absorpt_correction_type    ? 
_exptl.absorpt_process_details    ? 
_exptl.entry_id                   6K2U 
_exptl.crystals_number            1 
_exptl.details                    ? 
_exptl.method                     'X-RAY DIFFRACTION' 
_exptl.method_details             ? 
# 
_exptl_crystal.colour                      ? 
_exptl_crystal.density_diffrn              ? 
_exptl_crystal.density_Matthews            5.03 
_exptl_crystal.density_method              ? 
_exptl_crystal.density_percent_sol         75.56 
_exptl_crystal.description                 ? 
_exptl_crystal.F_000                       ? 
_exptl_crystal.id                          1 
_exptl_crystal.preparation                 ? 
_exptl_crystal.size_max                    ? 
_exptl_crystal.size_mid                    ? 
_exptl_crystal.size_min                    ? 
_exptl_crystal.size_rad                    ? 
_exptl_crystal.colour_lustre               ? 
_exptl_crystal.colour_modifier             ? 
_exptl_crystal.colour_primary              ? 
_exptl_crystal.density_meas                ? 
_exptl_crystal.density_meas_esd            ? 
_exptl_crystal.density_meas_gt             ? 
_exptl_crystal.density_meas_lt             ? 
_exptl_crystal.density_meas_temp           ? 
_exptl_crystal.density_meas_temp_esd       ? 
_exptl_crystal.density_meas_temp_gt        ? 
_exptl_crystal.density_meas_temp_lt        ? 
_exptl_crystal.pdbx_crystal_image_url      ? 
_exptl_crystal.pdbx_crystal_image_format   ? 
_exptl_crystal.pdbx_mosaicity              ? 
_exptl_crystal.pdbx_mosaicity_esd          ? 
# 
_exptl_crystal_grow.apparatus       ? 
_exptl_crystal_grow.atmosphere      ? 
_exptl_crystal_grow.crystal_id      1 
_exptl_crystal_grow.details         ? 
_exptl_crystal_grow.method          'VAPOR DIFFUSION, HANGING DROP' 
_exptl_crystal_grow.method_ref      ? 
_exptl_crystal_grow.pH              5.5 
_exptl_crystal_grow.pressure        ? 
_exptl_crystal_grow.pressure_esd    ? 
_exptl_crystal_grow.seeding         ? 
_exptl_crystal_grow.seeding_ref     ? 
_exptl_crystal_grow.temp            289 
_exptl_crystal_grow.temp_details    ? 
_exptl_crystal_grow.temp_esd        ? 
_exptl_crystal_grow.time            ? 
_exptl_crystal_grow.pdbx_details    
;0.1M MMT (Malic Acid, MES and TRIS (1:2:2 Molar Ratio), pH 5.5 adjusted with HCl), 0.1M magnesium chloride, 0.1M zinc acetate 12% PEG8000
;
_exptl_crystal_grow.pdbx_pH_range   ? 
# 
_diffrn.ambient_environment              ? 
_diffrn.ambient_temp                     100 
_diffrn.ambient_temp_details             ? 
_diffrn.ambient_temp_esd                 ? 
_diffrn.crystal_id                       1 
_diffrn.crystal_support                  ? 
_diffrn.crystal_treatment                ? 
_diffrn.details                          ? 
_diffrn.id                               1 
_diffrn.ambient_pressure                 ? 
_diffrn.ambient_pressure_esd             ? 
_diffrn.ambient_pressure_gt              ? 
_diffrn.ambient_pressure_lt              ? 
_diffrn.ambient_temp_gt                  ? 
_diffrn.ambient_temp_lt                  ? 
_diffrn.pdbx_serial_crystal_experiment   N 
# 
_diffrn_detector.details                      ? 
_diffrn_detector.detector                     PIXEL 
_diffrn_detector.diffrn_id                    1 
_diffrn_detector.type                         'DECTRIS PILATUS 6M' 
_diffrn_detector.area_resol_mean              ? 
_diffrn_detector.dtime                        ? 
_diffrn_detector.pdbx_frames_total            ? 
_diffrn_detector.pdbx_collection_time_total   ? 
_diffrn_detector.pdbx_collection_date         2018-01-26 
_diffrn_detector.pdbx_frequency               ? 
# 
_diffrn_radiation.collimation                      ? 
_diffrn_radiation.diffrn_id                        1 
_diffrn_radiation.filter_edge                      ? 
_diffrn_radiation.inhomogeneity                    ? 
_diffrn_radiation.monochromator                    ? 
_diffrn_radiation.polarisn_norm                    ? 
_diffrn_radiation.polarisn_ratio                   ? 
_diffrn_radiation.probe                            ? 
_diffrn_radiation.type                             ? 
_diffrn_radiation.xray_symbol                      ? 
_diffrn_radiation.wavelength_id                    1 
_diffrn_radiation.pdbx_monochromatic_or_laue_m_l   M 
_diffrn_radiation.pdbx_wavelength_list             ? 
_diffrn_radiation.pdbx_wavelength                  ? 
_diffrn_radiation.pdbx_diffrn_protocol             'SINGLE WAVELENGTH' 
_diffrn_radiation.pdbx_analyzer                    ? 
_diffrn_radiation.pdbx_scattering_type             x-ray 
# 
_diffrn_radiation_wavelength.id           1 
_diffrn_radiation_wavelength.wavelength   0.97853 
_diffrn_radiation_wavelength.wt           1.0 
# 
_diffrn_source.current                     ? 
_diffrn_source.details                     ? 
_diffrn_source.diffrn_id                   1 
_diffrn_source.power                       ? 
_diffrn_source.size                        ? 
_diffrn_source.source                      SYNCHROTRON 
_diffrn_source.target                      ? 
_diffrn_source.type                        'SSRF BEAMLINE BL19U1' 
_diffrn_source.voltage                     ? 
_diffrn_source.take-off_angle              ? 
_diffrn_source.pdbx_wavelength_list        0.97853 
_diffrn_source.pdbx_wavelength             ? 
_diffrn_source.pdbx_synchrotron_beamline   BL19U1 
_diffrn_source.pdbx_synchrotron_site       SSRF 
# 
_reflns.B_iso_Wilson_estimate            ? 
_reflns.entry_id                         6K2U 
_reflns.data_reduction_details           ? 
_reflns.data_reduction_method            ? 
_reflns.d_resolution_high                2.550 
_reflns.d_resolution_low                 50.000 
_reflns.details                          ? 
_reflns.limit_h_max                      ? 
_reflns.limit_h_min                      ? 
_reflns.limit_k_max                      ? 
_reflns.limit_k_min                      ? 
_reflns.limit_l_max                      ? 
_reflns.limit_l_min                      ? 
_reflns.number_all                       ? 
_reflns.number_obs                       6182 
_reflns.observed_criterion               ? 
_reflns.observed_criterion_F_max         ? 
_reflns.observed_criterion_F_min         ? 
_reflns.observed_criterion_I_max         ? 
_reflns.observed_criterion_I_min         ? 
_reflns.observed_criterion_sigma_F       ? 
_reflns.observed_criterion_sigma_I       ? 
_reflns.percent_possible_obs             98.800 
_reflns.R_free_details                   ? 
_reflns.Rmerge_F_all                     ? 
_reflns.Rmerge_F_obs                     ? 
_reflns.Friedel_coverage                 ? 
_reflns.number_gt                        ? 
_reflns.threshold_expression             ? 
_reflns.pdbx_redundancy                  4.900 
_reflns.pdbx_Rmerge_I_obs                0.089 
_reflns.pdbx_Rmerge_I_all                ? 
_reflns.pdbx_Rsym_value                  ? 
_reflns.pdbx_netI_over_av_sigmaI         ? 
_reflns.pdbx_netI_over_sigmaI            6.800 
_reflns.pdbx_res_netI_over_av_sigmaI_2   ? 
_reflns.pdbx_res_netI_over_sigmaI_2      ? 
_reflns.pdbx_chi_squared                 1.175 
_reflns.pdbx_scaling_rejects             ? 
_reflns.pdbx_d_res_high_opt              ? 
_reflns.pdbx_d_res_low_opt               ? 
_reflns.pdbx_d_res_opt_method            ? 
_reflns.phase_calculation_details        ? 
_reflns.pdbx_Rrim_I_all                  0.099 
_reflns.pdbx_Rpim_I_all                  0.043 
_reflns.pdbx_d_opt                       ? 
_reflns.pdbx_number_measured_all         30046 
_reflns.pdbx_diffrn_id                   1 
_reflns.pdbx_ordinal                     1 
_reflns.pdbx_CC_half                     ? 
_reflns.pdbx_R_split                     ? 
# 
loop_
_reflns_shell.d_res_high 
_reflns_shell.d_res_low 
_reflns_shell.meanI_over_sigI_all 
_reflns_shell.meanI_over_sigI_obs 
_reflns_shell.number_measured_all 
_reflns_shell.number_measured_obs 
_reflns_shell.number_possible 
_reflns_shell.number_unique_all 
_reflns_shell.number_unique_obs 
_reflns_shell.percent_possible_all 
_reflns_shell.percent_possible_obs 
_reflns_shell.Rmerge_F_all 
_reflns_shell.Rmerge_F_obs 
_reflns_shell.Rmerge_I_all 
_reflns_shell.Rmerge_I_obs 
_reflns_shell.meanI_over_sigI_gt 
_reflns_shell.meanI_over_uI_all 
_reflns_shell.meanI_over_uI_gt 
_reflns_shell.number_measured_gt 
_reflns_shell.number_unique_gt 
_reflns_shell.percent_possible_gt 
_reflns_shell.Rmerge_F_gt 
_reflns_shell.Rmerge_I_gt 
_reflns_shell.pdbx_redundancy 
_reflns_shell.pdbx_Rsym_value 
_reflns_shell.pdbx_chi_squared 
_reflns_shell.pdbx_netI_over_sigmaI_all 
_reflns_shell.pdbx_netI_over_sigmaI_obs 
_reflns_shell.pdbx_Rrim_I_all 
_reflns_shell.pdbx_Rpim_I_all 
_reflns_shell.pdbx_rejects 
_reflns_shell.pdbx_ordinal 
_reflns_shell.pdbx_diffrn_id 
_reflns_shell.pdbx_CC_half 
_reflns_shell.pdbx_R_split 
2.550 2.590  ? ? ? ? ? ? 298 100.000 ? ? ? ? 0.693 ? ? ? ? ? ? ? ? 5.100 ? 0.519 ? ? 0.775 0.336 ? 1  1 0.801 ? 
2.590 2.640  ? ? ? ? ? ? 297 99.700  ? ? ? ? 0.563 ? ? ? ? ? ? ? ? 5.100 ? 0.540 ? ? 0.629 0.274 ? 2  1 0.830 ? 
2.640 2.690  ? ? ? ? ? ? 302 100.000 ? ? ? ? 0.552 ? ? ? ? ? ? ? ? 5.000 ? 0.537 ? ? 0.618 0.270 ? 3  1 0.772 ? 
2.690 2.750  ? ? ? ? ? ? 296 99.700  ? ? ? ? 0.450 ? ? ? ? ? ? ? ? 4.900 ? 0.558 ? ? 0.503 0.219 ? 4  1 0.881 ? 
2.750 2.810  ? ? ? ? ? ? 309 99.700  ? ? ? ? 0.422 ? ? ? ? ? ? ? ? 4.700 ? 0.570 ? ? 0.476 0.211 ? 5  1 0.893 ? 
2.810 2.870  ? ? ? ? ? ? 292 97.700  ? ? ? ? 0.304 ? ? ? ? ? ? ? ? 4.900 ? 0.597 ? ? 0.342 0.152 ? 6  1 0.922 ? 
2.870 2.940  ? ? ? ? ? ? 301 100.000 ? ? ? ? 0.304 ? ? ? ? ? ? ? ? 5.200 ? 0.658 ? ? 0.340 0.146 ? 7  1 0.938 ? 
2.940 3.020  ? ? ? ? ? ? 306 100.000 ? ? ? ? 0.277 ? ? ? ? ? ? ? ? 5.100 ? 0.754 ? ? 0.310 0.136 ? 8  1 0.961 ? 
3.020 3.110  ? ? ? ? ? ? 305 100.000 ? ? ? ? 0.227 ? ? ? ? ? ? ? ? 5.000 ? 0.876 ? ? 0.255 0.112 ? 9  1 0.970 ? 
3.110 3.210  ? ? ? ? ? ? 305 100.000 ? ? ? ? 0.183 ? ? ? ? ? ? ? ? 5.000 ? 1.133 ? ? 0.205 0.090 ? 10 1 0.973 ? 
3.210 3.330  ? ? ? ? ? ? 310 99.700  ? ? ? ? 0.148 ? ? ? ? ? ? ? ? 4.800 ? 1.230 ? ? 0.166 0.073 ? 11 1 0.970 ? 
3.330 3.460  ? ? ? ? ? ? 296 99.000  ? ? ? ? 0.126 ? ? ? ? ? ? ? ? 4.600 ? 1.333 ? ? 0.142 0.063 ? 12 1 0.980 ? 
3.460 3.620  ? ? ? ? ? ? 313 99.100  ? ? ? ? 0.107 ? ? ? ? ? ? ? ? 4.900 ? 1.536 ? ? 0.120 0.051 ? 13 1 0.985 ? 
3.620 3.810  ? ? ? ? ? ? 310 99.700  ? ? ? ? 0.091 ? ? ? ? ? ? ? ? 5.000 ? 1.449 ? ? 0.101 0.042 ? 14 1 0.991 ? 
3.810 4.050  ? ? ? ? ? ? 314 100.000 ? ? ? ? 0.070 ? ? ? ? ? ? ? ? 4.900 ? 1.462 ? ? 0.078 0.034 ? 15 1 0.995 ? 
4.050 4.360  ? ? ? ? ? ? 318 99.700  ? ? ? ? 0.060 ? ? ? ? ? ? ? ? 4.800 ? 1.659 ? ? 0.067 0.029 ? 16 1 0.995 ? 
4.360 4.800  ? ? ? ? ? ? 308 97.200  ? ? ? ? 0.053 ? ? ? ? ? ? ? ? 4.600 ? 1.609 ? ? 0.060 0.027 ? 17 1 0.995 ? 
4.800 5.490  ? ? ? ? ? ? 328 99.400  ? ? ? ? 0.058 ? ? ? ? ? ? ? ? 4.900 ? 1.624 ? ? 0.065 0.028 ? 18 1 0.995 ? 
5.490 6.920  ? ? ? ? ? ? 323 96.700  ? ? ? ? 0.066 ? ? ? ? ? ? ? ? 4.400 ? 1.918 ? ? 0.074 0.032 ? 19 1 0.995 ? 
6.920 50.000 ? ? ? ? ? ? 351 91.600  ? ? ? ? 0.073 ? ? ? ? ? ? ? ? 4.300 ? 3.069 ? ? 0.082 0.037 ? 20 1 0.994 ? 
# 
_refine.aniso_B[1][1]                            ? 
_refine.aniso_B[1][2]                            ? 
_refine.aniso_B[1][3]                            ? 
_refine.aniso_B[2][2]                            ? 
_refine.aniso_B[2][3]                            ? 
_refine.aniso_B[3][3]                            ? 
_refine.B_iso_max                                111.760 
_refine.B_iso_mean                               57.1748 
_refine.B_iso_min                                37.520 
_refine.correlation_coeff_Fo_to_Fc               ? 
_refine.correlation_coeff_Fo_to_Fc_free          ? 
_refine.details                                  ? 
_refine.diff_density_max                         ? 
_refine.diff_density_max_esd                     ? 
_refine.diff_density_min                         ? 
_refine.diff_density_min_esd                     ? 
_refine.diff_density_rms                         ? 
_refine.diff_density_rms_esd                     ? 
_refine.entry_id                                 6K2U 
_refine.pdbx_refine_id                           'X-RAY DIFFRACTION' 
_refine.ls_abs_structure_details                 ? 
_refine.ls_abs_structure_Flack                   ? 
_refine.ls_abs_structure_Flack_esd               ? 
_refine.ls_abs_structure_Rogers                  ? 
_refine.ls_abs_structure_Rogers_esd              ? 
_refine.ls_d_res_high                            2.5540 
_refine.ls_d_res_low                             45.4030 
_refine.ls_extinction_coef                       ? 
_refine.ls_extinction_coef_esd                   ? 
_refine.ls_extinction_expression                 ? 
_refine.ls_extinction_method                     ? 
_refine.ls_goodness_of_fit_all                   ? 
_refine.ls_goodness_of_fit_all_esd               ? 
_refine.ls_goodness_of_fit_obs                   ? 
_refine.ls_goodness_of_fit_obs_esd               ? 
_refine.ls_hydrogen_treatment                    ? 
_refine.ls_matrix_type                           ? 
_refine.ls_number_constraints                    ? 
_refine.ls_number_parameters                     ? 
_refine.ls_number_reflns_all                     ? 
_refine.ls_number_reflns_obs                     6153 
_refine.ls_number_reflns_R_free                  616 
_refine.ls_number_reflns_R_work                  ? 
_refine.ls_number_restraints                     ? 
_refine.ls_percent_reflns_obs                    98.8100 
_refine.ls_percent_reflns_R_free                 10.0100 
_refine.ls_R_factor_all                          ? 
_refine.ls_R_factor_obs                          0.2369 
_refine.ls_R_factor_R_free                       0.2468 
_refine.ls_R_factor_R_free_error                 ? 
_refine.ls_R_factor_R_free_error_details         ? 
_refine.ls_R_factor_R_work                       0.2358 
_refine.ls_R_Fsqd_factor_obs                     ? 
_refine.ls_R_I_factor_obs                        ? 
_refine.ls_redundancy_reflns_all                 ? 
_refine.ls_redundancy_reflns_obs                 ? 
_refine.ls_restrained_S_all                      ? 
_refine.ls_restrained_S_obs                      ? 
_refine.ls_shift_over_esd_max                    ? 
_refine.ls_shift_over_esd_mean                   ? 
_refine.ls_structure_factor_coef                 ? 
_refine.ls_weighting_details                     ? 
_refine.ls_weighting_scheme                      ? 
_refine.ls_wR_factor_all                         ? 
_refine.ls_wR_factor_obs                         ? 
_refine.ls_wR_factor_R_free                      ? 
_refine.ls_wR_factor_R_work                      ? 
_refine.occupancy_max                            ? 
_refine.occupancy_min                            ? 
_refine.solvent_model_details                    ? 
_refine.solvent_model_param_bsol                 ? 
_refine.solvent_model_param_ksol                 ? 
_refine.ls_R_factor_gt                           ? 
_refine.ls_goodness_of_fit_gt                    ? 
_refine.ls_goodness_of_fit_ref                   ? 
_refine.ls_shift_over_su_max                     ? 
_refine.ls_shift_over_su_max_lt                  ? 
_refine.ls_shift_over_su_mean                    ? 
_refine.ls_shift_over_su_mean_lt                 ? 
_refine.pdbx_ls_sigma_I                          ? 
_refine.pdbx_ls_sigma_F                          1.370 
_refine.pdbx_ls_sigma_Fsqd                       ? 
_refine.pdbx_data_cutoff_high_absF               ? 
_refine.pdbx_data_cutoff_high_rms_absF           ? 
_refine.pdbx_data_cutoff_low_absF                ? 
_refine.pdbx_isotropic_thermal_model             ? 
_refine.pdbx_ls_cross_valid_method               THROUGHOUT 
_refine.pdbx_method_to_determine_struct          'MOLECULAR REPLACEMENT' 
_refine.pdbx_starting_model                      4ZQS 
_refine.pdbx_stereochemistry_target_values       ? 
_refine.pdbx_R_Free_selection_details            ? 
_refine.pdbx_stereochem_target_val_spec_case     ? 
_refine.pdbx_overall_ESU_R                       ? 
_refine.pdbx_overall_ESU_R_Free                  ? 
_refine.pdbx_solvent_vdw_probe_radii             1.1100 
_refine.pdbx_solvent_ion_probe_radii             ? 
_refine.pdbx_solvent_shrinkage_radii             0.9000 
_refine.pdbx_real_space_R                        ? 
_refine.pdbx_density_correlation                 ? 
_refine.pdbx_pd_number_of_powder_patterns        ? 
_refine.pdbx_pd_number_of_points                 ? 
_refine.pdbx_pd_meas_number_of_points            ? 
_refine.pdbx_pd_proc_ls_prof_R_factor            ? 
_refine.pdbx_pd_proc_ls_prof_wR_factor           ? 
_refine.pdbx_pd_Marquardt_correlation_coeff      ? 
_refine.pdbx_pd_Fsqrd_R_factor                   ? 
_refine.pdbx_pd_ls_matrix_band_width             ? 
_refine.pdbx_overall_phase_error                 26.7700 
_refine.pdbx_overall_SU_R_free_Cruickshank_DPI   ? 
_refine.pdbx_overall_SU_R_free_Blow_DPI          ? 
_refine.pdbx_overall_SU_R_Blow_DPI               ? 
_refine.pdbx_TLS_residual_ADP_flag               ? 
_refine.pdbx_diffrn_id                           1 
_refine.overall_SU_B                             ? 
_refine.overall_SU_ML                            0.3100 
_refine.overall_SU_R_Cruickshank_DPI             ? 
_refine.overall_SU_R_free                        ? 
_refine.overall_FOM_free_R_set                   ? 
_refine.overall_FOM_work_R_set                   ? 
_refine.pdbx_average_fsc_overall                 ? 
_refine.pdbx_average_fsc_work                    ? 
_refine.pdbx_average_fsc_free                    ? 
# 
_refine_hist.pdbx_refine_id                   'X-RAY DIFFRACTION' 
_refine_hist.cycle_id                         final 
_refine_hist.details                          ? 
_refine_hist.d_res_high                       2.5540 
_refine_hist.d_res_low                        45.4030 
_refine_hist.number_atoms_solvent             20 
_refine_hist.number_atoms_total               626 
_refine_hist.number_reflns_all                ? 
_refine_hist.number_reflns_obs                ? 
_refine_hist.number_reflns_R_free             ? 
_refine_hist.number_reflns_R_work             ? 
_refine_hist.R_factor_all                     ? 
_refine_hist.R_factor_obs                     ? 
_refine_hist.R_factor_R_free                  ? 
_refine_hist.R_factor_R_work                  ? 
_refine_hist.pdbx_number_residues_total       73 
_refine_hist.pdbx_B_iso_mean_ligand           73.73 
_refine_hist.pdbx_B_iso_mean_solvent          52.96 
_refine_hist.pdbx_number_atoms_protein        568 
_refine_hist.pdbx_number_atoms_nucleic_acid   0 
_refine_hist.pdbx_number_atoms_ligand         38 
_refine_hist.pdbx_number_atoms_lipid          ? 
_refine_hist.pdbx_number_atoms_carb           ? 
_refine_hist.pdbx_pseudo_atom_details         ? 
# 
loop_
_refine_ls_shell.pdbx_refine_id 
_refine_ls_shell.d_res_high 
_refine_ls_shell.d_res_low 
_refine_ls_shell.number_reflns_all 
_refine_ls_shell.number_reflns_obs 
_refine_ls_shell.number_reflns_R_free 
_refine_ls_shell.number_reflns_R_work 
_refine_ls_shell.percent_reflns_obs 
_refine_ls_shell.percent_reflns_R_free 
_refine_ls_shell.R_factor_all 
_refine_ls_shell.R_factor_obs 
_refine_ls_shell.R_factor_R_free 
_refine_ls_shell.R_factor_R_free_error 
_refine_ls_shell.R_factor_R_work 
_refine_ls_shell.redundancy_reflns_all 
_refine_ls_shell.redundancy_reflns_obs 
_refine_ls_shell.wR_factor_all 
_refine_ls_shell.wR_factor_obs 
_refine_ls_shell.wR_factor_R_free 
_refine_ls_shell.wR_factor_R_work 
_refine_ls_shell.pdbx_total_number_of_bins_used 
_refine_ls_shell.pdbx_phase_error 
_refine_ls_shell.pdbx_fsc_work 
_refine_ls_shell.pdbx_fsc_free 
'X-RAY DIFFRACTION' 2.5541 2.8111  1499 . 150 1349 100.0000 . . . 0.3200 0.0000 0.2760 . . . . . . 4 . . . 
'X-RAY DIFFRACTION' 2.8111 3.2178  1505 . 150 1355 99.0000  . . . 0.2963 0.0000 0.2540 . . . . . . 4 . . . 
'X-RAY DIFFRACTION' 3.2178 4.0537  1539 . 154 1385 100.0000 . . . 0.2402 0.0000 0.2223 . . . . . . 4 . . . 
'X-RAY DIFFRACTION' 4.0537 45.4105 1610 . 162 1448 97.0000  . . . 0.2260 0.0000 0.2318 . . . . . . 4 . . . 
# 
_struct.entry_id                     6K2U 
_struct.title                        'Crystal structure of Thr66 ADP-ribosylated ubiquitin' 
_struct.pdbx_model_details           ? 
_struct.pdbx_formula_weight          ? 
_struct.pdbx_formula_weight_method   ? 
_struct.pdbx_model_type_details      ? 
_struct.pdbx_CASP_flag               N 
# 
_struct_keywords.entry_id        6K2U 
_struct_keywords.text            'Ubiquitination, SIGNALING PROTEIN' 
_struct_keywords.pdbx_keywords   'SIGNALING PROTEIN' 
# 
loop_
_struct_asym.id 
_struct_asym.pdbx_blank_PDB_chainid_flag 
_struct_asym.pdbx_modified 
_struct_asym.entity_id 
_struct_asym.details 
A N N 1 ? 
B N N 2 ? 
C N N 3 ? 
D N N 4 ? 
E N N 4 ? 
F N N 5 ? 
# 
_struct_ref.id                         1 
_struct_ref.db_name                    UNP 
_struct_ref.db_code                    UBC_HUMAN 
_struct_ref.pdbx_db_accession          P0CG48 
_struct_ref.pdbx_db_isoform            ? 
_struct_ref.entity_id                  1 
_struct_ref.pdbx_seq_one_letter_code   MQIFVKTLTGKTITLEVEPSDTIENVKAKIQDKEGIPPDQQRLIFAGKQLEDGRTLSDYNIQKESTLHLVLRLRGG 
_struct_ref.pdbx_align_begin           1 
# 
_struct_ref_seq.align_id                      1 
_struct_ref_seq.ref_id                        1 
_struct_ref_seq.pdbx_PDB_id_code              6K2U 
_struct_ref_seq.pdbx_strand_id                B 
_struct_ref_seq.seq_align_beg                 2 
_struct_ref_seq.pdbx_seq_align_beg_ins_code   ? 
_struct_ref_seq.seq_align_end                 77 
_struct_ref_seq.pdbx_seq_align_end_ins_code   ? 
_struct_ref_seq.pdbx_db_accession             P0CG48 
_struct_ref_seq.db_align_beg                  1 
_struct_ref_seq.pdbx_db_align_beg_ins_code    ? 
_struct_ref_seq.db_align_end                  76 
_struct_ref_seq.pdbx_db_align_end_ins_code    ? 
_struct_ref_seq.pdbx_auth_seq_align_beg       1 
_struct_ref_seq.pdbx_auth_seq_align_end       76 
# 
_struct_ref_seq_dif.align_id                     1 
_struct_ref_seq_dif.pdbx_pdb_id_code             6K2U 
_struct_ref_seq_dif.mon_id                       SER 
_struct_ref_seq_dif.pdbx_pdb_strand_id           B 
_struct_ref_seq_dif.seq_num                      1 
_struct_ref_seq_dif.pdbx_pdb_ins_code            ? 
_struct_ref_seq_dif.pdbx_seq_db_name             UNP 
_struct_ref_seq_dif.pdbx_seq_db_accession_code   P0CG48 
_struct_ref_seq_dif.db_mon_id                    ? 
_struct_ref_seq_dif.pdbx_seq_db_seq_num          ? 
_struct_ref_seq_dif.details                      'expression tag' 
_struct_ref_seq_dif.pdbx_auth_seq_num            0 
_struct_ref_seq_dif.pdbx_ordinal                 1 
# 
_pdbx_struct_assembly.id                   1 
_pdbx_struct_assembly.details              author_and_software_defined_assembly 
_pdbx_struct_assembly.method_details       PISA 
_pdbx_struct_assembly.oligomeric_details   monomeric 
_pdbx_struct_assembly.oligomeric_count     1 
# 
loop_
_pdbx_struct_assembly_prop.biol_id 
_pdbx_struct_assembly_prop.type 
_pdbx_struct_assembly_prop.value 
_pdbx_struct_assembly_prop.details 
1 'ABSA (A^2)' 90   ? 
1 MORE         -24  ? 
1 'SSA (A^2)'  4700 ? 
# 
_pdbx_struct_assembly_gen.assembly_id       1 
_pdbx_struct_assembly_gen.oper_expression   1 
_pdbx_struct_assembly_gen.asym_id_list      A,B,C,D,E,F 
# 
_pdbx_struct_assembly_auth_evidence.id                     1 
_pdbx_struct_assembly_auth_evidence.assembly_id            1 
_pdbx_struct_assembly_auth_evidence.experimental_support   none 
_pdbx_struct_assembly_auth_evidence.details                ? 
# 
_pdbx_struct_oper_list.id                   1 
_pdbx_struct_oper_list.type                 'identity operation' 
_pdbx_struct_oper_list.name                 1_555 
_pdbx_struct_oper_list.symmetry_operation   x,y,z 
_pdbx_struct_oper_list.matrix[1][1]         1.0000000000 
_pdbx_struct_oper_list.matrix[1][2]         0.0000000000 
_pdbx_struct_oper_list.matrix[1][3]         0.0000000000 
_pdbx_struct_oper_list.vector[1]            0.0000000000 
_pdbx_struct_oper_list.matrix[2][1]         0.0000000000 
_pdbx_struct_oper_list.matrix[2][2]         1.0000000000 
_pdbx_struct_oper_list.matrix[2][3]         0.0000000000 
_pdbx_struct_oper_list.vector[2]            0.0000000000 
_pdbx_struct_oper_list.matrix[3][1]         0.0000000000 
_pdbx_struct_oper_list.matrix[3][2]         0.0000000000 
_pdbx_struct_oper_list.matrix[3][3]         1.0000000000 
_pdbx_struct_oper_list.vector[3]            0.0000000000 
# 
loop_
_struct_conf.conf_type_id 
_struct_conf.id 
_struct_conf.pdbx_PDB_helix_id 
_struct_conf.beg_label_comp_id 
_struct_conf.beg_label_asym_id 
_struct_conf.beg_label_seq_id 
_struct_conf.pdbx_beg_PDB_ins_code 
_struct_conf.end_label_comp_id 
_struct_conf.end_label_asym_id 
_struct_conf.end_label_seq_id 
_struct_conf.pdbx_end_PDB_ins_code 
_struct_conf.beg_auth_comp_id 
_struct_conf.beg_auth_asym_id 
_struct_conf.beg_auth_seq_id 
_struct_conf.end_auth_comp_id 
_struct_conf.end_auth_asym_id 
_struct_conf.end_auth_seq_id 
_struct_conf.pdbx_PDB_helix_class 
_struct_conf.details 
_struct_conf.pdbx_PDB_helix_length 
HELX_P HELX_P1 AA1 THR A 23 ? GLY A 36 ? THR B 22 GLY B 35 1 ? 14 
HELX_P HELX_P2 AA2 PRO A 38 ? ASP A 40 ? PRO B 37 ASP B 39 5 ? 3  
HELX_P HELX_P3 AA3 LEU A 57 ? ASN A 61 ? LEU B 56 ASN B 60 5 ? 5  
# 
_struct_conf_type.id          HELX_P 
_struct_conf_type.criteria    ? 
_struct_conf_type.reference   ? 
# 
loop_
_struct_conn.id 
_struct_conn.conn_type_id 
_struct_conn.pdbx_leaving_atom_flag 
_struct_conn.pdbx_PDB_id 
_struct_conn.ptnr1_label_asym_id 
_struct_conn.ptnr1_label_comp_id 
_struct_conn.ptnr1_label_seq_id 
_struct_conn.ptnr1_label_atom_id 
_struct_conn.pdbx_ptnr1_label_alt_id 
_struct_conn.pdbx_ptnr1_PDB_ins_code 
_struct_conn.pdbx_ptnr1_standard_comp_id 
_struct_conn.ptnr1_symmetry 
_struct_conn.ptnr2_label_asym_id 
_struct_conn.ptnr2_label_comp_id 
_struct_conn.ptnr2_label_seq_id 
_struct_conn.ptnr2_label_atom_id 
_struct_conn.pdbx_ptnr2_label_alt_id 
_struct_conn.pdbx_ptnr2_PDB_ins_code 
_struct_conn.ptnr1_auth_asym_id 
_struct_conn.ptnr1_auth_comp_id 
_struct_conn.ptnr1_auth_seq_id 
_struct_conn.ptnr2_auth_asym_id 
_struct_conn.ptnr2_auth_comp_id 
_struct_conn.ptnr2_auth_seq_id 
_struct_conn.ptnr2_symmetry 
_struct_conn.pdbx_ptnr3_label_atom_id 
_struct_conn.pdbx_ptnr3_label_seq_id 
_struct_conn.pdbx_ptnr3_label_comp_id 
_struct_conn.pdbx_ptnr3_label_asym_id 
_struct_conn.pdbx_ptnr3_label_alt_id 
_struct_conn.pdbx_ptnr3_PDB_ins_code 
_struct_conn.details 
_struct_conn.pdbx_dist_value 
_struct_conn.pdbx_value_order 
_struct_conn.pdbx_role 
covale1 covale none ? A THR 67 OG1 ? ? ? 1_555 B APR . C1D ? ? B THR 66  B APR 101 1_555  ? ? ? ? ? ? ? 1.374 ? ? 
metalc1 metalc ?    ? A GLU 19 OE1 ? ? ? 1_555 D MG  . MG  ? ? B GLU 18  B MG  103 1_555  ? ? ? ? ? ? ? 2.268 ? ? 
metalc2 metalc ?    ? A GLU 19 OE2 ? ? ? 1_555 D MG  . MG  ? ? B GLU 18  B MG  103 1_555  ? ? ? ? ? ? ? 2.006 ? ? 
metalc3 metalc ?    ? A GLU 25 OE1 ? ? ? 1_555 C ZN  . ZN  ? ? B GLU 24  B ZN  102 1_555  ? ? ? ? ? ? ? 2.008 ? ? 
metalc4 metalc ?    ? A ASP 40 OD1 ? ? ? 1_555 C ZN  . ZN  ? ? B ASP 39  B ZN  102 14_445 ? ? ? ? ? ? ? 2.522 ? ? 
metalc5 metalc ?    ? A ASP 40 OD2 ? ? ? 1_555 C ZN  . ZN  ? ? B ASP 39  B ZN  102 14_445 ? ? ? ? ? ? ? 2.142 ? ? 
metalc6 metalc ?    ? A ASP 53 OD2 ? ? ? 1_555 C ZN  . ZN  ? ? B ASP 52  B ZN  102 1_555  ? ? ? ? ? ? ? 1.953 ? ? 
metalc7 metalc ?    ? B APR .  O2A ? ? ? 1_555 E MG  . MG  ? ? B APR 101 B MG  104 21_455 ? ? ? ? ? ? ? 2.965 ? ? 
# 
loop_
_struct_conn_type.id 
_struct_conn_type.criteria 
_struct_conn_type.reference 
covale ? ? 
metalc ? ? 
# 
loop_
_pdbx_struct_conn_angle.id 
_pdbx_struct_conn_angle.ptnr1_label_atom_id 
_pdbx_struct_conn_angle.ptnr1_label_alt_id 
_pdbx_struct_conn_angle.ptnr1_label_asym_id 
_pdbx_struct_conn_angle.ptnr1_label_comp_id 
_pdbx_struct_conn_angle.ptnr1_label_seq_id 
_pdbx_struct_conn_angle.ptnr1_auth_atom_id 
_pdbx_struct_conn_angle.ptnr1_auth_asym_id 
_pdbx_struct_conn_angle.ptnr1_auth_comp_id 
_pdbx_struct_conn_angle.ptnr1_auth_seq_id 
_pdbx_struct_conn_angle.ptnr1_PDB_ins_code 
_pdbx_struct_conn_angle.ptnr1_symmetry 
_pdbx_struct_conn_angle.ptnr2_label_atom_id 
_pdbx_struct_conn_angle.ptnr2_label_alt_id 
_pdbx_struct_conn_angle.ptnr2_label_asym_id 
_pdbx_struct_conn_angle.ptnr2_label_comp_id 
_pdbx_struct_conn_angle.ptnr2_label_seq_id 
_pdbx_struct_conn_angle.ptnr2_auth_atom_id 
_pdbx_struct_conn_angle.ptnr2_auth_asym_id 
_pdbx_struct_conn_angle.ptnr2_auth_comp_id 
_pdbx_struct_conn_angle.ptnr2_auth_seq_id 
_pdbx_struct_conn_angle.ptnr2_PDB_ins_code 
_pdbx_struct_conn_angle.ptnr2_symmetry 
_pdbx_struct_conn_angle.ptnr3_label_atom_id 
_pdbx_struct_conn_angle.ptnr3_label_alt_id 
_pdbx_struct_conn_angle.ptnr3_label_asym_id 
_pdbx_struct_conn_angle.ptnr3_label_comp_id 
_pdbx_struct_conn_angle.ptnr3_label_seq_id 
_pdbx_struct_conn_angle.ptnr3_auth_atom_id 
_pdbx_struct_conn_angle.ptnr3_auth_asym_id 
_pdbx_struct_conn_angle.ptnr3_auth_comp_id 
_pdbx_struct_conn_angle.ptnr3_auth_seq_id 
_pdbx_struct_conn_angle.ptnr3_PDB_ins_code 
_pdbx_struct_conn_angle.ptnr3_symmetry 
_pdbx_struct_conn_angle.value 
_pdbx_struct_conn_angle.value_esd 
1 OE1 ? A GLU 19 ? B GLU 18 ? 1_555 MG ? D MG . ? B MG 103 ? 1_555 OE2 ? A GLU 19 ? B GLU 18 ? 1_555 61.7  ? 
2 OE1 ? A GLU 25 ? B GLU 24 ? 1_555 ZN ? C ZN . ? B ZN 102 ? 1_555 OD1 ? A ASP 40 ? B ASP 39 ? 1_555 125.7 ? 
3 OE1 ? A GLU 25 ? B GLU 24 ? 1_555 ZN ? C ZN . ? B ZN 102 ? 1_555 OD2 ? A ASP 40 ? B ASP 39 ? 1_555 126.8 ? 
4 OD1 ? A ASP 40 ? B ASP 39 ? 1_555 ZN ? C ZN . ? B ZN 102 ? 1_555 OD2 ? A ASP 40 ? B ASP 39 ? 1_555 10.7  ? 
5 OE1 ? A GLU 25 ? B GLU 24 ? 1_555 ZN ? C ZN . ? B ZN 102 ? 1_555 OD2 ? A ASP 53 ? B ASP 52 ? 1_555 96.1  ? 
6 OD1 ? A ASP 40 ? B ASP 39 ? 1_555 ZN ? C ZN . ? B ZN 102 ? 1_555 OD2 ? A ASP 53 ? B ASP 52 ? 1_555 118.9 ? 
7 OD2 ? A ASP 40 ? B ASP 39 ? 1_555 ZN ? C ZN . ? B ZN 102 ? 1_555 OD2 ? A ASP 53 ? B ASP 52 ? 1_555 126.4 ? 
# 
_pdbx_modification_feature.ordinal                            1 
_pdbx_modification_feature.label_comp_id                      APR 
_pdbx_modification_feature.label_asym_id                      B 
_pdbx_modification_feature.label_seq_id                       . 
_pdbx_modification_feature.label_alt_id                       ? 
_pdbx_modification_feature.modified_residue_label_comp_id     THR 
_pdbx_modification_feature.modified_residue_label_asym_id     A 
_pdbx_modification_feature.modified_residue_label_seq_id      67 
_pdbx_modification_feature.modified_residue_label_alt_id      ? 
_pdbx_modification_feature.auth_comp_id                       APR 
_pdbx_modification_feature.auth_asym_id                       B 
_pdbx_modification_feature.auth_seq_id                        101 
_pdbx_modification_feature.PDB_ins_code                       ? 
_pdbx_modification_feature.symmetry                           1_555 
_pdbx_modification_feature.modified_residue_auth_comp_id      THR 
_pdbx_modification_feature.modified_residue_auth_asym_id      B 
_pdbx_modification_feature.modified_residue_auth_seq_id       66 
_pdbx_modification_feature.modified_residue_PDB_ins_code      ? 
_pdbx_modification_feature.modified_residue_symmetry          1_555 
_pdbx_modification_feature.comp_id_linking_atom               C1D 
_pdbx_modification_feature.modified_residue_id_linking_atom   OG1 
_pdbx_modification_feature.modified_residue_id                THR 
_pdbx_modification_feature.ref_pcm_id                         10 
_pdbx_modification_feature.ref_comp_id                        APR 
_pdbx_modification_feature.type                               ADP-ribosylation 
_pdbx_modification_feature.category                           ADP-ribose 
# 
_struct_sheet.id               AA1 
_struct_sheet.type             ? 
_struct_sheet.number_strands   5 
_struct_sheet.details          ? 
# 
loop_
_struct_sheet_order.sheet_id 
_struct_sheet_order.range_id_1 
_struct_sheet_order.range_id_2 
_struct_sheet_order.offset 
_struct_sheet_order.sense 
AA1 1 2 ? anti-parallel 
AA1 2 3 ? parallel      
AA1 3 4 ? anti-parallel 
AA1 4 5 ? anti-parallel 
# 
loop_
_struct_sheet_range.sheet_id 
_struct_sheet_range.id 
_struct_sheet_range.beg_label_comp_id 
_struct_sheet_range.beg_label_asym_id 
_struct_sheet_range.beg_label_seq_id 
_struct_sheet_range.pdbx_beg_PDB_ins_code 
_struct_sheet_range.end_label_comp_id 
_struct_sheet_range.end_label_asym_id 
_struct_sheet_range.end_label_seq_id 
_struct_sheet_range.pdbx_end_PDB_ins_code 
_struct_sheet_range.beg_auth_comp_id 
_struct_sheet_range.beg_auth_asym_id 
_struct_sheet_range.beg_auth_seq_id 
_struct_sheet_range.end_auth_comp_id 
_struct_sheet_range.end_auth_asym_id 
_struct_sheet_range.end_auth_seq_id 
AA1 1 THR A 13 ? VAL A 18 ? THR B 12 VAL B 17 
AA1 2 MET A 2  ? LYS A 7  ? MET B 1  LYS B 6  
AA1 3 THR A 67 ? LEU A 72 ? THR B 66 LEU B 71 
AA1 4 GLN A 42 ? PHE A 46 ? GLN B 41 PHE B 45 
AA1 5 LYS A 49 ? GLN A 50 ? LYS B 48 GLN B 49 
# 
loop_
_pdbx_struct_sheet_hbond.sheet_id 
_pdbx_struct_sheet_hbond.range_id_1 
_pdbx_struct_sheet_hbond.range_id_2 
_pdbx_struct_sheet_hbond.range_1_label_atom_id 
_pdbx_struct_sheet_hbond.range_1_label_comp_id 
_pdbx_struct_sheet_hbond.range_1_label_asym_id 
_pdbx_struct_sheet_hbond.range_1_label_seq_id 
_pdbx_struct_sheet_hbond.range_1_PDB_ins_code 
_pdbx_struct_sheet_hbond.range_1_auth_atom_id 
_pdbx_struct_sheet_hbond.range_1_auth_comp_id 
_pdbx_struct_sheet_hbond.range_1_auth_asym_id 
_pdbx_struct_sheet_hbond.range_1_auth_seq_id 
_pdbx_struct_sheet_hbond.range_2_label_atom_id 
_pdbx_struct_sheet_hbond.range_2_label_comp_id 
_pdbx_struct_sheet_hbond.range_2_label_asym_id 
_pdbx_struct_sheet_hbond.range_2_label_seq_id 
_pdbx_struct_sheet_hbond.range_2_PDB_ins_code 
_pdbx_struct_sheet_hbond.range_2_auth_atom_id 
_pdbx_struct_sheet_hbond.range_2_auth_comp_id 
_pdbx_struct_sheet_hbond.range_2_auth_asym_id 
_pdbx_struct_sheet_hbond.range_2_auth_seq_id 
AA1 1 2 O ILE A 14 ? O ILE B 13 N VAL A 6  ? N VAL B 5  
AA1 2 3 N PHE A 5  ? N PHE B 4  O LEU A 68 ? O LEU B 67 
AA1 3 4 O VAL A 71 ? O VAL B 70 N ARG A 43 ? N ARG B 42 
AA1 4 5 N PHE A 46 ? N PHE B 45 O LYS A 49 ? O LYS B 48 
# 
loop_
_struct_site.id 
_struct_site.pdbx_evidence_code 
_struct_site.pdbx_auth_asym_id 
_struct_site.pdbx_auth_comp_id 
_struct_site.pdbx_auth_seq_id 
_struct_site.pdbx_auth_ins_code 
_struct_site.pdbx_num_residues 
_struct_site.details 
AC1 Software B APR 101 ? 12 'binding site for residue APR B 101' 
AC2 Software B ZN  102 ? 5  'binding site for residue ZN B 102'  
AC3 Software B MG  103 ? 4  'binding site for residue MG B 103'  
AC4 Software B MG  104 ? 4  'binding site for residue MG B 104'  
# 
loop_
_struct_site_gen.id 
_struct_site_gen.site_id 
_struct_site_gen.pdbx_num_res 
_struct_site_gen.label_comp_id 
_struct_site_gen.label_asym_id 
_struct_site_gen.label_seq_id 
_struct_site_gen.pdbx_auth_ins_code 
_struct_site_gen.auth_comp_id 
_struct_site_gen.auth_asym_id 
_struct_site_gen.auth_seq_id 
_struct_site_gen.label_atom_id 
_struct_site_gen.label_alt_id 
_struct_site_gen.symmetry 
_struct_site_gen.details 
1  AC1 12 PHE A 5  ? PHE B 4   . ? 1_555  ? 
2  AC1 12 LYS A 7  ? LYS B 6   . ? 18_545 ? 
3  AC1 12 LYS A 7  ? LYS B 6   . ? 1_555  ? 
4  AC1 12 GLY A 11 ? GLY B 10  . ? 18_545 ? 
5  AC1 12 ASN A 26 ? ASN B 25  . ? 21_455 ? 
6  AC1 12 ALA A 29 ? ALA B 28  . ? 21_455 ? 
7  AC1 12 LYS A 30 ? LYS B 29  . ? 21_455 ? 
8  AC1 12 GLN A 32 ? GLN B 31  . ? 21_455 ? 
9  AC1 12 ASP A 33 ? ASP B 32  . ? 21_455 ? 
10 AC1 12 GLU A 65 ? GLU B 64  . ? 1_555  ? 
11 AC1 12 THR A 67 ? THR B 66  . ? 1_555  ? 
12 AC1 12 MG  E .  ? MG  B 104 . ? 21_455 ? 
13 AC2 5  GLU A 25 ? GLU B 24  . ? 1_555  ? 
14 AC2 5  ASP A 40 ? ASP B 39  . ? 14_445 ? 
15 AC2 5  ASP A 53 ? ASP B 52  . ? 1_555  ? 
16 AC2 5  HOH F .  ? HOH B 204 . ? 1_555  ? 
17 AC2 5  HOH F .  ? HOH B 211 . ? 1_555  ? 
18 AC3 4  GLU A 19 ? GLU B 18  . ? 1_555  ? 
19 AC3 4  HIS A 69 ? HIS B 68  . ? 23_545 ? 
20 AC3 4  HOH F .  ? HOH B 203 . ? 1_555  ? 
21 AC3 4  HOH F .  ? HOH B 208 . ? 1_555  ? 
22 AC4 4  ASP A 22 ? ASP B 21  . ? 1_555  ? 
23 AC4 4  LYS A 30 ? LYS B 29  . ? 1_555  ? 
24 AC4 4  APR B .  ? APR B 101 . ? 23_545 ? 
25 AC4 4  HOH F .  ? HOH B 220 . ? 1_555  ? 
# 
_pdbx_entry_details.entry_id                   6K2U 
_pdbx_entry_details.compound_details           ? 
_pdbx_entry_details.source_details             ? 
_pdbx_entry_details.nonpolymer_details         ? 
_pdbx_entry_details.sequence_details           ? 
_pdbx_entry_details.has_ligand_of_interest     ? 
_pdbx_entry_details.has_protein_modification   Y 
# 
_pdbx_validate_rmsd_angle.id                         1 
_pdbx_validate_rmsd_angle.PDB_model_num              1 
_pdbx_validate_rmsd_angle.auth_atom_id_1             CB 
_pdbx_validate_rmsd_angle.auth_asym_id_1             B 
_pdbx_validate_rmsd_angle.auth_comp_id_1             ASP 
_pdbx_validate_rmsd_angle.auth_seq_id_1              32 
_pdbx_validate_rmsd_angle.PDB_ins_code_1             ? 
_pdbx_validate_rmsd_angle.label_alt_id_1             ? 
_pdbx_validate_rmsd_angle.auth_atom_id_2             CG 
_pdbx_validate_rmsd_angle.auth_asym_id_2             B 
_pdbx_validate_rmsd_angle.auth_comp_id_2             ASP 
_pdbx_validate_rmsd_angle.auth_seq_id_2              32 
_pdbx_validate_rmsd_angle.PDB_ins_code_2             ? 
_pdbx_validate_rmsd_angle.label_alt_id_2             ? 
_pdbx_validate_rmsd_angle.auth_atom_id_3             OD1 
_pdbx_validate_rmsd_angle.auth_asym_id_3             B 
_pdbx_validate_rmsd_angle.auth_comp_id_3             ASP 
_pdbx_validate_rmsd_angle.auth_seq_id_3              32 
_pdbx_validate_rmsd_angle.PDB_ins_code_3             ? 
_pdbx_validate_rmsd_angle.label_alt_id_3             ? 
_pdbx_validate_rmsd_angle.angle_value                112.81 
_pdbx_validate_rmsd_angle.angle_target_value         118.30 
_pdbx_validate_rmsd_angle.angle_deviation            -5.49 
_pdbx_validate_rmsd_angle.angle_standard_deviation   0.90 
_pdbx_validate_rmsd_angle.linker_flag                N 
# 
_pdbx_validate_torsion.id              1 
_pdbx_validate_torsion.PDB_model_num   1 
_pdbx_validate_torsion.auth_comp_id    ASP 
_pdbx_validate_torsion.auth_asym_id    B 
_pdbx_validate_torsion.auth_seq_id     58 
_pdbx_validate_torsion.PDB_ins_code    ? 
_pdbx_validate_torsion.label_alt_id    ? 
_pdbx_validate_torsion.phi             -52.76 
_pdbx_validate_torsion.psi             -9.91 
# 
_pdbx_validate_chiral.id              1 
_pdbx_validate_chiral.PDB_model_num   1 
_pdbx_validate_chiral.auth_atom_id    C1D 
_pdbx_validate_chiral.label_alt_id    ? 
_pdbx_validate_chiral.auth_asym_id    B 
_pdbx_validate_chiral.auth_comp_id    APR 
_pdbx_validate_chiral.auth_seq_id     101 
_pdbx_validate_chiral.PDB_ins_code    ? 
_pdbx_validate_chiral.details         'WRONG HAND' 
_pdbx_validate_chiral.omega           . 
# 
loop_
_pdbx_unobs_or_zero_occ_residues.id 
_pdbx_unobs_or_zero_occ_residues.PDB_model_num 
_pdbx_unobs_or_zero_occ_residues.polymer_flag 
_pdbx_unobs_or_zero_occ_residues.occupancy_flag 
_pdbx_unobs_or_zero_occ_residues.auth_asym_id 
_pdbx_unobs_or_zero_occ_residues.auth_comp_id 
_pdbx_unobs_or_zero_occ_residues.auth_seq_id 
_pdbx_unobs_or_zero_occ_residues.PDB_ins_code 
_pdbx_unobs_or_zero_occ_residues.label_asym_id 
_pdbx_unobs_or_zero_occ_residues.label_comp_id 
_pdbx_unobs_or_zero_occ_residues.label_seq_id 
1 1 Y 1 B LEU 73 ? A LEU 74 
2 1 Y 1 B ARG 74 ? A ARG 75 
3 1 Y 1 B GLY 75 ? A GLY 76 
4 1 Y 1 B GLY 76 ? A GLY 77 
# 
loop_
_chem_comp_atom.comp_id 
_chem_comp_atom.atom_id 
_chem_comp_atom.type_symbol 
_chem_comp_atom.pdbx_aromatic_flag 
_chem_comp_atom.pdbx_stereo_config 
_chem_comp_atom.pdbx_ordinal 
ALA N      N  N N 1   
ALA CA     C  N S 2   
ALA C      C  N N 3   
ALA O      O  N N 4   
ALA CB     C  N N 5   
ALA OXT    O  N N 6   
ALA H      H  N N 7   
ALA H2     H  N N 8   
ALA HA     H  N N 9   
ALA HB1    H  N N 10  
ALA HB2    H  N N 11  
ALA HB3    H  N N 12  
ALA HXT    H  N N 13  
APR N1     N  Y N 14  
APR C2     C  Y N 15  
APR N3     N  Y N 16  
APR C4     C  Y N 17  
APR C5     C  Y N 18  
APR C6     C  Y N 19  
APR N6     N  N N 20  
APR N7     N  Y N 21  
APR C8     C  Y N 22  
APR N9     N  Y N 23  
APR "C1'"  C  N R 24  
APR "C2'"  C  N R 25  
APR "O2'"  O  N N 26  
APR "C3'"  C  N S 27  
APR "O3'"  O  N N 28  
APR "O4'"  O  N N 29  
APR "C4'"  C  N R 30  
APR "C5'"  C  N N 31  
APR "O5'"  O  N N 32  
APR PA     P  N S 33  
APR O1A    O  N N 34  
APR O2A    O  N N 35  
APR O3A    O  N N 36  
APR PB     P  N R 37  
APR O1B    O  N N 38  
APR O2B    O  N N 39  
APR O5D    O  N N 40  
APR C5D    C  N N 41  
APR O4D    O  N N 42  
APR O1D    O  N N 43  
APR C1D    C  N R 44  
APR O2D    O  N N 45  
APR C2D    C  N R 46  
APR O3D    O  N N 47  
APR C3D    C  N S 48  
APR C4D    C  N R 49  
APR H2     H  N N 50  
APR H61    H  N N 51  
APR H62    H  N N 52  
APR H8     H  N N 53  
APR "H'1"  H  N N 54  
APR "H'2"  H  N N 55  
APR "HO'2" H  N N 56  
APR "H'3"  H  N N 57  
APR "HO'3" H  N N 58  
APR "H'4"  H  N N 59  
APR "H5'1" H  N N 60  
APR "H5'2" H  N N 61  
APR HOA2   H  N N 62  
APR HOB2   H  N N 63  
APR H5R1   H  N N 64  
APR H5R2   H  N N 65  
APR HOR1   H  N N 66  
APR "HR'1" H  N N 67  
APR HOR2   H  N N 68  
APR "HR'2" H  N N 69  
APR HOR3   H  N N 70  
APR "HR'3" H  N N 71  
APR "HR'4" H  N N 72  
ARG N      N  N N 73  
ARG CA     C  N S 74  
ARG C      C  N N 75  
ARG O      O  N N 76  
ARG CB     C  N N 77  
ARG CG     C  N N 78  
ARG CD     C  N N 79  
ARG NE     N  N N 80  
ARG CZ     C  N N 81  
ARG NH1    N  N N 82  
ARG NH2    N  N N 83  
ARG OXT    O  N N 84  
ARG H      H  N N 85  
ARG H2     H  N N 86  
ARG HA     H  N N 87  
ARG HB2    H  N N 88  
ARG HB3    H  N N 89  
ARG HG2    H  N N 90  
ARG HG3    H  N N 91  
ARG HD2    H  N N 92  
ARG HD3    H  N N 93  
ARG HE     H  N N 94  
ARG HH11   H  N N 95  
ARG HH12   H  N N 96  
ARG HH21   H  N N 97  
ARG HH22   H  N N 98  
ARG HXT    H  N N 99  
ASN N      N  N N 100 
ASN CA     C  N S 101 
ASN C      C  N N 102 
ASN O      O  N N 103 
ASN CB     C  N N 104 
ASN CG     C  N N 105 
ASN OD1    O  N N 106 
ASN ND2    N  N N 107 
ASN OXT    O  N N 108 
ASN H      H  N N 109 
ASN H2     H  N N 110 
ASN HA     H  N N 111 
ASN HB2    H  N N 112 
ASN HB3    H  N N 113 
ASN HD21   H  N N 114 
ASN HD22   H  N N 115 
ASN HXT    H  N N 116 
ASP N      N  N N 117 
ASP CA     C  N S 118 
ASP C      C  N N 119 
ASP O      O  N N 120 
ASP CB     C  N N 121 
ASP CG     C  N N 122 
ASP OD1    O  N N 123 
ASP OD2    O  N N 124 
ASP OXT    O  N N 125 
ASP H      H  N N 126 
ASP H2     H  N N 127 
ASP HA     H  N N 128 
ASP HB2    H  N N 129 
ASP HB3    H  N N 130 
ASP HD2    H  N N 131 
ASP HXT    H  N N 132 
GLN N      N  N N 133 
GLN CA     C  N S 134 
GLN C      C  N N 135 
GLN O      O  N N 136 
GLN CB     C  N N 137 
GLN CG     C  N N 138 
GLN CD     C  N N 139 
GLN OE1    O  N N 140 
GLN NE2    N  N N 141 
GLN OXT    O  N N 142 
GLN H      H  N N 143 
GLN H2     H  N N 144 
GLN HA     H  N N 145 
GLN HB2    H  N N 146 
GLN HB3    H  N N 147 
GLN HG2    H  N N 148 
GLN HG3    H  N N 149 
GLN HE21   H  N N 150 
GLN HE22   H  N N 151 
GLN HXT    H  N N 152 
GLU N      N  N N 153 
GLU CA     C  N S 154 
GLU C      C  N N 155 
GLU O      O  N N 156 
GLU CB     C  N N 157 
GLU CG     C  N N 158 
GLU CD     C  N N 159 
GLU OE1    O  N N 160 
GLU OE2    O  N N 161 
GLU OXT    O  N N 162 
GLU H      H  N N 163 
GLU H2     H  N N 164 
GLU HA     H  N N 165 
GLU HB2    H  N N 166 
GLU HB3    H  N N 167 
GLU HG2    H  N N 168 
GLU HG3    H  N N 169 
GLU HE2    H  N N 170 
GLU HXT    H  N N 171 
GLY N      N  N N 172 
GLY CA     C  N N 173 
GLY C      C  N N 174 
GLY O      O  N N 175 
GLY OXT    O  N N 176 
GLY H      H  N N 177 
GLY H2     H  N N 178 
GLY HA2    H  N N 179 
GLY HA3    H  N N 180 
GLY HXT    H  N N 181 
HIS N      N  N N 182 
HIS CA     C  N S 183 
HIS C      C  N N 184 
HIS O      O  N N 185 
HIS CB     C  N N 186 
HIS CG     C  Y N 187 
HIS ND1    N  Y N 188 
HIS CD2    C  Y N 189 
HIS CE1    C  Y N 190 
HIS NE2    N  Y N 191 
HIS OXT    O  N N 192 
HIS H      H  N N 193 
HIS H2     H  N N 194 
HIS HA     H  N N 195 
HIS HB2    H  N N 196 
HIS HB3    H  N N 197 
HIS HD1    H  N N 198 
HIS HD2    H  N N 199 
HIS HE1    H  N N 200 
HIS HE2    H  N N 201 
HIS HXT    H  N N 202 
HOH O      O  N N 203 
HOH H1     H  N N 204 
HOH H2     H  N N 205 
ILE N      N  N N 206 
ILE CA     C  N S 207 
ILE C      C  N N 208 
ILE O      O  N N 209 
ILE CB     C  N S 210 
ILE CG1    C  N N 211 
ILE CG2    C  N N 212 
ILE CD1    C  N N 213 
ILE OXT    O  N N 214 
ILE H      H  N N 215 
ILE H2     H  N N 216 
ILE HA     H  N N 217 
ILE HB     H  N N 218 
ILE HG12   H  N N 219 
ILE HG13   H  N N 220 
ILE HG21   H  N N 221 
ILE HG22   H  N N 222 
ILE HG23   H  N N 223 
ILE HD11   H  N N 224 
ILE HD12   H  N N 225 
ILE HD13   H  N N 226 
ILE HXT    H  N N 227 
LEU N      N  N N 228 
LEU CA     C  N S 229 
LEU C      C  N N 230 
LEU O      O  N N 231 
LEU CB     C  N N 232 
LEU CG     C  N N 233 
LEU CD1    C  N N 234 
LEU CD2    C  N N 235 
LEU OXT    O  N N 236 
LEU H      H  N N 237 
LEU H2     H  N N 238 
LEU HA     H  N N 239 
LEU HB2    H  N N 240 
LEU HB3    H  N N 241 
LEU HG     H  N N 242 
LEU HD11   H  N N 243 
LEU HD12   H  N N 244 
LEU HD13   H  N N 245 
LEU HD21   H  N N 246 
LEU HD22   H  N N 247 
LEU HD23   H  N N 248 
LEU HXT    H  N N 249 
LYS N      N  N N 250 
LYS CA     C  N S 251 
LYS C      C  N N 252 
LYS O      O  N N 253 
LYS CB     C  N N 254 
LYS CG     C  N N 255 
LYS CD     C  N N 256 
LYS CE     C  N N 257 
LYS NZ     N  N N 258 
LYS OXT    O  N N 259 
LYS H      H  N N 260 
LYS H2     H  N N 261 
LYS HA     H  N N 262 
LYS HB2    H  N N 263 
LYS HB3    H  N N 264 
LYS HG2    H  N N 265 
LYS HG3    H  N N 266 
LYS HD2    H  N N 267 
LYS HD3    H  N N 268 
LYS HE2    H  N N 269 
LYS HE3    H  N N 270 
LYS HZ1    H  N N 271 
LYS HZ2    H  N N 272 
LYS HZ3    H  N N 273 
LYS HXT    H  N N 274 
MET N      N  N N 275 
MET CA     C  N S 276 
MET C      C  N N 277 
MET O      O  N N 278 
MET CB     C  N N 279 
MET CG     C  N N 280 
MET SD     S  N N 281 
MET CE     C  N N 282 
MET OXT    O  N N 283 
MET H      H  N N 284 
MET H2     H  N N 285 
MET HA     H  N N 286 
MET HB2    H  N N 287 
MET HB3    H  N N 288 
MET HG2    H  N N 289 
MET HG3    H  N N 290 
MET HE1    H  N N 291 
MET HE2    H  N N 292 
MET HE3    H  N N 293 
MET HXT    H  N N 294 
MG  MG     MG N N 295 
PHE N      N  N N 296 
PHE CA     C  N S 297 
PHE C      C  N N 298 
PHE O      O  N N 299 
PHE CB     C  N N 300 
PHE CG     C  Y N 301 
PHE CD1    C  Y N 302 
PHE CD2    C  Y N 303 
PHE CE1    C  Y N 304 
PHE CE2    C  Y N 305 
PHE CZ     C  Y N 306 
PHE OXT    O  N N 307 
PHE H      H  N N 308 
PHE H2     H  N N 309 
PHE HA     H  N N 310 
PHE HB2    H  N N 311 
PHE HB3    H  N N 312 
PHE HD1    H  N N 313 
PHE HD2    H  N N 314 
PHE HE1    H  N N 315 
PHE HE2    H  N N 316 
PHE HZ     H  N N 317 
PHE HXT    H  N N 318 
PRO N      N  N N 319 
PRO CA     C  N S 320 
PRO C      C  N N 321 
PRO O      O  N N 322 
PRO CB     C  N N 323 
PRO CG     C  N N 324 
PRO CD     C  N N 325 
PRO OXT    O  N N 326 
PRO H      H  N N 327 
PRO HA     H  N N 328 
PRO HB2    H  N N 329 
PRO HB3    H  N N 330 
PRO HG2    H  N N 331 
PRO HG3    H  N N 332 
PRO HD2    H  N N 333 
PRO HD3    H  N N 334 
PRO HXT    H  N N 335 
SER N      N  N N 336 
SER CA     C  N S 337 
SER C      C  N N 338 
SER O      O  N N 339 
SER CB     C  N N 340 
SER OG     O  N N 341 
SER OXT    O  N N 342 
SER H      H  N N 343 
SER H2     H  N N 344 
SER HA     H  N N 345 
SER HB2    H  N N 346 
SER HB3    H  N N 347 
SER HG     H  N N 348 
SER HXT    H  N N 349 
THR N      N  N N 350 
THR CA     C  N S 351 
THR C      C  N N 352 
THR O      O  N N 353 
THR CB     C  N R 354 
THR OG1    O  N N 355 
THR CG2    C  N N 356 
THR OXT    O  N N 357 
THR H      H  N N 358 
THR H2     H  N N 359 
THR HA     H  N N 360 
THR HB     H  N N 361 
THR HG1    H  N N 362 
THR HG21   H  N N 363 
THR HG22   H  N N 364 
THR HG23   H  N N 365 
THR HXT    H  N N 366 
TYR N      N  N N 367 
TYR CA     C  N S 368 
TYR C      C  N N 369 
TYR O      O  N N 370 
TYR CB     C  N N 371 
TYR CG     C  Y N 372 
TYR CD1    C  Y N 373 
TYR CD2    C  Y N 374 
TYR CE1    C  Y N 375 
TYR CE2    C  Y N 376 
TYR CZ     C  Y N 377 
TYR OH     O  N N 378 
TYR OXT    O  N N 379 
TYR H      H  N N 380 
TYR H2     H  N N 381 
TYR HA     H  N N 382 
TYR HB2    H  N N 383 
TYR HB3    H  N N 384 
TYR HD1    H  N N 385 
TYR HD2    H  N N 386 
TYR HE1    H  N N 387 
TYR HE2    H  N N 388 
TYR HH     H  N N 389 
TYR HXT    H  N N 390 
VAL N      N  N N 391 
VAL CA     C  N S 392 
VAL C      C  N N 393 
VAL O      O  N N 394 
VAL CB     C  N N 395 
VAL CG1    C  N N 396 
VAL CG2    C  N N 397 
VAL OXT    O  N N 398 
VAL H      H  N N 399 
VAL H2     H  N N 400 
VAL HA     H  N N 401 
VAL HB     H  N N 402 
VAL HG11   H  N N 403 
VAL HG12   H  N N 404 
VAL HG13   H  N N 405 
VAL HG21   H  N N 406 
VAL HG22   H  N N 407 
VAL HG23   H  N N 408 
VAL HXT    H  N N 409 
ZN  ZN     ZN N N 410 
# 
loop_
_chem_comp_bond.comp_id 
_chem_comp_bond.atom_id_1 
_chem_comp_bond.atom_id_2 
_chem_comp_bond.value_order 
_chem_comp_bond.pdbx_aromatic_flag 
_chem_comp_bond.pdbx_stereo_config 
_chem_comp_bond.pdbx_ordinal 
ALA N     CA     sing N N 1   
ALA N     H      sing N N 2   
ALA N     H2     sing N N 3   
ALA CA    C      sing N N 4   
ALA CA    CB     sing N N 5   
ALA CA    HA     sing N N 6   
ALA C     O      doub N N 7   
ALA C     OXT    sing N N 8   
ALA CB    HB1    sing N N 9   
ALA CB    HB2    sing N N 10  
ALA CB    HB3    sing N N 11  
ALA OXT   HXT    sing N N 12  
APR N1    C2     sing Y N 13  
APR N1    C6     doub Y N 14  
APR C2    N3     doub Y N 15  
APR C2    H2     sing N N 16  
APR N3    C4     sing Y N 17  
APR C4    C5     doub Y N 18  
APR C4    N9     sing Y N 19  
APR C5    C6     sing Y N 20  
APR C5    N7     sing Y N 21  
APR C6    N6     sing N N 22  
APR N6    H61    sing N N 23  
APR N6    H62    sing N N 24  
APR N7    C8     doub Y N 25  
APR C8    N9     sing Y N 26  
APR C8    H8     sing N N 27  
APR N9    "C1'"  sing N N 28  
APR "C1'" "C2'"  sing N N 29  
APR "C1'" "O4'"  sing N N 30  
APR "C1'" "H'1"  sing N N 31  
APR "C2'" "O2'"  sing N N 32  
APR "C2'" "C3'"  sing N N 33  
APR "C2'" "H'2"  sing N N 34  
APR "O2'" "HO'2" sing N N 35  
APR "C3'" "O3'"  sing N N 36  
APR "C3'" "C4'"  sing N N 37  
APR "C3'" "H'3"  sing N N 38  
APR "O3'" "HO'3" sing N N 39  
APR "O4'" "C4'"  sing N N 40  
APR "C4'" "C5'"  sing N N 41  
APR "C4'" "H'4"  sing N N 42  
APR "C5'" "O5'"  sing N N 43  
APR "C5'" "H5'1" sing N N 44  
APR "C5'" "H5'2" sing N N 45  
APR "O5'" PA     sing N N 46  
APR PA    O1A    doub N N 47  
APR PA    O2A    sing N N 48  
APR PA    O3A    sing N N 49  
APR O2A   HOA2   sing N N 50  
APR O3A   PB     sing N N 51  
APR PB    O1B    doub N N 52  
APR PB    O2B    sing N N 53  
APR PB    O5D    sing N N 54  
APR O2B   HOB2   sing N N 55  
APR O5D   C5D    sing N N 56  
APR C5D   C4D    sing N N 57  
APR C5D   H5R1   sing N N 58  
APR C5D   H5R2   sing N N 59  
APR O4D   C1D    sing N N 60  
APR O4D   C4D    sing N N 61  
APR O1D   C1D    sing N N 62  
APR O1D   HOR1   sing N N 63  
APR C1D   C2D    sing N N 64  
APR C1D   "HR'1" sing N N 65  
APR O2D   C2D    sing N N 66  
APR O2D   HOR2   sing N N 67  
APR C2D   C3D    sing N N 68  
APR C2D   "HR'2" sing N N 69  
APR O3D   C3D    sing N N 70  
APR O3D   HOR3   sing N N 71  
APR C3D   C4D    sing N N 72  
APR C3D   "HR'3" sing N N 73  
APR C4D   "HR'4" sing N N 74  
ARG N     CA     sing N N 75  
ARG N     H      sing N N 76  
ARG N     H2     sing N N 77  
ARG CA    C      sing N N 78  
ARG CA    CB     sing N N 79  
ARG CA    HA     sing N N 80  
ARG C     O      doub N N 81  
ARG C     OXT    sing N N 82  
ARG CB    CG     sing N N 83  
ARG CB    HB2    sing N N 84  
ARG CB    HB3    sing N N 85  
ARG CG    CD     sing N N 86  
ARG CG    HG2    sing N N 87  
ARG CG    HG3    sing N N 88  
ARG CD    NE     sing N N 89  
ARG CD    HD2    sing N N 90  
ARG CD    HD3    sing N N 91  
ARG NE    CZ     sing N N 92  
ARG NE    HE     sing N N 93  
ARG CZ    NH1    sing N N 94  
ARG CZ    NH2    doub N N 95  
ARG NH1   HH11   sing N N 96  
ARG NH1   HH12   sing N N 97  
ARG NH2   HH21   sing N N 98  
ARG NH2   HH22   sing N N 99  
ARG OXT   HXT    sing N N 100 
ASN N     CA     sing N N 101 
ASN N     H      sing N N 102 
ASN N     H2     sing N N 103 
ASN CA    C      sing N N 104 
ASN CA    CB     sing N N 105 
ASN CA    HA     sing N N 106 
ASN C     O      doub N N 107 
ASN C     OXT    sing N N 108 
ASN CB    CG     sing N N 109 
ASN CB    HB2    sing N N 110 
ASN CB    HB3    sing N N 111 
ASN CG    OD1    doub N N 112 
ASN CG    ND2    sing N N 113 
ASN ND2   HD21   sing N N 114 
ASN ND2   HD22   sing N N 115 
ASN OXT   HXT    sing N N 116 
ASP N     CA     sing N N 117 
ASP N     H      sing N N 118 
ASP N     H2     sing N N 119 
ASP CA    C      sing N N 120 
ASP CA    CB     sing N N 121 
ASP CA    HA     sing N N 122 
ASP C     O      doub N N 123 
ASP C     OXT    sing N N 124 
ASP CB    CG     sing N N 125 
ASP CB    HB2    sing N N 126 
ASP CB    HB3    sing N N 127 
ASP CG    OD1    doub N N 128 
ASP CG    OD2    sing N N 129 
ASP OD2   HD2    sing N N 130 
ASP OXT   HXT    sing N N 131 
GLN N     CA     sing N N 132 
GLN N     H      sing N N 133 
GLN N     H2     sing N N 134 
GLN CA    C      sing N N 135 
GLN CA    CB     sing N N 136 
GLN CA    HA     sing N N 137 
GLN C     O      doub N N 138 
GLN C     OXT    sing N N 139 
GLN CB    CG     sing N N 140 
GLN CB    HB2    sing N N 141 
GLN CB    HB3    sing N N 142 
GLN CG    CD     sing N N 143 
GLN CG    HG2    sing N N 144 
GLN CG    HG3    sing N N 145 
GLN CD    OE1    doub N N 146 
GLN CD    NE2    sing N N 147 
GLN NE2   HE21   sing N N 148 
GLN NE2   HE22   sing N N 149 
GLN OXT   HXT    sing N N 150 
GLU N     CA     sing N N 151 
GLU N     H      sing N N 152 
GLU N     H2     sing N N 153 
GLU CA    C      sing N N 154 
GLU CA    CB     sing N N 155 
GLU CA    HA     sing N N 156 
GLU C     O      doub N N 157 
GLU C     OXT    sing N N 158 
GLU CB    CG     sing N N 159 
GLU CB    HB2    sing N N 160 
GLU CB    HB3    sing N N 161 
GLU CG    CD     sing N N 162 
GLU CG    HG2    sing N N 163 
GLU CG    HG3    sing N N 164 
GLU CD    OE1    doub N N 165 
GLU CD    OE2    sing N N 166 
GLU OE2   HE2    sing N N 167 
GLU OXT   HXT    sing N N 168 
GLY N     CA     sing N N 169 
GLY N     H      sing N N 170 
GLY N     H2     sing N N 171 
GLY CA    C      sing N N 172 
GLY CA    HA2    sing N N 173 
GLY CA    HA3    sing N N 174 
GLY C     O      doub N N 175 
GLY C     OXT    sing N N 176 
GLY OXT   HXT    sing N N 177 
HIS N     CA     sing N N 178 
HIS N     H      sing N N 179 
HIS N     H2     sing N N 180 
HIS CA    C      sing N N 181 
HIS CA    CB     sing N N 182 
HIS CA    HA     sing N N 183 
HIS C     O      doub N N 184 
HIS C     OXT    sing N N 185 
HIS CB    CG     sing N N 186 
HIS CB    HB2    sing N N 187 
HIS CB    HB3    sing N N 188 
HIS CG    ND1    sing Y N 189 
HIS CG    CD2    doub Y N 190 
HIS ND1   CE1    doub Y N 191 
HIS ND1   HD1    sing N N 192 
HIS CD2   NE2    sing Y N 193 
HIS CD2   HD2    sing N N 194 
HIS CE1   NE2    sing Y N 195 
HIS CE1   HE1    sing N N 196 
HIS NE2   HE2    sing N N 197 
HIS OXT   HXT    sing N N 198 
HOH O     H1     sing N N 199 
HOH O     H2     sing N N 200 
ILE N     CA     sing N N 201 
ILE N     H      sing N N 202 
ILE N     H2     sing N N 203 
ILE CA    C      sing N N 204 
ILE CA    CB     sing N N 205 
ILE CA    HA     sing N N 206 
ILE C     O      doub N N 207 
ILE C     OXT    sing N N 208 
ILE CB    CG1    sing N N 209 
ILE CB    CG2    sing N N 210 
ILE CB    HB     sing N N 211 
ILE CG1   CD1    sing N N 212 
ILE CG1   HG12   sing N N 213 
ILE CG1   HG13   sing N N 214 
ILE CG2   HG21   sing N N 215 
ILE CG2   HG22   sing N N 216 
ILE CG2   HG23   sing N N 217 
ILE CD1   HD11   sing N N 218 
ILE CD1   HD12   sing N N 219 
ILE CD1   HD13   sing N N 220 
ILE OXT   HXT    sing N N 221 
LEU N     CA     sing N N 222 
LEU N     H      sing N N 223 
LEU N     H2     sing N N 224 
LEU CA    C      sing N N 225 
LEU CA    CB     sing N N 226 
LEU CA    HA     sing N N 227 
LEU C     O      doub N N 228 
LEU C     OXT    sing N N 229 
LEU CB    CG     sing N N 230 
LEU CB    HB2    sing N N 231 
LEU CB    HB3    sing N N 232 
LEU CG    CD1    sing N N 233 
LEU CG    CD2    sing N N 234 
LEU CG    HG     sing N N 235 
LEU CD1   HD11   sing N N 236 
LEU CD1   HD12   sing N N 237 
LEU CD1   HD13   sing N N 238 
LEU CD2   HD21   sing N N 239 
LEU CD2   HD22   sing N N 240 
LEU CD2   HD23   sing N N 241 
LEU OXT   HXT    sing N N 242 
LYS N     CA     sing N N 243 
LYS N     H      sing N N 244 
LYS N     H2     sing N N 245 
LYS CA    C      sing N N 246 
LYS CA    CB     sing N N 247 
LYS CA    HA     sing N N 248 
LYS C     O      doub N N 249 
LYS C     OXT    sing N N 250 
LYS CB    CG     sing N N 251 
LYS CB    HB2    sing N N 252 
LYS CB    HB3    sing N N 253 
LYS CG    CD     sing N N 254 
LYS CG    HG2    sing N N 255 
LYS CG    HG3    sing N N 256 
LYS CD    CE     sing N N 257 
LYS CD    HD2    sing N N 258 
LYS CD    HD3    sing N N 259 
LYS CE    NZ     sing N N 260 
LYS CE    HE2    sing N N 261 
LYS CE    HE3    sing N N 262 
LYS NZ    HZ1    sing N N 263 
LYS NZ    HZ2    sing N N 264 
LYS NZ    HZ3    sing N N 265 
LYS OXT   HXT    sing N N 266 
MET N     CA     sing N N 267 
MET N     H      sing N N 268 
MET N     H2     sing N N 269 
MET CA    C      sing N N 270 
MET CA    CB     sing N N 271 
MET CA    HA     sing N N 272 
MET C     O      doub N N 273 
MET C     OXT    sing N N 274 
MET CB    CG     sing N N 275 
MET CB    HB2    sing N N 276 
MET CB    HB3    sing N N 277 
MET CG    SD     sing N N 278 
MET CG    HG2    sing N N 279 
MET CG    HG3    sing N N 280 
MET SD    CE     sing N N 281 
MET CE    HE1    sing N N 282 
MET CE    HE2    sing N N 283 
MET CE    HE3    sing N N 284 
MET OXT   HXT    sing N N 285 
PHE N     CA     sing N N 286 
PHE N     H      sing N N 287 
PHE N     H2     sing N N 288 
PHE CA    C      sing N N 289 
PHE CA    CB     sing N N 290 
PHE CA    HA     sing N N 291 
PHE C     O      doub N N 292 
PHE C     OXT    sing N N 293 
PHE CB    CG     sing N N 294 
PHE CB    HB2    sing N N 295 
PHE CB    HB3    sing N N 296 
PHE CG    CD1    doub Y N 297 
PHE CG    CD2    sing Y N 298 
PHE CD1   CE1    sing Y N 299 
PHE CD1   HD1    sing N N 300 
PHE CD2   CE2    doub Y N 301 
PHE CD2   HD2    sing N N 302 
PHE CE1   CZ     doub Y N 303 
PHE CE1   HE1    sing N N 304 
PHE CE2   CZ     sing Y N 305 
PHE CE2   HE2    sing N N 306 
PHE CZ    HZ     sing N N 307 
PHE OXT   HXT    sing N N 308 
PRO N     CA     sing N N 309 
PRO N     CD     sing N N 310 
PRO N     H      sing N N 311 
PRO CA    C      sing N N 312 
PRO CA    CB     sing N N 313 
PRO CA    HA     sing N N 314 
PRO C     O      doub N N 315 
PRO C     OXT    sing N N 316 
PRO CB    CG     sing N N 317 
PRO CB    HB2    sing N N 318 
PRO CB    HB3    sing N N 319 
PRO CG    CD     sing N N 320 
PRO CG    HG2    sing N N 321 
PRO CG    HG3    sing N N 322 
PRO CD    HD2    sing N N 323 
PRO CD    HD3    sing N N 324 
PRO OXT   HXT    sing N N 325 
SER N     CA     sing N N 326 
SER N     H      sing N N 327 
SER N     H2     sing N N 328 
SER CA    C      sing N N 329 
SER CA    CB     sing N N 330 
SER CA    HA     sing N N 331 
SER C     O      doub N N 332 
SER C     OXT    sing N N 333 
SER CB    OG     sing N N 334 
SER CB    HB2    sing N N 335 
SER CB    HB3    sing N N 336 
SER OG    HG     sing N N 337 
SER OXT   HXT    sing N N 338 
THR N     CA     sing N N 339 
THR N     H      sing N N 340 
THR N     H2     sing N N 341 
THR CA    C      sing N N 342 
THR CA    CB     sing N N 343 
THR CA    HA     sing N N 344 
THR C     O      doub N N 345 
THR C     OXT    sing N N 346 
THR CB    OG1    sing N N 347 
THR CB    CG2    sing N N 348 
THR CB    HB     sing N N 349 
THR OG1   HG1    sing N N 350 
THR CG2   HG21   sing N N 351 
THR CG2   HG22   sing N N 352 
THR CG2   HG23   sing N N 353 
THR OXT   HXT    sing N N 354 
TYR N     CA     sing N N 355 
TYR N     H      sing N N 356 
TYR N     H2     sing N N 357 
TYR CA    C      sing N N 358 
TYR CA    CB     sing N N 359 
TYR CA    HA     sing N N 360 
TYR C     O      doub N N 361 
TYR C     OXT    sing N N 362 
TYR CB    CG     sing N N 363 
TYR CB    HB2    sing N N 364 
TYR CB    HB3    sing N N 365 
TYR CG    CD1    doub Y N 366 
TYR CG    CD2    sing Y N 367 
TYR CD1   CE1    sing Y N 368 
TYR CD1   HD1    sing N N 369 
TYR CD2   CE2    doub Y N 370 
TYR CD2   HD2    sing N N 371 
TYR CE1   CZ     doub Y N 372 
TYR CE1   HE1    sing N N 373 
TYR CE2   CZ     sing Y N 374 
TYR CE2   HE2    sing N N 375 
TYR CZ    OH     sing N N 376 
TYR OH    HH     sing N N 377 
TYR OXT   HXT    sing N N 378 
VAL N     CA     sing N N 379 
VAL N     H      sing N N 380 
VAL N     H2     sing N N 381 
VAL CA    C      sing N N 382 
VAL CA    CB     sing N N 383 
VAL CA    HA     sing N N 384 
VAL C     O      doub N N 385 
VAL C     OXT    sing N N 386 
VAL CB    CG1    sing N N 387 
VAL CB    CG2    sing N N 388 
VAL CB    HB     sing N N 389 
VAL CG1   HG11   sing N N 390 
VAL CG1   HG12   sing N N 391 
VAL CG1   HG13   sing N N 392 
VAL CG2   HG21   sing N N 393 
VAL CG2   HG22   sing N N 394 
VAL CG2   HG23   sing N N 395 
VAL OXT   HXT    sing N N 396 
# 
loop_
_pdbx_audit_support.funding_organization 
_pdbx_audit_support.country 
_pdbx_audit_support.grant_number 
_pdbx_audit_support.ordinal 
'National Natural Science Foundation of China' China 81530068       1 
'National Natural Science Foundation of China' China 81322024       2 
'National Natural Science Foundation of China' China 31370722       3 
'National Natural Science Foundation of China' China 81561130162    4 
'National Natural Science Foundation of China' China 81501717       5 
'Ministry of Science and Technology (China)'   China 2017YFA0503900 6 
# 
_pdbx_initial_refinement_model.id               1 
_pdbx_initial_refinement_model.entity_id_list   ? 
_pdbx_initial_refinement_model.type             'experimental model' 
_pdbx_initial_refinement_model.source_name      PDB 
_pdbx_initial_refinement_model.accession_code   4ZQS 
_pdbx_initial_refinement_model.details          ? 
# 
_atom_sites.entry_id                    6K2U 
_atom_sites.fract_transf_matrix[1][1]   0.00541483 
_atom_sites.fract_transf_matrix[1][2]   0.00711178 
_atom_sites.fract_transf_matrix[1][3]   -0.00413819 
_atom_sites.fract_transf_matrix[2][1]   0.00363050 
_atom_sites.fract_transf_matrix[2][2]   -0.00651063 
_atom_sites.fract_transf_matrix[2][3]   -0.00643845 
_atom_sites.fract_transf_matrix[3][1]   -0.00738387 
_atom_sites.fract_transf_matrix[3][2]   0.00201416 
_atom_sites.fract_transf_matrix[3][3]   -0.00620034 
_atom_sites.fract_transf_vector[1]      -0.040338 
_atom_sites.fract_transf_vector[2]      -0.054692 
_atom_sites.fract_transf_vector[3]      0.313332 
# 
loop_
_atom_type.symbol 
C  
MG 
N  
O  
P  
S  
ZN 
# 
loop_
_atom_site.group_PDB 
_atom_site.id 
_atom_site.type_symbol 
_atom_site.label_atom_id 
_atom_site.label_alt_id 
_atom_site.label_comp_id 
_atom_site.label_asym_id 
_atom_site.label_entity_id 
_atom_site.label_seq_id 
_atom_site.pdbx_PDB_ins_code 
_atom_site.Cartn_x 
_atom_site.Cartn_y 
_atom_site.Cartn_z 
_atom_site.occupancy 
_atom_site.B_iso_or_equiv 
_atom_site.pdbx_formal_charge 
_atom_site.auth_seq_id 
_atom_site.auth_comp_id 
_atom_site.auth_asym_id 
_atom_site.auth_atom_id 
_atom_site.pdbx_PDB_model_num 
ATOM   1   N  N     . SER A 1 1  ? 7.286   12.040  8.505   1.00 79.94  ? 0   SER B N     1 
ATOM   2   C  CA    . SER A 1 1  ? 6.682   12.371  7.212   1.00 79.88  ? 0   SER B CA    1 
ATOM   3   C  C     . SER A 1 1  ? 7.069   11.390  6.096   1.00 73.39  ? 0   SER B C     1 
ATOM   4   O  O     . SER A 1 1  ? 7.516   11.821  5.020   1.00 75.19  ? 0   SER B O     1 
ATOM   5   C  CB    . SER A 1 1  ? 7.076   13.791  6.788   1.00 79.82  ? 0   SER B CB    1 
ATOM   6   O  OG    . SER A 1 1  ? 6.875   13.964  5.389   1.00 82.68  ? 0   SER B OG    1 
ATOM   7   N  N     . MET A 1 2  ? 6.803   10.097  6.318   1.00 65.95  ? 1   MET B N     1 
ATOM   8   C  CA    . MET A 1 2  ? 7.393   9.023   5.517   1.00 61.74  ? 1   MET B CA    1 
ATOM   9   C  C     . MET A 1 2  ? 6.612   8.752   4.229   1.00 60.16  ? 1   MET B C     1 
ATOM   10  O  O     . MET A 1 2  ? 5.386   8.623   4.242   1.00 58.69  ? 1   MET B O     1 
ATOM   11  C  CB    . MET A 1 2  ? 7.478   7.753   6.359   1.00 54.00  ? 1   MET B CB    1 
ATOM   12  C  CG    . MET A 1 2  ? 7.469   6.455   5.599   1.00 55.81  ? 1   MET B CG    1 
ATOM   13  S  SD    . MET A 1 2  ? 7.792   5.118   6.772   1.00 62.63  ? 1   MET B SD    1 
ATOM   14  C  CE    . MET A 1 2  ? 6.494   3.933   6.458   1.00 56.33  ? 1   MET B CE    1 
ATOM   15  N  N     . GLN A 1 3  ? 7.336   8.638   3.122   1.00 59.15  ? 2   GLN B N     1 
ATOM   16  C  CA    . GLN A 1 3  ? 6.764   8.329   1.818   1.00 57.03  ? 2   GLN B CA    1 
ATOM   17  C  C     . GLN A 1 3  ? 6.926   6.850   1.499   1.00 56.18  ? 2   GLN B C     1 
ATOM   18  O  O     . GLN A 1 3  ? 7.950   6.249   1.823   1.00 56.37  ? 2   GLN B O     1 
ATOM   19  C  CB    . GLN A 1 3  ? 7.454   9.134   0.723   1.00 55.80  ? 2   GLN B CB    1 
ATOM   20  C  CG    . GLN A 1 3  ? 6.875   10.497  0.478   1.00 64.18  ? 2   GLN B CG    1 
ATOM   21  C  CD    . GLN A 1 3  ? 7.420   11.098  -0.803  1.00 71.02  ? 2   GLN B CD    1 
ATOM   22  O  OE1   . GLN A 1 3  ? 8.459   10.658  -1.314  1.00 69.16  ? 2   GLN B OE1   1 
ATOM   23  N  NE2   . GLN A 1 3  ? 6.713   12.090  -1.345  1.00 70.81  ? 2   GLN B NE2   1 
ATOM   24  N  N     . ILE A 1 4  ? 5.921   6.265   0.847   1.00 45.97  ? 3   ILE B N     1 
ATOM   25  C  CA    . ILE A 1 4  ? 6.079   4.964   0.218   1.00 51.64  ? 3   ILE B CA    1 
ATOM   26  C  C     . ILE A 1 4  ? 5.529   5.050   -1.204  1.00 51.74  ? 3   ILE B C     1 
ATOM   27  O  O     . ILE A 1 4  ? 4.924   6.046   -1.600  1.00 49.82  ? 3   ILE B O     1 
ATOM   28  C  CB    . ILE A 1 4  ? 5.408   3.825   1.013   1.00 52.37  ? 3   ILE B CB    1 
ATOM   29  C  CG1   . ILE A 1 4  ? 3.905   4.039   1.108   1.00 47.54  ? 3   ILE B CG1   1 
ATOM   30  C  CG2   . ILE A 1 4  ? 6.028   3.710   2.410   1.00 55.01  ? 3   ILE B CG2   1 
ATOM   31  C  CD1   . ILE A 1 4  ? 3.190   2.860   1.625   1.00 46.25  ? 3   ILE B CD1   1 
ATOM   32  N  N     . PHE A 1 5  ? 5.766   3.991   -1.978  1.00 49.72  ? 4   PHE B N     1 
ATOM   33  C  CA    . PHE A 1 5  ? 5.383   3.946   -3.382  1.00 48.53  ? 4   PHE B CA    1 
ATOM   34  C  C     . PHE A 1 5  ? 4.615   2.675   -3.692  1.00 47.17  ? 4   PHE B C     1 
ATOM   35  O  O     . PHE A 1 5  ? 4.961   1.596   -3.208  1.00 53.27  ? 4   PHE B O     1 
ATOM   36  C  CB    . PHE A 1 5  ? 6.612   4.036   -4.275  1.00 55.56  ? 4   PHE B CB    1 
ATOM   37  C  CG    . PHE A 1 5  ? 7.389   5.274   -4.056  1.00 54.32  ? 4   PHE B CG    1 
ATOM   38  C  CD1   . PHE A 1 5  ? 6.895   6.490   -4.490  1.00 56.66  ? 4   PHE B CD1   1 
ATOM   39  C  CD2   . PHE A 1 5  ? 8.584   5.238   -3.373  1.00 59.81  ? 4   PHE B CD2   1 
ATOM   40  C  CE1   . PHE A 1 5  ? 7.595   7.658   -4.268  1.00 58.86  ? 4   PHE B CE1   1 
ATOM   41  C  CE2   . PHE A 1 5  ? 9.286   6.394   -3.140  1.00 62.10  ? 4   PHE B CE2   1 
ATOM   42  C  CZ    . PHE A 1 5  ? 8.792   7.611   -3.586  1.00 59.65  ? 4   PHE B CZ    1 
ATOM   43  N  N     . VAL A 1 6  ? 3.571   2.805   -4.501  1.00 48.99  ? 5   VAL B N     1 
ATOM   44  C  CA    . VAL A 1 6  ? 2.771   1.678   -4.957  1.00 51.50  ? 5   VAL B CA    1 
ATOM   45  C  C     . VAL A 1 6  ? 2.832   1.646   -6.480  1.00 50.79  ? 5   VAL B C     1 
ATOM   46  O  O     . VAL A 1 6  ? 2.536   2.651   -7.129  1.00 49.04  ? 5   VAL B O     1 
ATOM   47  C  CB    . VAL A 1 6  ? 1.315   1.776   -4.464  1.00 51.36  ? 5   VAL B CB    1 
ATOM   48  C  CG1   . VAL A 1 6  ? 0.561   0.505   -4.792  1.00 46.53  ? 5   VAL B CG1   1 
ATOM   49  C  CG2   . VAL A 1 6  ? 1.272   2.044   -2.964  1.00 48.22  ? 5   VAL B CG2   1 
ATOM   50  N  N     . LYS A 1 7  ? 3.219   0.495   -7.041  1.00 52.23  ? 6   LYS B N     1 
ATOM   51  C  CA    . LYS A 1 7  ? 3.313   0.293   -8.482  1.00 49.99  ? 6   LYS B CA    1 
ATOM   52  C  C     . LYS A 1 7  ? 2.161   -0.593  -8.950  1.00 48.00  ? 6   LYS B C     1 
ATOM   53  O  O     . LYS A 1 7  ? 1.969   -1.693  -8.424  1.00 51.11  ? 6   LYS B O     1 
ATOM   54  C  CB    . LYS A 1 7  ? 4.665   -0.322  -8.862  1.00 51.17  ? 6   LYS B CB    1 
ATOM   55  C  CG    . LYS A 1 7  ? 5.119   0.032   -10.295 1.00 60.78  ? 6   LYS B CG    1 
ATOM   56  C  CD    . LYS A 1 7  ? 6.566   -0.394  -10.608 1.00 69.65  ? 6   LYS B CD    1 
ATOM   57  C  CE    . LYS A 1 7  ? 7.562   0.712   -10.284 1.00 73.79  ? 6   LYS B CE    1 
ATOM   58  N  NZ    . LYS A 1 7  ? 7.322   1.954   -11.081 1.00 65.20  ? 6   LYS B NZ    1 
ATOM   59  N  N     . THR A 1 8  ? 1.390   -0.112  -9.930  1.00 51.21  ? 7   THR B N     1 
ATOM   60  C  CA    . THR A 1 8  ? 0.361   -0.929  -10.562 1.00 48.16  ? 7   THR B CA    1 
ATOM   61  C  C     . THR A 1 8  ? 0.995   -1.818  -11.625 1.00 48.09  ? 7   THR B C     1 
ATOM   62  O  O     . THR A 1 8  ? 2.161   -1.659  -11.989 1.00 47.48  ? 7   THR B O     1 
ATOM   63  C  CB    . THR A 1 8  ? -0.730  -0.060  -11.182 1.00 48.59  ? 7   THR B CB    1 
ATOM   64  O  OG1   . THR A 1 8  ? -0.285  0.435   -12.456 1.00 51.95  ? 7   THR B OG1   1 
ATOM   65  C  CG2   . THR A 1 8  ? -1.049  1.105   -10.277 1.00 45.16  ? 7   THR B CG2   1 
ATOM   66  N  N     . LEU A 1 9  ? 0.219   -2.782  -12.119 1.00 52.31  ? 8   LEU B N     1 
ATOM   67  C  CA    . LEU A 1 9  ? 0.780   -3.773  -13.036 1.00 50.45  ? 8   LEU B CA    1 
ATOM   68  C  C     . LEU A 1 9  ? 1.322   -3.126  -14.304 1.00 56.55  ? 8   LEU B C     1 
ATOM   69  O  O     . LEU A 1 9  ? 2.337   -3.575  -14.857 1.00 60.09  ? 8   LEU B O     1 
ATOM   70  C  CB    . LEU A 1 9  ? -0.267  -4.816  -13.396 1.00 54.04  ? 8   LEU B CB    1 
ATOM   71  C  CG    . LEU A 1 9  ? -0.524  -5.981  -12.441 1.00 57.92  ? 8   LEU B CG    1 
ATOM   72  C  CD1   . LEU A 1 9  ? -1.492  -6.924  -13.135 1.00 54.40  ? 8   LEU B CD1   1 
ATOM   73  C  CD2   . LEU A 1 9  ? 0.774   -6.695  -12.081 1.00 49.79  ? 8   LEU B CD2   1 
ATOM   74  N  N     . THR A 1 10 ? 0.663   -2.077  -14.789 1.00 51.28  ? 9   THR B N     1 
ATOM   75  C  CA    . THR A 1 10 ? 1.126   -1.404  -15.989 1.00 47.04  ? 9   THR B CA    1 
ATOM   76  C  C     . THR A 1 10 ? 2.140   -0.311  -15.689 1.00 49.92  ? 9   THR B C     1 
ATOM   77  O  O     . THR A 1 10 ? 2.433   0.516   -16.560 1.00 48.60  ? 9   THR B O     1 
ATOM   78  C  CB    . THR A 1 10 ? -0.060  -0.850  -16.766 1.00 52.61  ? 9   THR B CB    1 
ATOM   79  O  OG1   . THR A 1 10 ? -0.911  -0.130  -15.869 1.00 51.40  ? 9   THR B OG1   1 
ATOM   80  C  CG2   . THR A 1 10 ? -0.845  -1.996  -17.431 1.00 44.02  ? 9   THR B CG2   1 
ATOM   81  N  N     . GLY A 1 11 ? 2.691   -0.299  -14.479 1.00 51.08  ? 10  GLY B N     1 
ATOM   82  C  CA    . GLY A 1 11 ? 3.835   0.518   -14.160 1.00 46.80  ? 10  GLY B CA    1 
ATOM   83  C  C     . GLY A 1 11 ? 3.553   1.899   -13.621 1.00 48.84  ? 10  GLY B C     1 
ATOM   84  O  O     . GLY A 1 11 ? 4.497   2.684   -13.470 1.00 49.97  ? 10  GLY B O     1 
ATOM   85  N  N     . LYS A 1 12 ? 2.300   2.236   -13.338 1.00 49.58  ? 11  LYS B N     1 
ATOM   86  C  CA    . LYS A 1 12 ? 2.015   3.503   -12.681 1.00 47.35  ? 11  LYS B CA    1 
ATOM   87  C  C     . LYS A 1 12 ? 2.601   3.495   -11.279 1.00 50.24  ? 11  LYS B C     1 
ATOM   88  O  O     . LYS A 1 12 ? 2.688   2.451   -10.629 1.00 51.18  ? 11  LYS B O     1 
ATOM   89  C  CB    . LYS A 1 12 ? 0.509   3.737   -12.618 1.00 50.39  ? 11  LYS B CB    1 
ATOM   90  C  CG    . LYS A 1 12 ? 0.096   5.109   -12.122 1.00 50.98  ? 11  LYS B CG    1 
ATOM   91  C  CD    . LYS A 1 12 ? -1.403  5.140   -11.830 1.00 56.87  ? 11  LYS B CD    1 
ATOM   92  C  CE    . LYS A 1 12 ? -2.189  5.930   -12.878 1.00 62.23  ? 11  LYS B CE    1 
ATOM   93  N  NZ    . LYS A 1 12 ? -2.772  7.225   -12.338 1.00 63.46  ? 11  LYS B NZ    1 
ATOM   94  N  N     . THR A 1 13 ? 3.001   4.672   -10.807 1.00 49.52  ? 12  THR B N     1 
ATOM   95  C  CA    . THR A 1 13 ? 3.659   4.806   -9.511  1.00 48.95  ? 12  THR B CA    1 
ATOM   96  C  C     . THR A 1 13 ? 2.905   5.829   -8.665  1.00 50.30  ? 12  THR B C     1 
ATOM   97  O  O     . THR A 1 13 ? 2.913   7.022   -8.967  1.00 52.03  ? 12  THR B O     1 
ATOM   98  C  CB    . THR A 1 13 ? 5.124   5.205   -9.688  1.00 52.47  ? 12  THR B CB    1 
ATOM   99  O  OG1   . THR A 1 13 ? 5.818   4.153   -10.386 1.00 57.64  ? 12  THR B OG1   1 
ATOM   100 C  CG2   . THR A 1 13 ? 5.789   5.461   -8.348  1.00 52.02  ? 12  THR B CG2   1 
ATOM   101 N  N     . ILE A 1 14 ? 2.256   5.360   -7.606  1.00 54.11  ? 13  ILE B N     1 
ATOM   102 C  CA    . ILE A 1 14 ? 1.504   6.202   -6.684  1.00 53.88  ? 13  ILE B CA    1 
ATOM   103 C  C     . ILE A 1 14 ? 2.388   6.502   -5.484  1.00 50.67  ? 13  ILE B C     1 
ATOM   104 O  O     . ILE A 1 14 ? 2.991   5.588   -4.914  1.00 54.99  ? 13  ILE B O     1 
ATOM   105 C  CB    . ILE A 1 14 ? 0.209   5.506   -6.237  1.00 52.41  ? 13  ILE B CB    1 
ATOM   106 C  CG1   . ILE A 1 14 ? -0.625  5.100   -7.458  1.00 53.74  ? 13  ILE B CG1   1 
ATOM   107 C  CG2   . ILE A 1 14 ? -0.565  6.389   -5.298  1.00 48.76  ? 13  ILE B CG2   1 
ATOM   108 C  CD1   . ILE A 1 14 ? -1.219  3.697   -7.352  1.00 52.51  ? 13  ILE B CD1   1 
ATOM   109 N  N     . THR A 1 15 ? 2.474   7.768   -5.102  1.00 47.64  ? 14  THR B N     1 
ATOM   110 C  CA    . THR A 1 15 ? 3.212   8.173   -3.913  1.00 52.17  ? 14  THR B CA    1 
ATOM   111 C  C     . THR A 1 15 ? 2.240   8.382   -2.757  1.00 51.61  ? 14  THR B C     1 
ATOM   112 O  O     . THR A 1 15 ? 1.287   9.158   -2.883  1.00 50.26  ? 14  THR B O     1 
ATOM   113 C  CB    . THR A 1 15 ? 4.008   9.454   -4.168  1.00 51.46  ? 14  THR B CB    1 
ATOM   114 O  OG1   . THR A 1 15 ? 4.680   9.348   -5.423  1.00 56.59  ? 14  THR B OG1   1 
ATOM   115 C  CG2   . THR A 1 15 ? 5.045   9.636   -3.103  1.00 57.49  ? 14  THR B CG2   1 
ATOM   116 N  N     . LEU A 1 16 ? 2.474   7.688   -1.641  1.00 45.32  ? 15  LEU B N     1 
ATOM   117 C  CA    . LEU A 1 16 ? 1.638   7.834   -0.458  1.00 48.99  ? 15  LEU B CA    1 
ATOM   118 C  C     . LEU A 1 16 ? 2.428   8.422   0.711   1.00 53.00  ? 15  LEU B C     1 
ATOM   119 O  O     . LEU A 1 16 ? 3.631   8.177   0.864   1.00 51.55  ? 15  LEU B O     1 
ATOM   120 C  CB    . LEU A 1 16 ? 1.017   6.496   -0.026  1.00 49.60  ? 15  LEU B CB    1 
ATOM   121 C  CG    . LEU A 1 16 ? 0.237   5.715   -1.086  1.00 52.39  ? 15  LEU B CG    1 
ATOM   122 C  CD1   . LEU A 1 16 ? -0.258  4.386   -0.522  1.00 46.73  ? 15  LEU B CD1   1 
ATOM   123 C  CD2   . LEU A 1 16 ? -0.915  6.540   -1.644  1.00 47.94  ? 15  LEU B CD2   1 
ATOM   124 N  N     . GLU A 1 17 ? 1.726   9.202   1.539   1.00 52.97  ? 16  GLU B N     1 
ATOM   125 C  CA    . GLU A 1 17 ? 2.265   9.755   2.782   1.00 53.64  ? 16  GLU B CA    1 
ATOM   126 C  C     . GLU A 1 17 ? 1.702   8.930   3.937   1.00 51.20  ? 16  GLU B C     1 
ATOM   127 O  O     . GLU A 1 17 ? 0.495   8.948   4.186   1.00 56.60  ? 16  GLU B O     1 
ATOM   128 C  CB    . GLU A 1 17 ? 1.893   11.230  2.918   1.00 54.21  ? 16  GLU B CB    1 
ATOM   129 C  CG    . GLU A 1 17 ? 2.602   11.992  4.028   1.00 61.95  ? 16  GLU B CG    1 
ATOM   130 C  CD    . GLU A 1 17 ? 4.107   12.168  3.775   1.00 76.27  ? 16  GLU B CD    1 
ATOM   131 O  OE1   . GLU A 1 17 ? 4.888   12.009  4.734   1.00 74.71  ? 16  GLU B OE1   1 
ATOM   132 O  OE2   . GLU A 1 17 ? 4.514   12.451  2.618   1.00 73.87  ? 16  GLU B OE2   1 
ATOM   133 N  N     . VAL A 1 18 ? 2.572   8.193   4.623   1.00 52.24  ? 17  VAL B N     1 
ATOM   134 C  CA    . VAL A 1 18 ? 2.185   7.239   5.652   1.00 49.67  ? 17  VAL B CA    1 
ATOM   135 C  C     . VAL A 1 18 ? 3.094   7.388   6.872   1.00 53.99  ? 17  VAL B C     1 
ATOM   136 O  O     . VAL A 1 18 ? 4.200   7.932   6.796   1.00 54.23  ? 17  VAL B O     1 
ATOM   137 C  CB    . VAL A 1 18 ? 2.250   5.794   5.119   1.00 50.06  ? 17  VAL B CB    1 
ATOM   138 C  CG1   . VAL A 1 18 ? 1.338   5.628   3.922   1.00 47.86  ? 17  VAL B CG1   1 
ATOM   139 C  CG2   . VAL A 1 18 ? 3.686   5.440   4.743   1.00 50.05  ? 17  VAL B CG2   1 
ATOM   140 N  N     . GLU A 1 19 ? 2.595   6.878   8.038   1.00 55.25  ? 18  GLU B N     1 
ATOM   141 C  CA    . GLU A 1 19 ? 3.299   6.596   9.284   1.00 54.38  ? 18  GLU B CA    1 
ATOM   142 C  C     . GLU A 1 19 ? 3.502   5.089   9.409   1.00 56.81  ? 18  GLU B C     1 
ATOM   143 O  O     . GLU A 1 19 ? 2.700   4.307   8.889   1.00 55.34  ? 18  GLU B O     1 
ATOM   144 C  CB    . GLU A 1 19 ? 2.517   7.089   10.512  1.00 55.14  ? 18  GLU B CB    1 
ATOM   145 C  CG    . GLU A 1 19 ? 2.255   8.593   10.626  1.00 54.61  ? 18  GLU B CG    1 
ATOM   146 C  CD    . GLU A 1 19 ? 1.251   8.920   11.752  1.00 66.13  ? 18  GLU B CD    1 
ATOM   147 O  OE1   . GLU A 1 19 ? 0.137   8.341   11.740  1.00 66.25  ? 18  GLU B OE1   1 
ATOM   148 O  OE2   . GLU A 1 19 ? 1.577   9.738   12.652  1.00 61.48  ? 18  GLU B OE2   1 
ATOM   149 N  N     . PRO A 1 20 ? 4.559   4.618   10.075  1.00 59.47  ? 19  PRO B N     1 
ATOM   150 C  CA    . PRO A 1 20 ? 4.743   3.162   10.206  1.00 56.33  ? 19  PRO B CA    1 
ATOM   151 C  C     . PRO A 1 20 ? 3.637   2.496   11.007  1.00 59.07  ? 19  PRO B C     1 
ATOM   152 O  O     . PRO A 1 20 ? 3.476   1.268   10.935  1.00 57.65  ? 19  PRO B O     1 
ATOM   153 C  CB    . PRO A 1 20 ? 6.098   3.039   10.915  1.00 58.95  ? 19  PRO B CB    1 
ATOM   154 C  CG    . PRO A 1 20 ? 6.772   4.346   10.697  1.00 54.40  ? 19  PRO B CG    1 
ATOM   155 C  CD    . PRO A 1 20 ? 5.677   5.367   10.672  1.00 56.11  ? 19  PRO B CD    1 
ATOM   156 N  N     . SER A 1 21 ? 2.864   3.276   11.762  1.00 58.70  ? 20  SER B N     1 
ATOM   157 C  CA    . SER A 1 21 ? 1.728   2.765   12.513  1.00 57.01  ? 20  SER B CA    1 
ATOM   158 C  C     . SER A 1 21 ? 0.475   2.579   11.661  1.00 63.10  ? 20  SER B C     1 
ATOM   159 O  O     . SER A 1 21 ? -0.471  1.934   12.131  1.00 59.12  ? 20  SER B O     1 
ATOM   160 C  CB    . SER A 1 21 ? 1.402   3.709   13.669  1.00 52.00  ? 20  SER B CB    1 
ATOM   161 O  OG    . SER A 1 21 ? 1.357   5.060   13.230  1.00 62.50  ? 20  SER B OG    1 
ATOM   162 N  N     . ASP A 1 22 ? 0.435   3.129   10.441  1.00 58.45  ? 21  ASP B N     1 
ATOM   163 C  CA    . ASP A 1 22 ? -0.763  3.017   9.621   1.00 49.34  ? 21  ASP B CA    1 
ATOM   164 C  C     . ASP A 1 22 ? -1.031  1.551   9.301   1.00 51.45  ? 21  ASP B C     1 
ATOM   165 O  O     . ASP A 1 22 ? -0.102  0.772   9.062   1.00 53.37  ? 21  ASP B O     1 
ATOM   166 C  CB    . ASP A 1 22 ? -0.605  3.838   8.330   1.00 53.89  ? 21  ASP B CB    1 
ATOM   167 C  CG    . ASP A 1 22 ? -0.748  5.362   8.548   1.00 59.49  ? 21  ASP B CG    1 
ATOM   168 O  OD1   . ASP A 1 22 ? -1.167  5.799   9.648   1.00 63.75  ? 21  ASP B OD1   1 
ATOM   169 O  OD2   . ASP A 1 22 ? -0.439  6.137   7.605   1.00 58.58  ? 21  ASP B OD2   1 
ATOM   170 N  N     . THR A 1 23 ? -2.304  1.158   9.338   1.00 49.41  ? 22  THR B N     1 
ATOM   171 C  CA    . THR A 1 23 ? -2.668  -0.191  8.927   1.00 48.87  ? 22  THR B CA    1 
ATOM   172 C  C     . THR A 1 23 ? -2.736  -0.286  7.404   1.00 47.63  ? 22  THR B C     1 
ATOM   173 O  O     . THR A 1 23 ? -2.790  0.718   6.689   1.00 48.17  ? 22  THR B O     1 
ATOM   174 C  CB    . THR A 1 23 ? -4.016  -0.632  9.522   1.00 50.71  ? 22  THR B CB    1 
ATOM   175 O  OG1   . THR A 1 23 ? -5.089  0.139   8.959   1.00 50.89  ? 22  THR B OG1   1 
ATOM   176 C  CG2   . THR A 1 23 ? -4.016  -0.506  11.042  1.00 47.66  ? 22  THR B CG2   1 
ATOM   177 N  N     . ILE A 1 24 ? -2.727  -1.522  6.911   1.00 45.44  ? 23  ILE B N     1 
ATOM   178 C  CA    . ILE A 1 24 ? -2.850  -1.755  5.475   1.00 44.96  ? 23  ILE B CA    1 
ATOM   179 C  C     . ILE A 1 24 ? -4.181  -1.229  4.961   1.00 45.97  ? 23  ILE B C     1 
ATOM   180 O  O     . ILE A 1 24 ? -4.248  -0.623  3.882   1.00 45.12  ? 23  ILE B O     1 
ATOM   181 C  CB    . ILE A 1 24 ? -2.676  -3.252  5.167   1.00 45.83  ? 23  ILE B CB    1 
ATOM   182 C  CG1   . ILE A 1 24 ? -1.307  -3.726  5.654   1.00 49.27  ? 23  ILE B CG1   1 
ATOM   183 C  CG2   . ILE A 1 24 ? -2.862  -3.510  3.704   1.00 46.43  ? 23  ILE B CG2   1 
ATOM   184 C  CD1   . ILE A 1 24 ? -0.144  -2.905  5.128   1.00 49.51  ? 23  ILE B CD1   1 
ATOM   185 N  N     . GLU A 1 25 ? -5.262  -1.453  5.727   1.00 49.07  ? 24  GLU B N     1 
ATOM   186 C  CA    . GLU A 1 25 ? -6.571  -0.894  5.389   1.00 47.57  ? 24  GLU B CA    1 
ATOM   187 C  C     . GLU A 1 25 ? -6.489  0.617   5.192   1.00 45.27  ? 24  GLU B C     1 
ATOM   188 O  O     . GLU A 1 25 ? -7.093  1.163   4.266   1.00 42.58  ? 24  GLU B O     1 
ATOM   189 C  CB    . GLU A 1 25 ? -7.586  -1.246  6.485   1.00 44.23  ? 24  GLU B CB    1 
ATOM   190 C  CG    . GLU A 1 25 ? -9.040  -1.043  6.095   1.00 39.46  ? 24  GLU B CG    1 
ATOM   191 C  CD    . GLU A 1 25 ? -9.578  -2.171  5.197   1.00 52.25  ? 24  GLU B CD    1 
ATOM   192 O  OE1   . GLU A 1 25 ? -9.433  -3.366  5.565   1.00 48.97  ? 24  GLU B OE1   1 
ATOM   193 O  OE2   . GLU A 1 25 ? -10.152 -1.865  4.117   1.00 49.15  ? 24  GLU B OE2   1 
ATOM   194 N  N     . ASN A 1 26 ? -5.746  1.301   6.062   1.00 42.54  ? 25  ASN B N     1 
ATOM   195 C  CA    . ASN A 1 26 ? -5.486  2.727   5.894   1.00 47.42  ? 25  ASN B CA    1 
ATOM   196 C  C     . ASN A 1 26 ? -4.828  3.016   4.560   1.00 47.26  ? 25  ASN B C     1 
ATOM   197 O  O     . ASN A 1 26 ? -5.203  3.960   3.855   1.00 45.47  ? 25  ASN B O     1 
ATOM   198 C  CB    . ASN A 1 26 ? -4.557  3.215   7.003   1.00 52.22  ? 25  ASN B CB    1 
ATOM   199 C  CG    . ASN A 1 26 ? -5.268  3.969   8.049   1.00 63.80  ? 25  ASN B CG    1 
ATOM   200 O  OD1   . ASN A 1 26 ? -5.399  5.187   7.953   1.00 78.41  ? 25  ASN B OD1   1 
ATOM   201 N  ND2   . ASN A 1 26 ? -5.755  3.262   9.070   1.00 66.24  ? 25  ASN B ND2   1 
ATOM   202 N  N     . VAL A 1 27 ? -3.787  2.244   4.234   1.00 45.84  ? 26  VAL B N     1 
ATOM   203 C  CA    . VAL A 1 27 ? -3.053  2.453   2.998   1.00 42.39  ? 26  VAL B CA    1 
ATOM   204 C  C     . VAL A 1 27 ? -3.986  2.301   1.807   1.00 43.67  ? 26  VAL B C     1 
ATOM   205 O  O     . VAL A 1 27 ? -3.979  3.127   0.887   1.00 44.03  ? 26  VAL B O     1 
ATOM   206 C  CB    . VAL A 1 27 ? -1.860  1.484   2.944   1.00 46.62  ? 26  VAL B CB    1 
ATOM   207 C  CG1   . VAL A 1 27 ? -1.103  1.622   1.634   1.00 41.05  ? 26  VAL B CG1   1 
ATOM   208 C  CG2   . VAL A 1 27 ? -0.952  1.736   4.126   1.00 45.04  ? 26  VAL B CG2   1 
ATOM   209 N  N     . LYS A 1 28 ? -4.863  1.291   1.844   1.00 40.81  ? 27  LYS B N     1 
ATOM   210 C  CA    . LYS A 1 28 ? -5.837  1.153   0.767   1.00 43.89  ? 27  LYS B CA    1 
ATOM   211 C  C     . LYS A 1 28 ? -6.808  2.328   0.727   1.00 44.89  ? 27  LYS B C     1 
ATOM   212 O  O     . LYS A 1 28 ? -7.265  2.722   -0.352  1.00 44.29  ? 27  LYS B O     1 
ATOM   213 C  CB    . LYS A 1 28 ? -6.582  -0.164  0.912   1.00 43.61  ? 27  LYS B CB    1 
ATOM   214 C  CG    . LYS A 1 28 ? -5.641  -1.341  0.996   1.00 44.30  ? 27  LYS B CG    1 
ATOM   215 C  CD    . LYS A 1 28 ? -6.333  -2.704  0.829   1.00 41.62  ? 27  LYS B CD    1 
ATOM   216 C  CE    . LYS A 1 28 ? -5.238  -3.773  0.688   1.00 41.64  ? 27  LYS B CE    1 
ATOM   217 N  NZ    . LYS A 1 28 ? -5.777  -5.155  0.576   1.00 50.06  ? 27  LYS B NZ    1 
ATOM   218 N  N     . ALA A 1 29 ? -7.125  2.913   1.881   1.00 42.37  ? 28  ALA B N     1 
ATOM   219 C  CA    . ALA A 1 29 ? -7.999  4.076   1.870   1.00 46.48  ? 28  ALA B CA    1 
ATOM   220 C  C     . ALA A 1 29 ? -7.294  5.253   1.219   1.00 46.98  ? 28  ALA B C     1 
ATOM   221 O  O     . ALA A 1 29 ? -7.918  6.044   0.499   1.00 42.14  ? 28  ALA B O     1 
ATOM   222 C  CB    . ALA A 1 29 ? -8.458  4.419   3.286   1.00 44.03  ? 28  ALA B CB    1 
ATOM   223 N  N     . LYS A 1 30 ? -5.982  5.356   1.433   1.00 45.84  ? 29  LYS B N     1 
ATOM   224 C  CA    . LYS A 1 30 ? -5.208  6.418   0.796   1.00 48.78  ? 29  LYS B CA    1 
ATOM   225 C  C     . LYS A 1 30 ? -5.101  6.182   -0.703  1.00 44.82  ? 29  LYS B C     1 
ATOM   226 O  O     . LYS A 1 30 ? -5.317  7.106   -1.496  1.00 45.20  ? 29  LYS B O     1 
ATOM   227 C  CB    . LYS A 1 30 ? -3.820  6.522   1.434   1.00 48.28  ? 29  LYS B CB    1 
ATOM   228 C  CG    . LYS A 1 30 ? -3.818  6.985   2.883   1.00 49.44  ? 29  LYS B CG    1 
ATOM   229 C  CD    . LYS A 1 30 ? -2.399  7.038   3.467   1.00 55.36  ? 29  LYS B CD    1 
ATOM   230 C  CE    . LYS A 1 30 ? -2.403  7.258   4.979   1.00 56.56  ? 29  LYS B CE    1 
ATOM   231 N  NZ    . LYS A 1 30 ? -2.936  8.583   5.348   1.00 67.27  ? 29  LYS B NZ    1 
ATOM   232 N  N     . ILE A 1 31 ? -4.808  4.937   -1.106  1.00 44.96  ? 30  ILE B N     1 
ATOM   233 C  CA    . ILE A 1 31 ? -4.811  4.570   -2.520  1.00 43.48  ? 30  ILE B CA    1 
ATOM   234 C  C     . ILE A 1 31 ? -6.167  4.838   -3.162  1.00 44.03  ? 30  ILE B C     1 
ATOM   235 O  O     . ILE A 1 31 ? -6.233  5.257   -4.326  1.00 48.60  ? 30  ILE B O     1 
ATOM   236 C  CB    . ILE A 1 31 ? -4.402  3.100   -2.706  1.00 42.97  ? 30  ILE B CB    1 
ATOM   237 C  CG1   . ILE A 1 31 ? -2.955  2.876   -2.298  1.00 41.34  ? 30  ILE B CG1   1 
ATOM   238 C  CG2   . ILE A 1 31 ? -4.568  2.671   -4.151  1.00 39.48  ? 30  ILE B CG2   1 
ATOM   239 C  CD1   . ILE A 1 31 ? -2.665  1.380   -2.035  1.00 39.87  ? 30  ILE B CD1   1 
ATOM   240 N  N     . GLN A 1 32 ? -7.270  4.565   -2.454  1.00 40.54  ? 31  GLN B N     1 
ATOM   241 C  CA    . GLN A 1 32 ? -8.578  4.846   -3.046  1.00 44.48  ? 31  GLN B CA    1 
ATOM   242 C  C     . GLN A 1 32 ? -8.732  6.337   -3.373  1.00 49.23  ? 31  GLN B C     1 
ATOM   243 O  O     . GLN A 1 32 ? -9.219  6.703   -4.450  1.00 47.12  ? 31  GLN B O     1 
ATOM   244 C  CB    . GLN A 1 32 ? -9.708  4.384   -2.128  1.00 47.57  ? 31  GLN B CB    1 
ATOM   245 C  CG    . GLN A 1 32 ? -11.077 4.904   -2.567  1.00 48.40  ? 31  GLN B CG    1 
ATOM   246 C  CD    . GLN A 1 32 ? -12.246 4.307   -1.810  1.00 50.31  ? 31  GLN B CD    1 
ATOM   247 O  OE1   . GLN A 1 32 ? -12.167 4.082   -0.603  1.00 50.15  ? 31  GLN B OE1   1 
ATOM   248 N  NE2   . GLN A 1 32 ? -13.343 4.037   -2.521  1.00 47.87  ? 31  GLN B NE2   1 
ATOM   249 N  N     . ASP A 1 33 ? -8.291  7.214   -2.467  1.00 47.36  ? 32  ASP B N     1 
ATOM   250 C  CA    . ASP A 1 33 ? -8.372  8.652   -2.717  1.00 47.89  ? 32  ASP B CA    1 
ATOM   251 C  C     . ASP A 1 33 ? -7.657  9.036   -3.992  1.00 50.92  ? 32  ASP B C     1 
ATOM   252 O  O     . ASP A 1 33 ? -8.120  9.916   -4.733  1.00 48.73  ? 32  ASP B O     1 
ATOM   253 C  CB    . ASP A 1 33 ? -7.784  9.425   -1.543  1.00 49.11  ? 32  ASP B CB    1 
ATOM   254 C  CG    . ASP A 1 33 ? -8.688  9.405   -0.390  1.00 57.68  ? 32  ASP B CG    1 
ATOM   255 O  OD1   . ASP A 1 33 ? -9.812  9.013   -0.675  1.00 59.89  ? 32  ASP B OD1   1 
ATOM   256 O  OD2   . ASP A 1 33 ? -8.313  9.723   0.752   1.00 62.10  ? 32  ASP B OD2   1 
ATOM   257 N  N     . LYS A 1 34 ? -6.524  8.388   -4.265  1.00 49.62  ? 33  LYS B N     1 
ATOM   258 C  CA    . LYS A 1 34 ? -5.692  8.736   -5.403  1.00 42.88  ? 33  LYS B CA    1 
ATOM   259 C  C     . LYS A 1 34 ? -6.090  8.010   -6.674  1.00 48.38  ? 33  LYS B C     1 
ATOM   260 O  O     . LYS A 1 34 ? -5.983  8.596   -7.752  1.00 55.30  ? 33  LYS B O     1 
ATOM   261 C  CB    . LYS A 1 34 ? -4.227  8.454   -5.074  1.00 46.12  ? 33  LYS B CB    1 
ATOM   262 C  CG    . LYS A 1 34 ? -3.622  9.489   -4.140  1.00 45.65  ? 33  LYS B CG    1 
ATOM   263 C  CD    . LYS A 1 34 ? -2.113  9.395   -4.087  1.00 50.62  ? 33  LYS B CD    1 
ATOM   264 C  CE    . LYS A 1 34 ? -1.494  10.505  -3.239  1.00 54.24  ? 33  LYS B CE    1 
ATOM   265 N  NZ    . LYS A 1 34 ? -1.121  11.723  -3.989  1.00 66.41  ? 33  LYS B NZ    1 
ATOM   266 N  N     . GLU A 1 35 ? -6.573  6.764   -6.595  1.00 50.26  ? 34  GLU B N     1 
ATOM   267 C  CA    . GLU A 1 35 ? -6.859  5.982   -7.799  1.00 50.49  ? 34  GLU B CA    1 
ATOM   268 C  C     . GLU A 1 35 ? -8.320  5.624   -7.997  1.00 52.24  ? 34  GLU B C     1 
ATOM   269 O  O     . GLU A 1 35 ? -8.686  5.212   -9.098  1.00 51.23  ? 34  GLU B O     1 
ATOM   270 C  CB    . GLU A 1 35 ? -6.049  4.673   -7.807  1.00 49.68  ? 34  GLU B CB    1 
ATOM   271 C  CG    . GLU A 1 35 ? -4.558  4.893   -7.948  1.00 56.80  ? 34  GLU B CG    1 
ATOM   272 C  CD    . GLU A 1 35 ? -4.215  5.739   -9.177  1.00 64.93  ? 34  GLU B CD    1 
ATOM   273 O  OE1   . GLU A 1 35 ? -3.629  6.850   -9.020  1.00 59.80  ? 34  GLU B OE1   1 
ATOM   274 O  OE2   . GLU A 1 35 ? -4.542  5.283   -10.306 1.00 67.80  ? 34  GLU B OE2   1 
ATOM   275 N  N     . GLY A 1 36 ? -9.158  5.726   -6.972  1.00 52.10  ? 35  GLY B N     1 
ATOM   276 C  CA    . GLY A 1 36 ? -10.544 5.352   -7.149  1.00 46.16  ? 35  GLY B CA    1 
ATOM   277 C  C     . GLY A 1 36 ? -10.793 3.861   -7.231  1.00 53.69  ? 35  GLY B C     1 
ATOM   278 O  O     . GLY A 1 36 ? -11.757 3.441   -7.873  1.00 57.33  ? 35  GLY B O     1 
ATOM   279 N  N     . ILE A 1 37 ? -9.951  3.040   -6.616  1.00 49.75  ? 36  ILE B N     1 
ATOM   280 C  CA    . ILE A 1 37 ? -10.221 1.616   -6.466  1.00 47.69  ? 36  ILE B CA    1 
ATOM   281 C  C     . ILE A 1 37 ? -10.734 1.390   -5.047  1.00 48.09  ? 36  ILE B C     1 
ATOM   282 O  O     . ILE A 1 37 ? -9.995  1.670   -4.087  1.00 48.97  ? 36  ILE B O     1 
ATOM   283 C  CB    . ILE A 1 37 ? -8.978  0.758   -6.735  1.00 49.25  ? 36  ILE B CB    1 
ATOM   284 C  CG1   . ILE A 1 37 ? -8.403  1.023   -8.119  1.00 45.04  ? 36  ILE B CG1   1 
ATOM   285 C  CG2   . ILE A 1 37 ? -9.320  -0.717  -6.572  1.00 46.44  ? 36  ILE B CG2   1 
ATOM   286 C  CD1   . ILE A 1 37 ? -6.895  0.723   -8.203  1.00 48.36  ? 36  ILE B CD1   1 
ATOM   287 N  N     . PRO A 1 38 ? -11.960 0.913   -4.865  1.00 51.39  ? 37  PRO B N     1 
ATOM   288 C  CA    . PRO A 1 38 ? -12.463 0.611   -3.512  1.00 50.20  ? 37  PRO B CA    1 
ATOM   289 C  C     . PRO A 1 38 ? -11.514 -0.315  -2.772  1.00 48.93  ? 37  PRO B C     1 
ATOM   290 O  O     . PRO A 1 38 ? -10.912 -1.214  -3.378  1.00 46.93  ? 37  PRO B O     1 
ATOM   291 C  CB    . PRO A 1 38 ? -13.810 -0.073  -3.781  1.00 47.38  ? 37  PRO B CB    1 
ATOM   292 C  CG    . PRO A 1 38 ? -14.256 0.529   -5.079  1.00 49.54  ? 37  PRO B CG    1 
ATOM   293 C  CD    . PRO A 1 38 ? -12.999 0.714   -5.894  1.00 51.23  ? 37  PRO B CD    1 
ATOM   294 N  N     . PRO A 1 39 ? -11.338 -0.106  -1.461  1.00 51.34  ? 38  PRO B N     1 
ATOM   295 C  CA    . PRO A 1 39 ? -10.353 -0.914  -0.722  1.00 46.09  ? 38  PRO B CA    1 
ATOM   296 C  C     . PRO A 1 39 ? -10.596 -2.408  -0.816  1.00 44.80  ? 38  PRO B C     1 
ATOM   297 O  O     . PRO A 1 39 ? -9.643  -3.184  -0.713  1.00 47.57  ? 38  PRO B O     1 
ATOM   298 C  CB    . PRO A 1 39 ? -10.499 -0.409  0.721   1.00 42.99  ? 38  PRO B CB    1 
ATOM   299 C  CG    . PRO A 1 39 ? -11.091 0.946   0.585   1.00 47.96  ? 38  PRO B CG    1 
ATOM   300 C  CD    . PRO A 1 39 ? -11.973 0.915   -0.611  1.00 46.82  ? 38  PRO B CD    1 
ATOM   301 N  N     . ASP A 1 40 ? -11.832 -2.854  -0.997  1.00 46.29  ? 39  ASP B N     1 
ATOM   302 C  CA    . ASP A 1 40 ? -12.034 -4.295  -1.007  1.00 48.13  ? 39  ASP B CA    1 
ATOM   303 C  C     . ASP A 1 40 ? -11.508 -4.936  -2.281  1.00 51.28  ? 39  ASP B C     1 
ATOM   304 O  O     . ASP A 1 40 ? -11.265 -6.143  -2.289  1.00 55.87  ? 39  ASP B O     1 
ATOM   305 C  CB    . ASP A 1 40 ? -13.508 -4.625  -0.791  1.00 47.83  ? 39  ASP B CB    1 
ATOM   306 C  CG    . ASP A 1 40 ? -13.931 -4.462  0.666   1.00 50.55  ? 39  ASP B CG    1 
ATOM   307 O  OD1   . ASP A 1 40 ? -13.044 -4.259  1.540   1.00 48.32  ? 39  ASP B OD1   1 
ATOM   308 O  OD2   . ASP A 1 40 ? -15.153 -4.522  0.939   1.00 49.83  ? 39  ASP B OD2   1 
ATOM   309 N  N     . GLN A 1 41 ? -11.266 -4.151  -3.329  1.00 49.14  ? 40  GLN B N     1 
ATOM   310 C  CA    . GLN A 1 41 ? -10.784 -4.671  -4.599  1.00 53.20  ? 40  GLN B CA    1 
ATOM   311 C  C     . GLN A 1 41 ? -9.271  -4.565  -4.759  1.00 53.22  ? 40  GLN B C     1 
ATOM   312 O  O     . GLN A 1 41 ? -8.756  -4.844  -5.846  1.00 52.15  ? 40  GLN B O     1 
ATOM   313 C  CB    . GLN A 1 41 ? -11.497 -3.959  -5.742  1.00 46.09  ? 40  GLN B CB    1 
ATOM   314 C  CG    . GLN A 1 41 ? -12.978 -4.269  -5.711  1.00 56.09  ? 40  GLN B CG    1 
ATOM   315 C  CD    . GLN A 1 41 ? -13.776 -3.450  -6.694  1.00 69.37  ? 40  GLN B CD    1 
ATOM   316 O  OE1   . GLN A 1 41 ? -13.318 -3.160  -7.799  1.00 73.07  ? 40  GLN B OE1   1 
ATOM   317 N  NE2   . GLN A 1 41 ? -14.984 -3.068  -6.298  1.00 72.57  ? 40  GLN B NE2   1 
ATOM   318 N  N     . GLN A 1 42 ? -8.549  -4.213  -3.701  1.00 45.86  ? 41  GLN B N     1 
ATOM   319 C  CA    . GLN A 1 42 ? -7.113  -3.973  -3.761  1.00 49.77  ? 41  GLN B CA    1 
ATOM   320 C  C     . GLN A 1 42 ? -6.356  -5.100  -3.084  1.00 50.10  ? 41  GLN B C     1 
ATOM   321 O  O     . GLN A 1 42 ? -6.637  -5.434  -1.930  1.00 48.93  ? 41  GLN B O     1 
ATOM   322 C  CB    . GLN A 1 42 ? -6.716  -2.660  -3.070  1.00 46.37  ? 41  GLN B CB    1 
ATOM   323 C  CG    . GLN A 1 42 ? -7.212  -1.379  -3.675  1.00 41.47  ? 41  GLN B CG    1 
ATOM   324 C  CD    . GLN A 1 42 ? -6.804  -0.204  -2.818  1.00 47.08  ? 41  GLN B CD    1 
ATOM   325 O  OE1   . GLN A 1 42 ? -5.705  -0.204  -2.256  1.00 47.91  ? 41  GLN B OE1   1 
ATOM   326 N  NE2   . GLN A 1 42 ? -7.690  0.791   -2.677  1.00 44.51  ? 41  GLN B NE2   1 
ATOM   327 N  N     . ARG A 1 43 ? -5.359  -5.643  -3.778  1.00 51.22  ? 42  ARG B N     1 
ATOM   328 C  CA    . ARG A 1 43 ? -4.388  -6.540  -3.170  1.00 52.08  ? 42  ARG B CA    1 
ATOM   329 C  C     . ARG A 1 43 ? -3.046  -5.831  -3.153  1.00 49.32  ? 42  ARG B C     1 
ATOM   330 O  O     . ARG A 1 43 ? -2.604  -5.318  -4.186  1.00 51.53  ? 42  ARG B O     1 
ATOM   331 C  CB    . ARG A 1 43 ? -4.304  -7.871  -3.931  1.00 55.43  ? 42  ARG B CB    1 
ATOM   332 C  CG    . ARG A 1 43 ? -3.921  -9.054  -3.048  1.00 65.85  ? 42  ARG B CG    1 
ATOM   333 C  CD    . ARG A 1 43 ? -3.776  -10.388 -3.810  1.00 70.85  ? 42  ARG B CD    1 
ATOM   334 N  NE    . ARG A 1 43 ? -4.984  -11.232 -3.903  1.00 77.17  ? 42  ARG B NE    1 
ATOM   335 C  CZ    . ARG A 1 43 ? -5.753  -11.644 -2.888  1.00 80.25  ? 42  ARG B CZ    1 
ATOM   336 N  NH1   . ARG A 1 43 ? -6.802  -12.419 -3.140  1.00 82.96  ? 42  ARG B NH1   1 
ATOM   337 N  NH2   . ARG A 1 43 ? -5.515  -11.279 -1.632  1.00 82.54  ? 42  ARG B NH2   1 
ATOM   338 N  N     . LEU A 1 44 ? -2.423  -5.763  -1.981  1.00 41.85  ? 43  LEU B N     1 
ATOM   339 C  CA    . LEU A 1 44 ? -1.101  -5.169  -1.822  1.00 46.79  ? 43  LEU B CA    1 
ATOM   340 C  C     . LEU A 1 44 ? -0.090  -6.263  -1.495  1.00 53.96  ? 43  LEU B C     1 
ATOM   341 O  O     . LEU A 1 44 ? -0.322  -7.081  -0.596  1.00 54.66  ? 43  LEU B O     1 
ATOM   342 C  CB    . LEU A 1 44 ? -1.108  -4.112  -0.713  1.00 47.06  ? 43  LEU B CB    1 
ATOM   343 C  CG    . LEU A 1 44 ? -1.643  -2.731  -1.106  1.00 47.05  ? 43  LEU B CG    1 
ATOM   344 C  CD1   . LEU A 1 44 ? -1.759  -1.792  0.093   1.00 41.77  ? 43  LEU B CD1   1 
ATOM   345 C  CD2   . LEU A 1 44 ? -0.771  -2.116  -2.182  1.00 45.51  ? 43  LEU B CD2   1 
ATOM   346 N  N     . ILE A 1 45 ? 1.035   -6.274  -2.211  1.00 52.79  ? 44  ILE B N     1 
ATOM   347 C  CA    . ILE A 1 45 ? 2.079   -7.279  -2.020  1.00 54.76  ? 44  ILE B CA    1 
ATOM   348 C  C     . ILE A 1 45 ? 3.401   -6.568  -1.792  1.00 53.68  ? 44  ILE B C     1 
ATOM   349 O  O     . ILE A 1 45 ? 3.686   -5.562  -2.450  1.00 55.34  ? 44  ILE B O     1 
ATOM   350 C  CB    . ILE A 1 45 ? 2.163   -8.244  -3.225  1.00 55.51  ? 44  ILE B CB    1 
ATOM   351 C  CG1   . ILE A 1 45 ? 0.863   -9.026  -3.350  1.00 54.43  ? 44  ILE B CG1   1 
ATOM   352 C  CG2   . ILE A 1 45 ? 3.289   -9.242  -3.042  1.00 59.45  ? 44  ILE B CG2   1 
ATOM   353 C  CD1   . ILE A 1 45 ? 0.325   -9.089  -4.735  1.00 59.84  ? 44  ILE B CD1   1 
ATOM   354 N  N     . PHE A 1 46 ? 4.195   -7.071  -0.843  1.00 56.50  ? 45  PHE B N     1 
ATOM   355 C  CA    . PHE A 1 46 ? 5.526   -6.525  -0.555  1.00 61.65  ? 45  PHE B CA    1 
ATOM   356 C  C     . PHE A 1 46 ? 6.468   -7.665  -0.201  1.00 67.17  ? 45  PHE B C     1 
ATOM   357 O  O     . PHE A 1 46 ? 6.158   -8.467  0.687   1.00 68.69  ? 45  PHE B O     1 
ATOM   358 C  CB    . PHE A 1 46 ? 5.489   -5.516  0.595   1.00 57.67  ? 45  PHE B CB    1 
ATOM   359 C  CG    . PHE A 1 46 ? 6.842   -4.980  0.996   1.00 61.81  ? 45  PHE B CG    1 
ATOM   360 C  CD1   . PHE A 1 46 ? 7.546   -4.117  0.158   1.00 62.54  ? 45  PHE B CD1   1 
ATOM   361 C  CD2   . PHE A 1 46 ? 7.401   -5.315  2.222   1.00 61.39  ? 45  PHE B CD2   1 
ATOM   362 C  CE1   . PHE A 1 46 ? 8.784   -3.599  0.541   1.00 58.95  ? 45  PHE B CE1   1 
ATOM   363 C  CE2   . PHE A 1 46 ? 8.641   -4.796  2.615   1.00 58.35  ? 45  PHE B CE2   1 
ATOM   364 C  CZ    . PHE A 1 46 ? 9.329   -3.934  1.772   1.00 56.77  ? 45  PHE B CZ    1 
ATOM   365 N  N     . ALA A 1 47 ? 7.609   -7.732  -0.894  1.00 67.59  ? 46  ALA B N     1 
ATOM   366 C  CA    . ALA A 1 47 ? 8.574   -8.824  -0.728  1.00 65.26  ? 46  ALA B CA    1 
ATOM   367 C  C     . ALA A 1 47 ? 7.890   -10.188 -0.788  1.00 64.47  ? 46  ALA B C     1 
ATOM   368 O  O     . ALA A 1 47 ? 8.066   -11.038 0.085   1.00 66.33  ? 46  ALA B O     1 
ATOM   369 C  CB    . ALA A 1 47 ? 9.357   -8.673  0.575   1.00 60.82  ? 46  ALA B CB    1 
ATOM   370 N  N     . GLY A 1 48 ? 7.078   -10.389 -1.831  1.00 66.60  ? 47  GLY B N     1 
ATOM   371 C  CA    . GLY A 1 48 ? 6.431   -11.662 -2.085  1.00 63.08  ? 47  GLY B CA    1 
ATOM   372 C  C     . GLY A 1 48 ? 5.173   -11.942 -1.292  1.00 70.81  ? 47  GLY B C     1 
ATOM   373 O  O     . GLY A 1 48 ? 4.345   -12.745 -1.747  1.00 72.11  ? 47  GLY B O     1 
ATOM   374 N  N     . LYS A 1 49 ? 4.988   -11.302 -0.129  1.00 69.22  ? 48  LYS B N     1 
ATOM   375 C  CA    . LYS A 1 49 ? 3.865   -11.593 0.761   1.00 66.68  ? 48  LYS B CA    1 
ATOM   376 C  C     . LYS A 1 49 ? 2.671   -10.680 0.488   1.00 61.74  ? 48  LYS B C     1 
ATOM   377 O  O     . LYS A 1 49 ? 2.817   -9.459  0.392   1.00 62.74  ? 48  LYS B O     1 
ATOM   378 C  CB    . LYS A 1 49 ? 4.302   -11.448 2.221   1.00 69.31  ? 48  LYS B CB    1 
ATOM   379 N  N     . GLN A 1 50 ? 1.492   -11.284 0.356   1.00 65.67  ? 49  GLN B N     1 
ATOM   380 C  CA    . GLN A 1 50 ? 0.233   -10.550 0.426   1.00 59.22  ? 49  GLN B CA    1 
ATOM   381 C  C     . GLN A 1 50 ? 0.096   -9.885  1.784   1.00 61.45  ? 49  GLN B C     1 
ATOM   382 O  O     . GLN A 1 50 ? 0.283   -10.529 2.820   1.00 63.02  ? 49  GLN B O     1 
ATOM   383 C  CB    . GLN A 1 50 ? -0.936  -11.500 0.226   1.00 60.01  ? 49  GLN B CB    1 
ATOM   384 C  CG    . GLN A 1 50 ? -1.619  -11.400 -1.088  1.00 70.82  ? 49  GLN B CG    1 
ATOM   385 C  CD    . GLN A 1 50 ? -2.794  -12.343 -1.157  1.00 80.42  ? 49  GLN B CD    1 
ATOM   386 O  OE1   . GLN A 1 50 ? -3.591  -12.422 -0.217  1.00 79.92  ? 49  GLN B OE1   1 
ATOM   387 N  NE2   . GLN A 1 50 ? -2.911  -13.073 -2.267  1.00 83.26  ? 49  GLN B NE2   1 
ATOM   388 N  N     . LEU A 1 51 ? -0.247  -8.601  1.790   1.00 60.36  ? 50  LEU B N     1 
ATOM   389 C  CA    . LEU A 1 51 ? -0.357  -7.865  3.040   1.00 56.45  ? 50  LEU B CA    1 
ATOM   390 C  C     . LEU A 1 51 ? -1.779  -7.917  3.567   1.00 55.19  ? 50  LEU B C     1 
ATOM   391 O  O     . LEU A 1 51 ? -2.737  -7.820  2.801   1.00 56.19  ? 50  LEU B O     1 
ATOM   392 C  CB    . LEU A 1 51 ? 0.089   -6.423  2.848   1.00 54.93  ? 50  LEU B CB    1 
ATOM   393 C  CG    . LEU A 1 51 ? 1.487   -6.337  2.243   1.00 57.58  ? 50  LEU B CG    1 
ATOM   394 C  CD1   . LEU A 1 51 ? 1.815   -4.908  1.829   1.00 53.90  ? 50  LEU B CD1   1 
ATOM   395 C  CD2   . LEU A 1 51 ? 2.526   -6.875  3.222   1.00 58.42  ? 50  LEU B CD2   1 
ATOM   396 N  N     . GLU A 1 52 ? -1.908  -8.081  4.883   1.00 59.23  ? 51  GLU B N     1 
ATOM   397 C  CA    . GLU A 1 52 ? -3.204  -8.293  5.515   1.00 57.47  ? 51  GLU B CA    1 
ATOM   398 C  C     . GLU A 1 52 ? -3.734  -6.980  6.055   1.00 53.44  ? 51  GLU B C     1 
ATOM   399 O  O     . GLU A 1 52 ? -2.994  -6.206  6.668   1.00 54.72  ? 51  GLU B O     1 
ATOM   400 C  CB    . GLU A 1 52 ? -3.100  -9.302  6.655   1.00 61.25  ? 51  GLU B CB    1 
ATOM   401 C  CG    . GLU A 1 52 ? -3.146  -10.764 6.254   1.00 69.95  ? 51  GLU B CG    1 
ATOM   402 C  CD    . GLU A 1 52 ? -3.056  -11.689 7.480   1.00 86.77  ? 51  GLU B CD    1 
ATOM   403 O  OE1   . GLU A 1 52 ? -1.943  -11.812 8.059   1.00 86.86  ? 51  GLU B OE1   1 
ATOM   404 O  OE2   . GLU A 1 52 ? -4.102  -12.269 7.874   1.00 90.48  ? 51  GLU B OE2   1 
ATOM   405 N  N     . ASP A 1 53 ? -5.031  -6.752  5.853   1.00 54.27  ? 52  ASP B N     1 
ATOM   406 C  CA    . ASP A 1 53 ? -5.615  -5.445  6.145   1.00 50.29  ? 52  ASP B CA    1 
ATOM   407 C  C     . ASP A 1 53 ? -5.472  -5.054  7.605   1.00 53.52  ? 52  ASP B C     1 
ATOM   408 O  O     . ASP A 1 53 ? -5.394  -3.859  7.911   1.00 52.41  ? 52  ASP B O     1 
ATOM   409 C  CB    . ASP A 1 53 ? -7.079  -5.433  5.721   1.00 50.13  ? 52  ASP B CB    1 
ATOM   410 C  CG    . ASP A 1 53 ? -7.224  -5.325  4.220   1.00 47.77  ? 52  ASP B CG    1 
ATOM   411 O  OD1   . ASP A 1 53 ? -6.190  -5.213  3.553   1.00 51.32  ? 52  ASP B OD1   1 
ATOM   412 O  OD2   . ASP A 1 53 ? -8.340  -5.361  3.692   1.00 52.37  ? 52  ASP B OD2   1 
ATOM   413 N  N     . GLY A 1 54 ? -5.411  -6.034  8.516   1.00 55.84  ? 53  GLY B N     1 
ATOM   414 C  CA    . GLY A 1 54 ? -5.300  -5.723  9.933   1.00 50.68  ? 53  GLY B CA    1 
ATOM   415 C  C     . GLY A 1 54 ? -3.902  -5.381  10.421  1.00 61.30  ? 53  GLY B C     1 
ATOM   416 O  O     . GLY A 1 54 ? -3.763  -4.752  11.478  1.00 60.73  ? 53  GLY B O     1 
ATOM   417 N  N     . ARG A 1 55 ? -2.860  -5.782  9.698   1.00 59.71  ? 54  ARG B N     1 
ATOM   418 C  CA    . ARG A 1 55 ? -1.522  -5.484  10.174  1.00 55.55  ? 54  ARG B CA    1 
ATOM   419 C  C     . ARG A 1 55 ? -1.133  -4.049  9.816   1.00 56.98  ? 54  ARG B C     1 
ATOM   420 O  O     . ARG A 1 55 ? -1.788  -3.366  9.025   1.00 53.99  ? 54  ARG B O     1 
ATOM   421 C  CB    . ARG A 1 55 ? -0.525  -6.483  9.602   1.00 55.53  ? 54  ARG B CB    1 
ATOM   422 C  CG    . ARG A 1 55 ? -0.835  -7.943  9.950   1.00 61.04  ? 54  ARG B CG    1 
ATOM   423 C  CD    . ARG A 1 55 ? -0.023  -8.419  11.152  1.00 57.85  ? 54  ARG B CD    1 
ATOM   424 N  N     . THR A 1 56 ? -0.049  -3.587  10.417  1.00 58.49  ? 55  THR B N     1 
ATOM   425 C  CA    . THR A 1 56 ? 0.478   -2.265  10.132  1.00 56.47  ? 55  THR B CA    1 
ATOM   426 C  C     . THR A 1 56 ? 1.662   -2.362  9.183   1.00 58.24  ? 55  THR B C     1 
ATOM   427 O  O     . THR A 1 56 ? 2.154   -3.450  8.854   1.00 53.78  ? 55  THR B O     1 
ATOM   428 C  CB    . THR A 1 56 ? 0.918   -1.566  11.414  1.00 59.25  ? 55  THR B CB    1 
ATOM   429 O  OG1   . THR A 1 56 ? 1.786   -2.445  12.125  1.00 58.81  ? 55  THR B OG1   1 
ATOM   430 C  CG2   . THR A 1 56 ? -0.281  -1.198  12.278  1.00 52.02  ? 55  THR B CG2   1 
ATOM   431 N  N     . LEU A 1 57 ? 2.121   -1.187  8.739   1.00 57.16  ? 56  LEU B N     1 
ATOM   432 C  CA    . LEU A 1 57 ? 3.322   -1.135  7.916   1.00 58.52  ? 56  LEU B CA    1 
ATOM   433 C  C     . LEU A 1 57 ? 4.525   -1.613  8.714   1.00 64.17  ? 56  LEU B C     1 
ATOM   434 O  O     . LEU A 1 57 ? 5.295   -2.463  8.246   1.00 63.98  ? 56  LEU B O     1 
ATOM   435 C  CB    . LEU A 1 57 ? 3.551   0.277   7.378   1.00 51.27  ? 56  LEU B CB    1 
ATOM   436 C  CG    . LEU A 1 57 ? 2.558   0.737   6.301   1.00 54.19  ? 56  LEU B CG    1 
ATOM   437 C  CD1   . LEU A 1 57 ? 2.735   2.208   5.992   1.00 52.53  ? 56  LEU B CD1   1 
ATOM   438 C  CD2   . LEU A 1 57 ? 2.693   -0.078  5.045   1.00 53.35  ? 56  LEU B CD2   1 
ATOM   439 N  N     . SER A 1 58 ? 4.681   -1.103  9.944   1.00 62.18  ? 57  SER B N     1 
ATOM   440 C  CA    . SER A 1 58 ? 5.792   -1.553  10.781  1.00 60.07  ? 57  SER B CA    1 
ATOM   441 C  C     . SER A 1 58 ? 5.765   -3.064  10.967  1.00 61.87  ? 57  SER B C     1 
ATOM   442 O  O     . SER A 1 58 ? 6.804   -3.720  10.848  1.00 68.68  ? 57  SER B O     1 
ATOM   443 C  CB    . SER A 1 58 ? 5.789   -0.828  12.126  1.00 61.95  ? 57  SER B CB    1 
ATOM   444 O  OG    . SER A 1 58 ? 4.498   -0.796  12.701  1.00 73.53  ? 57  SER B OG    1 
ATOM   445 N  N     . ASP A 1 59 ? 4.579   -3.650  11.165  1.00 62.20  ? 58  ASP B N     1 
ATOM   446 C  CA    . ASP A 1 59 ? 4.445   -5.109  11.247  1.00 62.84  ? 58  ASP B CA    1 
ATOM   447 C  C     . ASP A 1 59 ? 5.068   -5.836  10.053  1.00 63.40  ? 58  ASP B C     1 
ATOM   448 O  O     . ASP A 1 59 ? 5.151   -7.067  10.049  1.00 69.08  ? 58  ASP B O     1 
ATOM   449 C  CB    . ASP A 1 59 ? 2.967   -5.539  11.342  1.00 63.10  ? 58  ASP B CB    1 
ATOM   450 C  CG    . ASP A 1 59 ? 2.343   -5.288  12.720  1.00 67.63  ? 58  ASP B CG    1 
ATOM   451 O  OD1   . ASP A 1 59 ? 3.059   -4.889  13.667  1.00 70.23  ? 58  ASP B OD1   1 
ATOM   452 O  OD2   . ASP A 1 59 ? 1.116   -5.506  12.849  1.00 68.73  ? 58  ASP B OD2   1 
ATOM   453 N  N     . TYR A 1 60 ? 5.464   -5.106  9.008   1.00 67.66  ? 59  TYR B N     1 
ATOM   454 C  CA    . TYR A 1 60 ? 6.071   -5.703  7.821   1.00 63.94  ? 59  TYR B CA    1 
ATOM   455 C  C     . TYR A 1 60 ? 7.434   -5.091  7.506   1.00 64.09  ? 59  TYR B C     1 
ATOM   456 O  O     . TYR A 1 60 ? 7.997   -5.357  6.437   1.00 62.63  ? 59  TYR B O     1 
ATOM   457 C  CB    . TYR A 1 60 ? 5.148   -5.552  6.617   1.00 58.30  ? 59  TYR B CB    1 
ATOM   458 C  CG    . TYR A 1 60 ? 3.897   -6.404  6.627   1.00 59.79  ? 59  TYR B CG    1 
ATOM   459 C  CD1   . TYR A 1 60 ? 3.949   -7.753  6.343   1.00 57.36  ? 59  TYR B CD1   1 
ATOM   460 C  CD2   . TYR A 1 60 ? 2.651   -5.839  6.860   1.00 58.72  ? 59  TYR B CD2   1 
ATOM   461 C  CE1   . TYR A 1 60 ? 2.805   -8.524  6.324   1.00 54.26  ? 59  TYR B CE1   1 
ATOM   462 C  CE2   . TYR A 1 60 ? 1.503   -6.602  6.835   1.00 56.89  ? 59  TYR B CE2   1 
ATOM   463 C  CZ    . TYR A 1 60 ? 1.586   -7.944  6.577   1.00 56.74  ? 59  TYR B CZ    1 
ATOM   464 O  OH    . TYR A 1 60 ? 0.438   -8.702  6.554   1.00 60.68  ? 59  TYR B OH    1 
ATOM   465 N  N     . ASN A 1 61 ? 7.965   -4.273  8.413   1.00 66.57  ? 60  ASN B N     1 
ATOM   466 C  CA    . ASN A 1 61 ? 9.237   -3.574  8.232   1.00 70.85  ? 60  ASN B CA    1 
ATOM   467 C  C     . ASN A 1 61 ? 9.255   -2.764  6.945   1.00 68.09  ? 60  ASN B C     1 
ATOM   468 O  O     . ASN A 1 61 ? 10.309  -2.530  6.354   1.00 76.00  ? 60  ASN B O     1 
ATOM   469 C  CB    . ASN A 1 61 ? 10.430  -4.533  8.286   1.00 76.21  ? 60  ASN B CB    1 
ATOM   470 C  CG    . ASN A 1 61 ? 11.651  -3.901  8.942   1.00 83.76  ? 60  ASN B CG    1 
ATOM   471 O  OD1   . ASN A 1 61 ? 11.536  -2.904  9.672   1.00 83.26  ? 60  ASN B OD1   1 
ATOM   472 N  ND2   . ASN A 1 61 ? 12.829  -4.464  8.674   1.00 89.80  ? 60  ASN B ND2   1 
ATOM   473 N  N     . ILE A 1 62 ? 8.082   -2.317  6.507   1.00 69.55  ? 61  ILE B N     1 
ATOM   474 C  CA    . ILE A 1 62 ? 7.994   -1.395  5.383   1.00 60.45  ? 61  ILE B CA    1 
ATOM   475 C  C     . ILE A 1 62 ? 8.465   -0.023  5.845   1.00 61.38  ? 61  ILE B C     1 
ATOM   476 O  O     . ILE A 1 62 ? 7.908   0.555   6.783   1.00 59.94  ? 61  ILE B O     1 
ATOM   477 C  CB    . ILE A 1 62 ? 6.566   -1.351  4.844   1.00 52.41  ? 61  ILE B CB    1 
ATOM   478 C  CG1   . ILE A 1 62 ? 6.277   -2.638  4.082   1.00 56.72  ? 61  ILE B CG1   1 
ATOM   479 C  CG2   . ILE A 1 62 ? 6.362   -0.130  3.988   1.00 60.15  ? 61  ILE B CG2   1 
ATOM   480 C  CD1   . ILE A 1 62 ? 4.792   -2.979  3.953   1.00 55.80  ? 61  ILE B CD1   1 
ATOM   481 N  N     . GLN A 1 63 ? 9.503   0.500   5.201   1.00 64.68  ? 62  GLN B N     1 
ATOM   482 C  CA    . GLN A 1 63 ? 10.124  1.752   5.630   1.00 64.77  ? 62  GLN B CA    1 
ATOM   483 C  C     . GLN A 1 63 ? 10.082  2.796   4.513   1.00 59.75  ? 62  GLN B C     1 
ATOM   484 O  O     . GLN A 1 63 ? 9.517   2.570   3.440   1.00 56.30  ? 62  GLN B O     1 
ATOM   485 C  CB    . GLN A 1 63 ? 11.558  1.506   6.092   1.00 65.88  ? 62  GLN B CB    1 
ATOM   486 C  CG    . GLN A 1 63 ? 11.702  0.420   7.144   1.00 73.95  ? 62  GLN B CG    1 
ATOM   487 C  CD    . GLN A 1 63 ? 12.910  -0.469  6.893   1.00 85.43  ? 62  GLN B CD    1 
ATOM   488 O  OE1   . GLN A 1 63 ? 14.020  -0.175  7.349   1.00 91.62  ? 62  GLN B OE1   1 
ATOM   489 N  NE2   . GLN A 1 63 ? 12.700  -1.563  6.163   1.00 82.64  ? 62  GLN B NE2   1 
ATOM   490 N  N     . LYS A 1 64 ? 10.705  3.945   4.785   1.00 60.01  ? 63  LYS B N     1 
ATOM   491 C  CA    . LYS A 1 64 ? 10.723  5.068   3.856   1.00 58.52  ? 63  LYS B CA    1 
ATOM   492 C  C     . LYS A 1 64 ? 11.111  4.621   2.452   1.00 65.02  ? 63  LYS B C     1 
ATOM   493 O  O     . LYS A 1 64 ? 12.140  3.970   2.254   1.00 68.41  ? 63  LYS B O     1 
ATOM   494 C  CB    . LYS A 1 64 ? 11.703  6.132   4.348   1.00 57.06  ? 63  LYS B CB    1 
ATOM   495 N  N     . GLU A 1 65 ? 10.258  4.959   1.483   1.00 63.14  ? 64  GLU B N     1 
ATOM   496 C  CA    . GLU A 1 65 ? 10.479  4.749   0.055   1.00 63.99  ? 64  GLU B CA    1 
ATOM   497 C  C     . GLU A 1 65 ? 10.427  3.283   -0.355  1.00 60.80  ? 64  GLU B C     1 
ATOM   498 O  O     . GLU A 1 65 ? 10.874  2.942   -1.446  1.00 63.27  ? 64  GLU B O     1 
ATOM   499 C  CB    . GLU A 1 65 ? 11.799  5.374   -0.416  1.00 66.79  ? 64  GLU B CB    1 
ATOM   500 C  CG    . GLU A 1 65 ? 11.828  6.903   -0.331  1.00 73.02  ? 64  GLU B CG    1 
ATOM   501 C  CD    . GLU A 1 65 ? 13.226  7.467   -0.091  1.00 83.22  ? 64  GLU B CD    1 
ATOM   502 O  OE1   . GLU A 1 65 ? 13.371  8.329   0.810   1.00 89.07  ? 64  GLU B OE1   1 
ATOM   503 O  OE2   . GLU A 1 65 ? 14.171  7.060   -0.808  1.00 83.19  ? 64  GLU B OE2   1 
ATOM   504 N  N     . SER A 1 66 ? 9.881   2.404   0.485   1.00 58.33  ? 65  SER B N     1 
ATOM   505 C  CA    . SER A 1 66 ? 9.541   1.060   0.038   1.00 57.11  ? 65  SER B CA    1 
ATOM   506 C  C     . SER A 1 66 ? 8.570   1.120   -1.137  1.00 58.96  ? 65  SER B C     1 
ATOM   507 O  O     . SER A 1 66 ? 7.837   2.100   -1.328  1.00 58.51  ? 65  SER B O     1 
ATOM   508 C  CB    . SER A 1 66 ? 8.890   0.244   1.163   1.00 59.40  ? 65  SER B CB    1 
ATOM   509 O  OG    . SER A 1 66 ? 9.669   0.210   2.344   1.00 60.18  ? 65  SER B OG    1 
ATOM   510 N  N     . THR A 1 67 ? 8.544   0.046   -1.923  1.00 55.42  ? 66  THR B N     1 
ATOM   511 C  CA    . THR A 1 67 ? 7.615   -0.055  -3.036  1.00 53.70  ? 66  THR B CA    1 
ATOM   512 C  C     . THR A 1 67 ? 6.695   -1.244  -2.825  1.00 55.26  ? 66  THR B C     1 
ATOM   513 O  O     . THR A 1 67 ? 7.160   -2.389  -2.771  1.00 58.31  ? 66  THR B O     1 
ATOM   514 C  CB    . THR A 1 67 ? 8.336   -0.195  -4.371  1.00 60.72  ? 66  THR B CB    1 
ATOM   515 O  OG1   . THR A 1 67 ? 9.301   0.854   -4.521  1.00 65.94  ? 66  THR B OG1   1 
ATOM   516 C  CG2   . THR A 1 67 ? 7.318   -0.104  -5.496  1.00 59.12  ? 66  THR B CG2   1 
ATOM   517 N  N     . LEU A 1 68 ? 5.398   -0.975  -2.716  1.00 52.50  ? 67  LEU B N     1 
ATOM   518 C  CA    . LEU A 1 68 ? 4.386   -2.021  -2.664  1.00 50.80  ? 67  LEU B CA    1 
ATOM   519 C  C     . LEU A 1 68 ? 3.823   -2.219  -4.060  1.00 52.03  ? 67  LEU B C     1 
ATOM   520 O  O     . LEU A 1 68 ? 3.910   -1.333  -4.919  1.00 52.52  ? 67  LEU B O     1 
ATOM   521 C  CB    . LEU A 1 68 ? 3.264   -1.667  -1.677  1.00 51.25  ? 67  LEU B CB    1 
ATOM   522 C  CG    . LEU A 1 68 ? 3.719   -0.986  -0.381  1.00 54.08  ? 67  LEU B CG    1 
ATOM   523 C  CD1   . LEU A 1 68 ? 2.543   -0.677  0.554   1.00 53.36  ? 67  LEU B CD1   1 
ATOM   524 C  CD2   . LEU A 1 68 ? 4.724   -1.846  0.318   1.00 53.55  ? 67  LEU B CD2   1 
ATOM   525 N  N     . HIS A 1 69 ? 3.261   -3.401  -4.294  1.00 48.65  ? 68  HIS B N     1 
ATOM   526 C  CA    . HIS A 1 69 ? 2.724   -3.753  -5.600  1.00 46.44  ? 68  HIS B CA    1 
ATOM   527 C  C     . HIS A 1 69 ? 1.212   -3.917  -5.475  1.00 49.28  ? 68  HIS B C     1 
ATOM   528 O  O     . HIS A 1 69 ? 0.722   -4.577  -4.553  1.00 50.83  ? 68  HIS B O     1 
ATOM   529 C  CB    . HIS A 1 69 ? 3.402   -5.021  -6.150  1.00 48.18  ? 68  HIS B CB    1 
ATOM   530 C  CG    . HIS A 1 69 ? 4.898   -4.899  -6.298  1.00 51.87  ? 68  HIS B CG    1 
ATOM   531 N  ND1   . HIS A 1 69 ? 5.500   -4.340  -7.405  1.00 54.79  ? 68  HIS B ND1   1 
ATOM   532 C  CD2   . HIS A 1 69 ? 5.910   -5.270  -5.474  1.00 55.37  ? 68  HIS B CD2   1 
ATOM   533 C  CE1   . HIS A 1 69 ? 6.815   -4.358  -7.249  1.00 56.94  ? 68  HIS B CE1   1 
ATOM   534 N  NE2   . HIS A 1 69 ? 7.091   -4.927  -6.090  1.00 55.03  ? 68  HIS B NE2   1 
ATOM   535 N  N     . LEU A 1 70 ? 0.473   -3.281  -6.376  1.00 47.73  ? 69  LEU B N     1 
ATOM   536 C  CA    . LEU A 1 70 ? -0.977  -3.242  -6.307  1.00 44.16  ? 69  LEU B CA    1 
ATOM   537 C  C     . LEU A 1 70 ? -1.560  -4.092  -7.418  1.00 50.46  ? 69  LEU B C     1 
ATOM   538 O  O     . LEU A 1 70 ? -1.228  -3.903  -8.596  1.00 53.68  ? 69  LEU B O     1 
ATOM   539 C  CB    . LEU A 1 70 ? -1.496  -1.813  -6.442  1.00 49.62  ? 69  LEU B CB    1 
ATOM   540 C  CG    . LEU A 1 70 ? -3.005  -1.697  -6.583  1.00 43.78  ? 69  LEU B CG    1 
ATOM   541 C  CD1   . LEU A 1 70 ? -3.632  -2.199  -5.290  1.00 43.39  ? 69  LEU B CD1   1 
ATOM   542 C  CD2   . LEU A 1 70 ? -3.365  -0.260  -6.849  1.00 44.50  ? 69  LEU B CD2   1 
ATOM   543 N  N     . VAL A 1 71 ? -2.421  -5.031  -7.045  1.00 49.23  ? 70  VAL B N     1 
ATOM   544 C  CA    . VAL A 1 71 ? -3.159  -5.822  -8.008  1.00 52.48  ? 70  VAL B CA    1 
ATOM   545 C  C     . VAL A 1 71 ? -4.605  -5.861  -7.543  1.00 55.98  ? 70  VAL B C     1 
ATOM   546 O  O     . VAL A 1 71 ? -4.908  -5.666  -6.364  1.00 54.50  ? 70  VAL B O     1 
ATOM   547 C  CB    . VAL A 1 71 ? -2.574  -7.240  -8.173  1.00 55.47  ? 70  VAL B CB    1 
ATOM   548 C  CG1   . VAL A 1 71 ? -1.190  -7.148  -8.779  1.00 56.62  ? 70  VAL B CG1   1 
ATOM   549 C  CG2   . VAL A 1 71 ? -2.468  -7.922  -6.850  1.00 56.35  ? 70  VAL B CG2   1 
ATOM   550 N  N     . LEU A 1 72 ? -5.494  -6.100  -8.494  1.00 58.18  ? 71  LEU B N     1 
ATOM   551 C  CA    . LEU A 1 72 ? -6.924  -6.027  -8.262  1.00 63.08  ? 71  LEU B CA    1 
ATOM   552 C  C     . LEU A 1 72 ? -7.512  -7.395  -7.905  1.00 66.85  ? 71  LEU B C     1 
ATOM   553 O  O     . LEU A 1 72 ? -6.829  -8.423  -7.919  1.00 66.89  ? 71  LEU B O     1 
ATOM   554 C  CB    . LEU A 1 72 ? -7.618  -5.470  -9.492  1.00 62.30  ? 71  LEU B CB    1 
ATOM   555 C  CG    . LEU A 1 72 ? -7.677  -3.961  -9.666  1.00 69.06  ? 71  LEU B CG    1 
ATOM   556 C  CD1   . LEU A 1 72 ? -6.301  -3.291  -9.528  1.00 65.79  ? 71  LEU B CD1   1 
ATOM   557 C  CD2   . LEU A 1 72 ? -8.274  -3.716  -11.047 1.00 71.24  ? 71  LEU B CD2   1 
ATOM   558 N  N     . ARG A 1 73 ? -8.808  -7.386  -7.579  1.00 69.15  ? 72  ARG B N     1 
ATOM   559 C  CA    . ARG A 1 73 ? -9.565  -8.592  -7.251  1.00 67.95  ? 72  ARG B CA    1 
ATOM   560 C  C     . ARG A 1 73 ? -11.047 -8.273  -7.102  1.00 64.31  ? 72  ARG B C     1 
ATOM   561 O  O     . ARG A 1 73 ? -11.828 -9.122  -6.662  1.00 77.55  ? 72  ARG B O     1 
ATOM   562 C  CB    . ARG A 1 73 ? -9.047  -9.224  -5.967  1.00 63.92  ? 72  ARG B CB    1 
ATOM   563 C  CG    . ARG A 1 73 ? -9.107  -8.282  -4.808  1.00 64.10  ? 72  ARG B CG    1 
ATOM   564 C  CD    . ARG A 1 73 ? -8.664  -8.936  -3.508  1.00 70.22  ? 72  ARG B CD    1 
ATOM   565 N  NE    . ARG A 1 73 ? -9.398  -8.375  -2.380  1.00 68.81  ? 72  ARG B NE    1 
ATOM   566 C  CZ    . ARG A 1 73 ? -9.081  -8.560  -1.102  1.00 82.40  ? 72  ARG B CZ    1 
ATOM   567 N  NH1   . ARG A 1 73 ? -8.018  -9.304  -0.784  1.00 82.22  ? 72  ARG B NH1   1 
ATOM   568 N  NH2   . ARG A 1 73 ? -9.831  -7.998  -0.145  1.00 78.55  ? 72  ARG B NH2   1 
HETATM 569 N  N1    . APR B 2 .  ? 18.110  3.976   -19.209 1.00 70.63  ? 101 APR B N1    1 
HETATM 570 C  C2    . APR B 2 .  ? 17.224  3.016   -18.904 1.00 59.64  ? 101 APR B C2    1 
HETATM 571 N  N3    . APR B 2 .  ? 16.836  2.947   -17.650 1.00 59.48  ? 101 APR B N3    1 
HETATM 572 C  C4    . APR B 2 .  ? 17.313  3.779   -16.783 1.00 43.52  ? 101 APR B C4    1 
HETATM 573 C  C5    . APR B 2 .  ? 18.111  4.708   -17.063 1.00 37.52  ? 101 APR B C5    1 
HETATM 574 C  C6    . APR B 2 .  ? 18.566  4.811   -18.308 1.00 57.60  ? 101 APR B C6    1 
HETATM 575 N  N6    . APR B 2 .  ? 19.458  5.590   -19.148 1.00 60.45  ? 101 APR B N6    1 
HETATM 576 N  N7    . APR B 2 .  ? 18.401  5.353   -15.948 1.00 65.19  ? 101 APR B N7    1 
HETATM 577 C  C8    . APR B 2 .  ? 17.692  4.835   -14.929 1.00 69.05  ? 101 APR B C8    1 
HETATM 578 N  N9    . APR B 2 .  ? 17.025  3.864   -15.521 1.00 66.55  ? 101 APR B N9    1 
HETATM 579 C  "C1'" . APR B 2 .  ? 16.022  2.785   -15.319 1.00 64.79  ? 101 APR B "C1'" 1 
HETATM 580 C  "C2'" . APR B 2 .  ? 16.147  2.087   -13.941 1.00 70.11  ? 101 APR B "C2'" 1 
HETATM 581 O  "O2'" . APR B 2 .  ? 17.240  1.257   -13.981 1.00 78.66  ? 101 APR B "O2'" 1 
HETATM 582 C  "C3'" . APR B 2 .  ? 14.864  1.305   -13.896 1.00 71.80  ? 101 APR B "C3'" 1 
HETATM 583 O  "O3'" . APR B 2 .  ? 15.126  -0.145  -14.120 1.00 79.04  ? 101 APR B "O3'" 1 
HETATM 584 O  "O4'" . APR B 2 .  ? 14.772  3.158   -15.368 1.00 56.33  ? 101 APR B "O4'" 1 
HETATM 585 C  "C4'" . APR B 2 .  ? 14.098  1.768   -14.888 1.00 71.25  ? 101 APR B "C4'" 1 
HETATM 586 C  "C5'" . APR B 2 .  ? 12.668  1.807   -14.328 1.00 76.48  ? 101 APR B "C5'" 1 
HETATM 587 O  "O5'" . APR B 2 .  ? 12.448  0.529   -13.679 1.00 87.56  ? 101 APR B "O5'" 1 
HETATM 588 P  PA    . APR B 2 .  ? 11.665  0.347   -12.166 1.00 111.76 ? 101 APR B PA    1 
HETATM 589 O  O1A   . APR B 2 .  ? 10.164  0.112   -12.358 1.00 95.52  ? 101 APR B O1A   1 
HETATM 590 O  O2A   . APR B 2 .  ? 12.253  -0.809  -11.356 1.00 96.75  ? 101 APR B O2A   1 
HETATM 591 O  O3A   . APR B 2 .  ? 11.756  1.815   -11.352 1.00 98.84  ? 101 APR B O3A   1 
HETATM 592 P  PB    . APR B 2 .  ? 12.677  2.072   -10.035 1.00 99.96  ? 101 APR B PB    1 
HETATM 593 O  O1B   . APR B 2 .  ? 13.531  3.263   -10.297 1.00 91.86  ? 101 APR B O1B   1 
HETATM 594 O  O2B   . APR B 2 .  ? 13.507  0.868   -9.715  1.00 97.65  ? 101 APR B O2B   1 
HETATM 595 O  O5D   . APR B 2 .  ? 11.587  2.372   -8.788  1.00 94.96  ? 101 APR B O5D   1 
HETATM 596 C  C5D   . APR B 2 .  ? 10.520  1.452   -8.591  1.00 86.84  ? 101 APR B C5D   1 
HETATM 597 O  O4D   . APR B 2 .  ? 10.297  0.349   -6.539  1.00 80.71  ? 101 APR B O4D   1 
HETATM 598 C  C1D   . APR B 2 .  ? 10.508  0.603   -5.128  1.00 70.23  ? 101 APR B C1D   1 
HETATM 599 O  O2D   . APR B 2 .  ? 10.799  2.615   -4.024  1.00 72.34  ? 101 APR B O2D   1 
HETATM 600 C  C2D   . APR B 2 .  ? 11.294  1.696   -5.042  1.00 73.31  ? 101 APR B C2D   1 
HETATM 601 O  O3D   . APR B 2 .  ? 10.453  3.586   -6.046  1.00 70.65  ? 101 APR B O3D   1 
HETATM 602 C  C3D   . APR B 2 .  ? 11.107  2.436   -6.333  1.00 72.69  ? 101 APR B C3D   1 
HETATM 603 C  C4D   . APR B 2 .  ? 10.117  1.493   -7.118  1.00 79.39  ? 101 APR B C4D   1 
HETATM 604 ZN ZN    . ZN  C 3 .  ? -10.102 -4.768  4.292   1.00 53.50  ? 102 ZN  B ZN    1 
HETATM 605 MG MG    . MG  D 4 .  ? -0.316  9.936   13.287  1.00 39.39  ? 103 MG  B MG    1 
HETATM 606 MG MG    . MG  E 4 .  ? -2.235  8.607   8.884   1.00 69.60  ? 104 MG  B MG    1 
HETATM 607 O  O     . HOH F 5 .  ? 2.485   10.530  14.531  1.00 54.90  ? 201 HOH B O     1 
HETATM 608 O  O     . HOH F 5 .  ? 0.189   -4.815  14.760  1.00 59.60  ? 202 HOH B O     1 
HETATM 609 O  O     . HOH F 5 .  ? 0.720   11.562  13.630  1.00 57.45  ? 203 HOH B O     1 
HETATM 610 O  O     . HOH F 5 .  ? -10.939 -3.597  2.694   1.00 44.72  ? 204 HOH B O     1 
HETATM 611 O  O     . HOH F 5 .  ? -2.206  1.627   -13.524 1.00 49.20  ? 205 HOH B O     1 
HETATM 612 O  O     . HOH F 5 .  ? -6.611  -8.399  4.704   1.00 55.52  ? 206 HOH B O     1 
HETATM 613 O  O     . HOH F 5 .  ? -2.449  -3.053  -10.688 1.00 48.26  ? 207 HOH B O     1 
HETATM 614 O  O     . HOH F 5 .  ? -2.077  9.726   12.005  1.00 63.88  ? 208 HOH B O     1 
HETATM 615 O  O     . HOH F 5 .  ? -3.699  -7.086  0.458   1.00 48.39  ? 209 HOH B O     1 
HETATM 616 O  O     . HOH F 5 .  ? -10.248 -3.563  8.156   1.00 47.69  ? 210 HOH B O     1 
HETATM 617 O  O     . HOH F 5 .  ? -10.882 -6.392  3.179   1.00 39.90  ? 211 HOH B O     1 
HETATM 618 O  O     . HOH F 5 .  ? -6.097  -8.796  8.428   1.00 61.50  ? 212 HOH B O     1 
HETATM 619 O  O     . HOH F 5 .  ? -13.914 4.263   1.756   1.00 54.15  ? 213 HOH B O     1 
HETATM 620 O  O     . HOH F 5 .  ? -4.278  9.574   -0.045  1.00 54.11  ? 214 HOH B O     1 
HETATM 621 O  O     . HOH F 5 .  ? -7.931  -0.078  10.054  1.00 41.32  ? 215 HOH B O     1 
HETATM 622 O  O     . HOH F 5 .  ? 11.017  -1.776  -2.268  1.00 61.11  ? 216 HOH B O     1 
HETATM 623 O  O     . HOH F 5 .  ? -4.507  2.160   -11.445 1.00 61.93  ? 217 HOH B O     1 
HETATM 624 O  O     . HOH F 5 .  ? -1.467  9.778   0.702   1.00 42.41  ? 218 HOH B O     1 
HETATM 625 O  O     . HOH F 5 .  ? 13.882  4.194   -19.275 1.00 56.74  ? 219 HOH B O     1 
HETATM 626 O  O     . HOH F 5 .  ? -0.203  10.213  7.893   1.00 56.40  ? 220 HOH B O     1 
# 
